data_1QWE
# 
_entry.id   1QWE 
# 
_audit_conform.dict_name       mmcif_pdbx.dic 
_audit_conform.dict_version    5.392 
_audit_conform.dict_location   http://mmcif.pdb.org/dictionaries/ascii/mmcif_pdbx.dic 
# 
loop_
_database_2.database_id 
_database_2.database_code 
_database_2.pdbx_database_accession 
_database_2.pdbx_DOI 
PDB   1QWE         pdb_00001qwe 10.2210/pdb1qwe/pdb 
WWPDB D_1000175944 ?            ?                   
# 
loop_
_pdbx_audit_revision_history.ordinal 
_pdbx_audit_revision_history.data_content_type 
_pdbx_audit_revision_history.major_revision 
_pdbx_audit_revision_history.minor_revision 
_pdbx_audit_revision_history.revision_date 
1 'Structure model' 1 0 1996-03-08 
2 'Structure model' 1 1 2008-03-24 
3 'Structure model' 1 2 2011-07-13 
4 'Structure model' 1 3 2022-03-02 
5 'Structure model' 1 4 2024-05-22 
# 
_pdbx_audit_revision_details.ordinal             1 
_pdbx_audit_revision_details.revision_ordinal    1 
_pdbx_audit_revision_details.data_content_type   'Structure model' 
_pdbx_audit_revision_details.provider            repository 
_pdbx_audit_revision_details.type                'Initial release' 
_pdbx_audit_revision_details.description         ? 
_pdbx_audit_revision_details.details             ? 
# 
loop_
_pdbx_audit_revision_group.ordinal 
_pdbx_audit_revision_group.revision_ordinal 
_pdbx_audit_revision_group.data_content_type 
_pdbx_audit_revision_group.group 
1 2 'Structure model' 'Version format compliance' 
2 3 'Structure model' 'Version format compliance' 
3 4 'Structure model' 'Database references'       
4 4 'Structure model' 'Derived calculations'      
5 4 'Structure model' Other                       
6 5 'Structure model' 'Data collection'           
# 
loop_
_pdbx_audit_revision_category.ordinal 
_pdbx_audit_revision_category.revision_ordinal 
_pdbx_audit_revision_category.data_content_type 
_pdbx_audit_revision_category.category 
1 4 'Structure model' database_2            
2 4 'Structure model' pdbx_database_status  
3 4 'Structure model' pdbx_struct_assembly  
4 4 'Structure model' pdbx_struct_oper_list 
5 4 'Structure model' struct_ref_seq_dif    
6 5 'Structure model' chem_comp_atom        
7 5 'Structure model' chem_comp_bond        
# 
loop_
_pdbx_audit_revision_item.ordinal 
_pdbx_audit_revision_item.revision_ordinal 
_pdbx_audit_revision_item.data_content_type 
_pdbx_audit_revision_item.item 
1 4 'Structure model' '_database_2.pdbx_DOI'                
2 4 'Structure model' '_database_2.pdbx_database_accession' 
3 4 'Structure model' '_pdbx_database_status.process_site'  
4 4 'Structure model' '_struct_ref_seq_dif.details'         
# 
_pdbx_database_status.status_code                     REL 
_pdbx_database_status.entry_id                        1QWE 
_pdbx_database_status.recvd_initial_deposition_date   1995-11-09 
_pdbx_database_status.deposit_site                    ? 
_pdbx_database_status.process_site                    BNL 
_pdbx_database_status.SG_entry                        . 
_pdbx_database_status.pdb_format_compatible           Y 
_pdbx_database_status.status_code_mr                  ? 
_pdbx_database_status.status_code_sf                  ? 
_pdbx_database_status.status_code_cs                  ? 
_pdbx_database_status.status_code_nmr_data            ? 
_pdbx_database_status.methods_development_category    ? 
# 
loop_
_audit_author.name 
_audit_author.pdbx_ordinal 
'Feng, S.'        1 
'Chiyoshi, K.'    2 
'Rickles, R.J.'   3 
'Schreiber, S.L.' 4 
# 
loop_
_citation.id 
_citation.title 
_citation.journal_abbrev 
_citation.journal_volume 
_citation.page_first 
_citation.page_last 
_citation.year 
_citation.journal_id_ASTM 
_citation.country 
_citation.journal_id_ISSN 
_citation.journal_id_CSD 
_citation.book_publisher 
_citation.pdbx_database_id_PubMed 
_citation.pdbx_database_id_DOI 
primary 'Specific interactions outside the proline-rich core of two classes of Src homology 3 ligands.'                           
Proc.Natl.Acad.Sci.USA  92  12408 12415 1995 PNASA6 US 0027-8424 0040 ? 8618911 10.1073/pnas.92.26.12408 
1       'Structural Basis for the Binding of Proline-Rich Peptides to SH3 Domains'                                                
'Cell(Cambridge,Mass.)' 76  933   ?     1994 CELLB5 US 0092-8674 0998 ? ?       ?                        
2       'Two Binding Orientations for Peptides to the Src SH3 Domain: Development of a General Model for SH3-Ligand Interactions' 
Science                 266 1241  ?     1994 SCIEAS US 0036-8075 0038 ? ?       ?                        
3       'Solution Structure of the SH3 Domain of Src and Identification of its Ligand-Binding Site'                               
Science                 258 1665  ?     1992 SCIEAS US 0036-8075 0038 ? ?       ?                        
# 
loop_
_citation_author.citation_id 
_citation_author.name 
_citation_author.ordinal 
_citation_author.identifier_ORCID 
primary 'Feng, S.'         1  ? 
primary 'Kasahara, C.'     2  ? 
primary 'Rickles, R.J.'    3  ? 
primary 'Schreiber, S.L.'  4  ? 
1       'Yu, H.'           5  ? 
1       'Chen, J.K.'       6  ? 
1       'Feng, S.'         7  ? 
1       'Dalgarno, D.C.'   8  ? 
1       'Brauer, A.W.'     9  ? 
1       'Schreiber, S.L.'  10 ? 
2       'Feng, S.'         11 ? 
2       'Chen, J.K.'       12 ? 
2       'Yu, H.'           13 ? 
2       'Simon, J.A.'      14 ? 
2       'Schreiber, S.L.'  15 ? 
3       'Yu, H.'           16 ? 
3       'Rosen, M.K.'      17 ? 
3       'Shin, T.B.'       18 ? 
3       'Seidel-Dugan, C.' 19 ? 
3       'Brugge, J.S.'     20 ? 
3       'Schreiber, S.L.'  21 ? 
# 
loop_
_entity.id 
_entity.type 
_entity.src_method 
_entity.pdbx_description 
_entity.formula_weight 
_entity.pdbx_number_of_molecules 
_entity.pdbx_ec 
_entity.pdbx_mutation 
_entity.pdbx_fragment 
_entity.details 
1 polymer man 'TYROSINE-PROTEIN KINASE TRANSFORMING PROTEIN SRC' 7104.749 1 2.7.1.112 ? 'SH3 DOMAIN' ? 
2 polymer man ALA-PRO-PRO-LEU-PRO-PRO-ARG-ASN-ARG-PRO-ARG-LEU    1386.667 1 ?         ? ?            ? 
# 
loop_
_entity_name_com.entity_id 
_entity_name_com.name 
1 P60-SRC 
2 APP12   
# 
loop_
_entity_poly.entity_id 
_entity_poly.type 
_entity_poly.nstd_linkage 
_entity_poly.nstd_monomer 
_entity_poly.pdbx_seq_one_letter_code 
_entity_poly.pdbx_seq_one_letter_code_can 
_entity_poly.pdbx_strand_id 
_entity_poly.pdbx_target_identifier 
1 'polypeptide(L)' no no GSHMGGVTTFVALYDYESRTETDLSFKKGERLQIVNNTEGDWWLAHSLTTGQTGYIPSNYVAPS 
GSHMGGVTTFVALYDYESRTETDLSFKKGERLQIVNNTEGDWWLAHSLTTGQTGYIPSNYVAPS A ? 
2 'polypeptide(L)' no no APPLPPRNRPRL                                                     APPLPPRNRPRL B ? 
# 
loop_
_entity_poly_seq.entity_id 
_entity_poly_seq.num 
_entity_poly_seq.mon_id 
_entity_poly_seq.hetero 
1 1  GLY n 
1 2  SER n 
1 3  HIS n 
1 4  MET n 
1 5  GLY n 
1 6  GLY n 
1 7  VAL n 
1 8  THR n 
1 9  THR n 
1 10 PHE n 
1 11 VAL n 
1 12 ALA n 
1 13 LEU n 
1 14 TYR n 
1 15 ASP n 
1 16 TYR n 
1 17 GLU n 
1 18 SER n 
1 19 ARG n 
1 20 THR n 
1 21 GLU n 
1 22 THR n 
1 23 ASP n 
1 24 LEU n 
1 25 SER n 
1 26 PHE n 
1 27 LYS n 
1 28 LYS n 
1 29 GLY n 
1 30 GLU n 
1 31 ARG n 
1 32 LEU n 
1 33 GLN n 
1 34 ILE n 
1 35 VAL n 
1 36 ASN n 
1 37 ASN n 
1 38 THR n 
1 39 GLU n 
1 40 GLY n 
1 41 ASP n 
1 42 TRP n 
1 43 TRP n 
1 44 LEU n 
1 45 ALA n 
1 46 HIS n 
1 47 SER n 
1 48 LEU n 
1 49 THR n 
1 50 THR n 
1 51 GLY n 
1 52 GLN n 
1 53 THR n 
1 54 GLY n 
1 55 TYR n 
1 56 ILE n 
1 57 PRO n 
1 58 SER n 
1 59 ASN n 
1 60 TYR n 
1 61 VAL n 
1 62 ALA n 
1 63 PRO n 
1 64 SER n 
2 1  ALA n 
2 2  PRO n 
2 3  PRO n 
2 4  LEU n 
2 5  PRO n 
2 6  PRO n 
2 7  ARG n 
2 8  ASN n 
2 9  ARG n 
2 10 PRO n 
2 11 ARG n 
2 12 LEU n 
# 
_entity_src_gen.entity_id                          1 
_entity_src_gen.pdbx_src_id                        1 
_entity_src_gen.pdbx_alt_source_flag               sample 
_entity_src_gen.pdbx_seq_type                      ? 
_entity_src_gen.pdbx_beg_seq_num                   ? 
_entity_src_gen.pdbx_end_seq_num                   ? 
_entity_src_gen.gene_src_common_name               ? 
_entity_src_gen.gene_src_genus                     Alpharetrovirus 
_entity_src_gen.pdbx_gene_src_gene                 CHICKEN 
_entity_src_gen.gene_src_species                   ? 
_entity_src_gen.gene_src_strain                    ? 
_entity_src_gen.gene_src_tissue                    ? 
_entity_src_gen.gene_src_tissue_fraction           ? 
_entity_src_gen.gene_src_details                   ? 
_entity_src_gen.pdbx_gene_src_fragment             ? 
_entity_src_gen.pdbx_gene_src_scientific_name      'Avian sarcoma virus' 
_entity_src_gen.pdbx_gene_src_ncbi_taxonomy_id     11876 
_entity_src_gen.pdbx_gene_src_variant              ? 
_entity_src_gen.pdbx_gene_src_cell_line            ? 
_entity_src_gen.pdbx_gene_src_atcc                 ? 
_entity_src_gen.pdbx_gene_src_organ                ? 
_entity_src_gen.pdbx_gene_src_organelle            ? 
_entity_src_gen.pdbx_gene_src_cell                 ? 
_entity_src_gen.pdbx_gene_src_cellular_location    ? 
_entity_src_gen.host_org_common_name               ? 
_entity_src_gen.pdbx_host_org_scientific_name      'Escherichia coli' 
_entity_src_gen.pdbx_host_org_ncbi_taxonomy_id     562 
_entity_src_gen.host_org_genus                     Escherichia 
_entity_src_gen.pdbx_host_org_gene                 CHICKEN 
_entity_src_gen.pdbx_host_org_organ                ? 
_entity_src_gen.host_org_species                   ? 
_entity_src_gen.pdbx_host_org_tissue               ? 
_entity_src_gen.pdbx_host_org_tissue_fraction      ? 
_entity_src_gen.pdbx_host_org_strain               ? 
_entity_src_gen.pdbx_host_org_variant              ? 
_entity_src_gen.pdbx_host_org_cell_line            ? 
_entity_src_gen.pdbx_host_org_atcc                 ? 
_entity_src_gen.pdbx_host_org_culture_collection   ? 
_entity_src_gen.pdbx_host_org_cell                 ? 
_entity_src_gen.pdbx_host_org_organelle            ? 
_entity_src_gen.pdbx_host_org_cellular_location    ? 
_entity_src_gen.pdbx_host_org_vector_type          ? 
_entity_src_gen.pdbx_host_org_vector               ? 
_entity_src_gen.host_org_details                   ? 
_entity_src_gen.expression_system_id               ? 
_entity_src_gen.plasmid_name                       PGEX-2T 
_entity_src_gen.plasmid_details                    ? 
_entity_src_gen.pdbx_description                   GST-FUSION 
# 
loop_
_chem_comp.id 
_chem_comp.type 
_chem_comp.mon_nstd_flag 
_chem_comp.name 
_chem_comp.pdbx_synonyms 
_chem_comp.formula 
_chem_comp.formula_weight 
ALA 'L-peptide linking' y ALANINE         ? 'C3 H7 N O2'     89.093  
ARG 'L-peptide linking' y ARGININE        ? 'C6 H15 N4 O2 1' 175.209 
ASN 'L-peptide linking' y ASPARAGINE      ? 'C4 H8 N2 O3'    132.118 
ASP 'L-peptide linking' y 'ASPARTIC ACID' ? 'C4 H7 N O4'     133.103 
GLN 'L-peptide linking' y GLUTAMINE       ? 'C5 H10 N2 O3'   146.144 
GLU 'L-peptide linking' y 'GLUTAMIC ACID' ? 'C5 H9 N O4'     147.129 
GLY 'peptide linking'   y GLYCINE         ? 'C2 H5 N O2'     75.067  
HIS 'L-peptide linking' y HISTIDINE       ? 'C6 H10 N3 O2 1' 156.162 
ILE 'L-peptide linking' y ISOLEUCINE      ? 'C6 H13 N O2'    131.173 
LEU 'L-peptide linking' y LEUCINE         ? 'C6 H13 N O2'    131.173 
LYS 'L-peptide linking' y LYSINE          ? 'C6 H15 N2 O2 1' 147.195 
MET 'L-peptide linking' y METHIONINE      ? 'C5 H11 N O2 S'  149.211 
PHE 'L-peptide linking' y PHENYLALANINE   ? 'C9 H11 N O2'    165.189 
PRO 'L-peptide linking' y PROLINE         ? 'C5 H9 N O2'     115.130 
SER 'L-peptide linking' y SERINE          ? 'C3 H7 N O3'     105.093 
THR 'L-peptide linking' y THREONINE       ? 'C4 H9 N O3'     119.119 
TRP 'L-peptide linking' y TRYPTOPHAN      ? 'C11 H12 N2 O2'  204.225 
TYR 'L-peptide linking' y TYROSINE        ? 'C9 H11 N O3'    181.189 
VAL 'L-peptide linking' y VALINE          ? 'C5 H11 N O2'    117.146 
# 
loop_
_pdbx_poly_seq_scheme.asym_id 
_pdbx_poly_seq_scheme.entity_id 
_pdbx_poly_seq_scheme.seq_id 
_pdbx_poly_seq_scheme.mon_id 
_pdbx_poly_seq_scheme.ndb_seq_num 
_pdbx_poly_seq_scheme.pdb_seq_num 
_pdbx_poly_seq_scheme.auth_seq_num 
_pdbx_poly_seq_scheme.pdb_mon_id 
_pdbx_poly_seq_scheme.auth_mon_id 
_pdbx_poly_seq_scheme.pdb_strand_id 
_pdbx_poly_seq_scheme.pdb_ins_code 
_pdbx_poly_seq_scheme.hetero 
A 1 1  GLY 1  1  ?  ?   ?   A . n 
A 1 2  SER 2  2  ?  ?   ?   A . n 
A 1 3  HIS 3  3  ?  ?   ?   A . n 
A 1 4  MET 4  4  ?  ?   ?   A . n 
A 1 5  GLY 5  5  ?  ?   ?   A . n 
A 1 6  GLY 6  6  ?  ?   ?   A . n 
A 1 7  VAL 7  7  ?  ?   ?   A . n 
A 1 8  THR 8  8  ?  ?   ?   A . n 
A 1 9  THR 9  9  9  THR THR A . n 
A 1 10 PHE 10 10 10 PHE PHE A . n 
A 1 11 VAL 11 11 11 VAL VAL A . n 
A 1 12 ALA 12 12 12 ALA ALA A . n 
A 1 13 LEU 13 13 13 LEU LEU A . n 
A 1 14 TYR 14 14 14 TYR TYR A . n 
A 1 15 ASP 15 15 15 ASP ASP A . n 
A 1 16 TYR 16 16 16 TYR TYR A . n 
A 1 17 GLU 17 17 17 GLU GLU A . n 
A 1 18 SER 18 18 18 SER SER A . n 
A 1 19 ARG 19 19 19 ARG ARG A . n 
A 1 20 THR 20 20 20 THR THR A . n 
A 1 21 GLU 21 21 21 GLU GLU A . n 
A 1 22 THR 22 22 22 THR THR A . n 
A 1 23 ASP 23 23 23 ASP ASP A . n 
A 1 24 LEU 24 24 24 LEU LEU A . n 
A 1 25 SER 25 25 25 SER SER A . n 
A 1 26 PHE 26 26 26 PHE PHE A . n 
A 1 27 LYS 27 27 27 LYS LYS A . n 
A 1 28 LYS 28 28 28 LYS LYS A . n 
A 1 29 GLY 29 29 29 GLY GLY A . n 
A 1 30 GLU 30 30 30 GLU GLU A . n 
A 1 31 ARG 31 31 31 ARG ARG A . n 
A 1 32 LEU 32 32 32 LEU LEU A . n 
A 1 33 GLN 33 33 33 GLN GLN A . n 
A 1 34 ILE 34 34 34 ILE ILE A . n 
A 1 35 VAL 35 35 35 VAL VAL A . n 
A 1 36 ASN 36 36 36 ASN ASN A . n 
A 1 37 ASN 37 37 37 ASN ASN A . n 
A 1 38 THR 38 38 38 THR THR A . n 
A 1 39 GLU 39 39 39 GLU GLU A . n 
A 1 40 GLY 40 40 40 GLY GLY A . n 
A 1 41 ASP 41 41 41 ASP ASP A . n 
A 1 42 TRP 42 42 42 TRP TRP A . n 
A 1 43 TRP 43 43 43 TRP TRP A . n 
A 1 44 LEU 44 44 44 LEU LEU A . n 
A 1 45 ALA 45 45 45 ALA ALA A . n 
A 1 46 HIS 46 46 46 HIS HIS A . n 
A 1 47 SER 47 47 47 SER SER A . n 
A 1 48 LEU 48 48 48 LEU LEU A . n 
A 1 49 THR 49 49 49 THR THR A . n 
A 1 50 THR 50 50 50 THR THR A . n 
A 1 51 GLY 51 51 51 GLY GLY A . n 
A 1 52 GLN 52 52 52 GLN GLN A . n 
A 1 53 THR 53 53 53 THR THR A . n 
A 1 54 GLY 54 54 54 GLY GLY A . n 
A 1 55 TYR 55 55 55 TYR TYR A . n 
A 1 56 ILE 56 56 56 ILE ILE A . n 
A 1 57 PRO 57 57 57 PRO PRO A . n 
A 1 58 SER 58 58 58 SER SER A . n 
A 1 59 ASN 59 59 59 ASN ASN A . n 
A 1 60 TYR 60 60 60 TYR TYR A . n 
A 1 61 VAL 61 61 61 VAL VAL A . n 
A 1 62 ALA 62 62 62 ALA ALA A . n 
A 1 63 PRO 63 63 63 PRO PRO A . n 
A 1 64 SER 64 64 64 SER SER A . n 
B 2 1  ALA 1  71 71 ALA ALA B . n 
B 2 2  PRO 2  72 72 PRO PRO B . n 
B 2 3  PRO 3  73 73 PRO PRO B . n 
B 2 4  LEU 4  74 74 LEU LEU B . n 
B 2 5  PRO 5  75 75 PRO PRO B . n 
B 2 6  PRO 6  76 76 PRO PRO B . n 
B 2 7  ARG 7  77 77 ARG ARG B . n 
B 2 8  ASN 8  78 78 ASN ASN B . n 
B 2 9  ARG 9  79 79 ARG ARG B . n 
B 2 10 PRO 10 80 80 PRO PRO B . n 
B 2 11 ARG 11 81 81 ARG ARG B . n 
B 2 12 LEU 12 82 82 LEU LEU B . n 
# 
loop_
_software.name 
_software.classification 
_software.version 
_software.citation_id 
_software.pdbx_ordinal 
X-PLOR 'model building' 3.1 ? 1 
X-PLOR refinement       3.1 ? 2 
X-PLOR phasing          3.1 ? 3 
# 
_cell.entry_id           1QWE 
_cell.length_a           1.000 
_cell.length_b           1.000 
_cell.length_c           1.000 
_cell.angle_alpha        90.00 
_cell.angle_beta         90.00 
_cell.angle_gamma        90.00 
_cell.Z_PDB              1 
_cell.pdbx_unique_axis   ? 
# 
_symmetry.entry_id                         1QWE 
_symmetry.space_group_name_H-M             'P 1' 
_symmetry.pdbx_full_space_group_name_H-M   ? 
_symmetry.cell_setting                     ? 
_symmetry.Int_Tables_number                1 
# 
_exptl.entry_id          1QWE 
_exptl.method            'SOLUTION NMR' 
_exptl.crystals_number   ? 
# 
_struct.entry_id                  1QWE 
_struct.title                     'C-SRC SH3 DOMAIN COMPLEXED WITH LIGAND APP12' 
_struct.pdbx_model_details        ? 
_struct.pdbx_CASP_flag            ? 
_struct.pdbx_model_type_details   ? 
# 
_struct_keywords.entry_id        1QWE 
_struct_keywords.pdbx_keywords   'COMPLEX (SIGNAL TRANSDUCTION/PEPTIDE)' 
_struct_keywords.text            'SRC SH3 DOMAIN, CLASS II LIGAND COMPLEX, COMPLEX (SIGNAL TRANSDUCTION-PEPTIDE) COMPLEX' 
# 
loop_
_struct_asym.id 
_struct_asym.pdbx_blank_PDB_chainid_flag 
_struct_asym.pdbx_modified 
_struct_asym.entity_id 
_struct_asym.details 
A N N 1 ? 
B N N 2 ? 
# 
loop_
_struct_ref.id 
_struct_ref.db_name 
_struct_ref.db_code 
_struct_ref.entity_id 
_struct_ref.pdbx_db_accession 
_struct_ref.pdbx_align_begin 
_struct_ref.pdbx_seq_one_letter_code 
_struct_ref.pdbx_db_isoform 
1 UNP SRC_AVISR 1 P00525 1 
;MGSSKSKPKDPSQRRCSLEPPDSTHHGGFPASQTPNKTAAPDTHRTPSRSFGTVATEPKLFGGFNTSDTVTSPQRAGALA
GGVTTFVALYDYESRTETDLSFKKGERLQIVNNTEGDWWLAHSLTTGQTGYIPSNYVAPSDSIQAEEWYFGKITRRESER
LLLNPENPRGTFLVRESETTKGAYCLSVSDFDNAKGLNVKHYKIRKLDSGGFYITSRTQFSSLQQLVAYYSKHADGLCHR
LTNVCPTSKPQTQGLAKDAWEIPRESLRLEVKLGQGCFGEVWMGTWNGTTRVAIKTLKPGTMSPEAFLQEAQVMKKLRHE
KLVQLYAVVSEEPIYIVTEYMSKGSLLDFLKGEMGKYLRLPQLVDMAAQIASGMAYVERMNYVHRDLRAANILVGENLVC
KVADFGLARLIEDNEYTARQGAKFPIKWTAPEAALYGRFTIKSDVWSFGILLTELTTKGRVPYPGMGNGEVLDRVERGYR
MPCPPECPESLHDLMCQCWRRDPEERPTFEYLQAQLLPACVLEVAE
;
? 
2 PDB 1QWE      2 1QWE   ? ? ? 
# 
loop_
_struct_ref_seq.align_id 
_struct_ref_seq.ref_id 
_struct_ref_seq.pdbx_PDB_id_code 
_struct_ref_seq.pdbx_strand_id 
_struct_ref_seq.seq_align_beg 
_struct_ref_seq.pdbx_seq_align_beg_ins_code 
_struct_ref_seq.seq_align_end 
_struct_ref_seq.pdbx_seq_align_end_ins_code 
_struct_ref_seq.pdbx_db_accession 
_struct_ref_seq.db_align_beg 
_struct_ref_seq.pdbx_db_align_beg_ins_code 
_struct_ref_seq.db_align_end 
_struct_ref_seq.pdbx_db_align_end_ins_code 
_struct_ref_seq.pdbx_auth_seq_align_beg 
_struct_ref_seq.pdbx_auth_seq_align_end 
1 1 1QWE A 1 ? 64 ? P00525 77 ? 140 ? 1  64 
2 2 1QWE B 1 ? 12 ? 1QWE   71 ? 82  ? 71 82 
# 
loop_
_struct_ref_seq_dif.align_id 
_struct_ref_seq_dif.pdbx_pdb_id_code 
_struct_ref_seq_dif.mon_id 
_struct_ref_seq_dif.pdbx_pdb_strand_id 
_struct_ref_seq_dif.seq_num 
_struct_ref_seq_dif.pdbx_pdb_ins_code 
_struct_ref_seq_dif.pdbx_seq_db_name 
_struct_ref_seq_dif.pdbx_seq_db_accession_code 
_struct_ref_seq_dif.db_mon_id 
_struct_ref_seq_dif.pdbx_seq_db_seq_num 
_struct_ref_seq_dif.details 
_struct_ref_seq_dif.pdbx_auth_seq_num 
_struct_ref_seq_dif.pdbx_ordinal 
1 1QWE SER A 2 ? UNP P00525 ALA 78 conflict 2 1 
1 1QWE HIS A 3 ? UNP P00525 LEU 79 conflict 3 2 
1 1QWE MET A 4 ? UNP P00525 ALA 80 conflict 4 3 
# 
_pdbx_struct_assembly.id                   1 
_pdbx_struct_assembly.details              author_defined_assembly 
_pdbx_struct_assembly.method_details       ? 
_pdbx_struct_assembly.oligomeric_details   dimeric 
_pdbx_struct_assembly.oligomeric_count     2 
# 
_pdbx_struct_assembly_gen.assembly_id       1 
_pdbx_struct_assembly_gen.oper_expression   1 
_pdbx_struct_assembly_gen.asym_id_list      A,B 
# 
_pdbx_struct_oper_list.id                   1 
_pdbx_struct_oper_list.type                 'identity operation' 
_pdbx_struct_oper_list.name                 1_555 
_pdbx_struct_oper_list.symmetry_operation   x,y,z 
_pdbx_struct_oper_list.matrix[1][1]         1.0000000000 
_pdbx_struct_oper_list.matrix[1][2]         0.0000000000 
_pdbx_struct_oper_list.matrix[1][3]         0.0000000000 
_pdbx_struct_oper_list.vector[1]            0.0000000000 
_pdbx_struct_oper_list.matrix[2][1]         0.0000000000 
_pdbx_struct_oper_list.matrix[2][2]         1.0000000000 
_pdbx_struct_oper_list.matrix[2][3]         0.0000000000 
_pdbx_struct_oper_list.vector[2]            0.0000000000 
_pdbx_struct_oper_list.matrix[3][1]         0.0000000000 
_pdbx_struct_oper_list.matrix[3][2]         0.0000000000 
_pdbx_struct_oper_list.matrix[3][3]         1.0000000000 
_pdbx_struct_oper_list.vector[3]            0.0000000000 
# 
_struct_biol.id   1 
# 
_struct_conf.conf_type_id            HELX_P 
_struct_conf.id                      HELX_P1 
_struct_conf.pdbx_PDB_helix_id       1 
_struct_conf.beg_label_comp_id       SER 
_struct_conf.beg_label_asym_id       A 
_struct_conf.beg_label_seq_id        58 
_struct_conf.pdbx_beg_PDB_ins_code   ? 
_struct_conf.end_label_comp_id       TYR 
_struct_conf.end_label_asym_id       A 
_struct_conf.end_label_seq_id        60 
_struct_conf.pdbx_end_PDB_ins_code   ? 
_struct_conf.beg_auth_comp_id        SER 
_struct_conf.beg_auth_asym_id        A 
_struct_conf.beg_auth_seq_id         58 
_struct_conf.end_auth_comp_id        TYR 
_struct_conf.end_auth_asym_id        A 
_struct_conf.end_auth_seq_id         60 
_struct_conf.pdbx_PDB_helix_class    5 
_struct_conf.details                 ? 
_struct_conf.pdbx_PDB_helix_length   3 
# 
_struct_conf_type.id          HELX_P 
_struct_conf_type.criteria    ? 
_struct_conf_type.reference   ? 
# 
_struct_sheet.id               A 
_struct_sheet.type             ? 
_struct_sheet.number_strands   5 
_struct_sheet.details          ? 
# 
loop_
_struct_sheet_order.sheet_id 
_struct_sheet_order.range_id_1 
_struct_sheet_order.range_id_2 
_struct_sheet_order.offset 
_struct_sheet_order.sense 
A 1 2 ? anti-parallel 
A 2 3 ? anti-parallel 
A 3 4 ? anti-parallel 
A 4 5 ? anti-parallel 
# 
loop_
_struct_sheet_range.sheet_id 
_struct_sheet_range.id 
_struct_sheet_range.beg_label_comp_id 
_struct_sheet_range.beg_label_asym_id 
_struct_sheet_range.beg_label_seq_id 
_struct_sheet_range.pdbx_beg_PDB_ins_code 
_struct_sheet_range.end_label_comp_id 
_struct_sheet_range.end_label_asym_id 
_struct_sheet_range.end_label_seq_id 
_struct_sheet_range.pdbx_end_PDB_ins_code 
_struct_sheet_range.beg_auth_comp_id 
_struct_sheet_range.beg_auth_asym_id 
_struct_sheet_range.beg_auth_seq_id 
_struct_sheet_range.end_auth_comp_id 
_struct_sheet_range.end_auth_asym_id 
_struct_sheet_range.end_auth_seq_id 
A 1 VAL A 61 ? PRO A 63 ? VAL A 61 PRO A 63 
A 2 PHE A 10 ? ALA A 12 ? PHE A 10 ALA A 12 
A 3 GLU A 30 ? ASN A 36 ? GLU A 30 ASN A 36 
A 4 TRP A 42 ? SER A 47 ? TRP A 42 SER A 47 
A 5 GLN A 52 ? PRO A 57 ? GLN A 52 PRO A 57 
# 
loop_
_pdbx_struct_sheet_hbond.sheet_id 
_pdbx_struct_sheet_hbond.range_id_1 
_pdbx_struct_sheet_hbond.range_id_2 
_pdbx_struct_sheet_hbond.range_1_label_atom_id 
_pdbx_struct_sheet_hbond.range_1_label_comp_id 
_pdbx_struct_sheet_hbond.range_1_label_asym_id 
_pdbx_struct_sheet_hbond.range_1_label_seq_id 
_pdbx_struct_sheet_hbond.range_1_PDB_ins_code 
_pdbx_struct_sheet_hbond.range_1_auth_atom_id 
_pdbx_struct_sheet_hbond.range_1_auth_comp_id 
_pdbx_struct_sheet_hbond.range_1_auth_asym_id 
_pdbx_struct_sheet_hbond.range_1_auth_seq_id 
_pdbx_struct_sheet_hbond.range_2_label_atom_id 
_pdbx_struct_sheet_hbond.range_2_label_comp_id 
_pdbx_struct_sheet_hbond.range_2_label_asym_id 
_pdbx_struct_sheet_hbond.range_2_label_seq_id 
_pdbx_struct_sheet_hbond.range_2_PDB_ins_code 
_pdbx_struct_sheet_hbond.range_2_auth_atom_id 
_pdbx_struct_sheet_hbond.range_2_auth_comp_id 
_pdbx_struct_sheet_hbond.range_2_auth_asym_id 
_pdbx_struct_sheet_hbond.range_2_auth_seq_id 
A 1 2 O ALA A 62 ? O ALA A 62 N VAL A 11 ? N VAL A 11 
A 2 3 O PHE A 10 ? O PHE A 10 N LEU A 32 ? N LEU A 32 
A 3 4 O GLN A 33 ? O GLN A 33 N HIS A 46 ? N HIS A 46 
A 4 5 O TRP A 43 ? O TRP A 43 N ILE A 56 ? N ILE A 56 
# 
loop_
_pdbx_validate_torsion.id 
_pdbx_validate_torsion.PDB_model_num 
_pdbx_validate_torsion.auth_comp_id 
_pdbx_validate_torsion.auth_asym_id 
_pdbx_validate_torsion.auth_seq_id 
_pdbx_validate_torsion.PDB_ins_code 
_pdbx_validate_torsion.label_alt_id 
_pdbx_validate_torsion.phi 
_pdbx_validate_torsion.psi 
1 1 VAL A 35 ? ? -125.24 -75.41 
2 1 TYR A 55 ? ? -47.42  174.32 
3 1 ASN B 78 ? ? 28.85   -92.15 
4 1 ARG B 81 ? ? 37.10   -87.12 
# 
_pdbx_nmr_ensemble.entry_id                             1QWE 
_pdbx_nmr_ensemble.conformers_calculated_total_number   ? 
_pdbx_nmr_ensemble.conformers_submitted_total_number    1 
_pdbx_nmr_ensemble.conformer_selection_criteria         ? 
# 
_pdbx_nmr_software.classification   refinement 
_pdbx_nmr_software.name             X-PLOR 
_pdbx_nmr_software.version          3.1 
_pdbx_nmr_software.authors          BRUNGER 
_pdbx_nmr_software.ordinal          1 
# 
loop_
_pdbx_unobs_or_zero_occ_residues.id 
_pdbx_unobs_or_zero_occ_residues.PDB_model_num 
_pdbx_unobs_or_zero_occ_residues.polymer_flag 
_pdbx_unobs_or_zero_occ_residues.occupancy_flag 
_pdbx_unobs_or_zero_occ_residues.auth_asym_id 
_pdbx_unobs_or_zero_occ_residues.auth_comp_id 
_pdbx_unobs_or_zero_occ_residues.auth_seq_id 
_pdbx_unobs_or_zero_occ_residues.PDB_ins_code 
_pdbx_unobs_or_zero_occ_residues.label_asym_id 
_pdbx_unobs_or_zero_occ_residues.label_comp_id 
_pdbx_unobs_or_zero_occ_residues.label_seq_id 
1 1 Y 1 A GLY 1 ? A GLY 1 
2 1 Y 1 A SER 2 ? A SER 2 
3 1 Y 1 A HIS 3 ? A HIS 3 
4 1 Y 1 A MET 4 ? A MET 4 
5 1 Y 1 A GLY 5 ? A GLY 5 
6 1 Y 1 A GLY 6 ? A GLY 6 
7 1 Y 1 A VAL 7 ? A VAL 7 
8 1 Y 1 A THR 8 ? A THR 8 
# 
loop_
_chem_comp_atom.comp_id 
_chem_comp_atom.atom_id 
_chem_comp_atom.type_symbol 
_chem_comp_atom.pdbx_aromatic_flag 
_chem_comp_atom.pdbx_stereo_config 
_chem_comp_atom.pdbx_ordinal 
ALA N    N N N 1   
ALA CA   C N S 2   
ALA C    C N N 3   
ALA O    O N N 4   
ALA CB   C N N 5   
ALA OXT  O N N 6   
ALA H    H N N 7   
ALA H2   H N N 8   
ALA HA   H N N 9   
ALA HB1  H N N 10  
ALA HB2  H N N 11  
ALA HB3  H N N 12  
ALA HXT  H N N 13  
ARG N    N N N 14  
ARG CA   C N S 15  
ARG C    C N N 16  
ARG O    O N N 17  
ARG CB   C N N 18  
ARG CG   C N N 19  
ARG CD   C N N 20  
ARG NE   N N N 21  
ARG CZ   C N N 22  
ARG NH1  N N N 23  
ARG NH2  N N N 24  
ARG OXT  O N N 25  
ARG H    H N N 26  
ARG H2   H N N 27  
ARG HA   H N N 28  
ARG HB2  H N N 29  
ARG HB3  H N N 30  
ARG HG2  H N N 31  
ARG HG3  H N N 32  
ARG HD2  H N N 33  
ARG HD3  H N N 34  
ARG HE   H N N 35  
ARG HH11 H N N 36  
ARG HH12 H N N 37  
ARG HH21 H N N 38  
ARG HH22 H N N 39  
ARG HXT  H N N 40  
ASN N    N N N 41  
ASN CA   C N S 42  
ASN C    C N N 43  
ASN O    O N N 44  
ASN CB   C N N 45  
ASN CG   C N N 46  
ASN OD1  O N N 47  
ASN ND2  N N N 48  
ASN OXT  O N N 49  
ASN H    H N N 50  
ASN H2   H N N 51  
ASN HA   H N N 52  
ASN HB2  H N N 53  
ASN HB3  H N N 54  
ASN HD21 H N N 55  
ASN HD22 H N N 56  
ASN HXT  H N N 57  
ASP N    N N N 58  
ASP CA   C N S 59  
ASP C    C N N 60  
ASP O    O N N 61  
ASP CB   C N N 62  
ASP CG   C N N 63  
ASP OD1  O N N 64  
ASP OD2  O N N 65  
ASP OXT  O N N 66  
ASP H    H N N 67  
ASP H2   H N N 68  
ASP HA   H N N 69  
ASP HB2  H N N 70  
ASP HB3  H N N 71  
ASP HD2  H N N 72  
ASP HXT  H N N 73  
GLN N    N N N 74  
GLN CA   C N S 75  
GLN C    C N N 76  
GLN O    O N N 77  
GLN CB   C N N 78  
GLN CG   C N N 79  
GLN CD   C N N 80  
GLN OE1  O N N 81  
GLN NE2  N N N 82  
GLN OXT  O N N 83  
GLN H    H N N 84  
GLN H2   H N N 85  
GLN HA   H N N 86  
GLN HB2  H N N 87  
GLN HB3  H N N 88  
GLN HG2  H N N 89  
GLN HG3  H N N 90  
GLN HE21 H N N 91  
GLN HE22 H N N 92  
GLN HXT  H N N 93  
GLU N    N N N 94  
GLU CA   C N S 95  
GLU C    C N N 96  
GLU O    O N N 97  
GLU CB   C N N 98  
GLU CG   C N N 99  
GLU CD   C N N 100 
GLU OE1  O N N 101 
GLU OE2  O N N 102 
GLU OXT  O N N 103 
GLU H    H N N 104 
GLU H2   H N N 105 
GLU HA   H N N 106 
GLU HB2  H N N 107 
GLU HB3  H N N 108 
GLU HG2  H N N 109 
GLU HG3  H N N 110 
GLU HE2  H N N 111 
GLU HXT  H N N 112 
GLY N    N N N 113 
GLY CA   C N N 114 
GLY C    C N N 115 
GLY O    O N N 116 
GLY OXT  O N N 117 
GLY H    H N N 118 
GLY H2   H N N 119 
GLY HA2  H N N 120 
GLY HA3  H N N 121 
GLY HXT  H N N 122 
HIS N    N N N 123 
HIS CA   C N S 124 
HIS C    C N N 125 
HIS O    O N N 126 
HIS CB   C N N 127 
HIS CG   C Y N 128 
HIS ND1  N Y N 129 
HIS CD2  C Y N 130 
HIS CE1  C Y N 131 
HIS NE2  N Y N 132 
HIS OXT  O N N 133 
HIS H    H N N 134 
HIS H2   H N N 135 
HIS HA   H N N 136 
HIS HB2  H N N 137 
HIS HB3  H N N 138 
HIS HD1  H N N 139 
HIS HD2  H N N 140 
HIS HE1  H N N 141 
HIS HE2  H N N 142 
HIS HXT  H N N 143 
ILE N    N N N 144 
ILE CA   C N S 145 
ILE C    C N N 146 
ILE O    O N N 147 
ILE CB   C N S 148 
ILE CG1  C N N 149 
ILE CG2  C N N 150 
ILE CD1  C N N 151 
ILE OXT  O N N 152 
ILE H    H N N 153 
ILE H2   H N N 154 
ILE HA   H N N 155 
ILE HB   H N N 156 
ILE HG12 H N N 157 
ILE HG13 H N N 158 
ILE HG21 H N N 159 
ILE HG22 H N N 160 
ILE HG23 H N N 161 
ILE HD11 H N N 162 
ILE HD12 H N N 163 
ILE HD13 H N N 164 
ILE HXT  H N N 165 
LEU N    N N N 166 
LEU CA   C N S 167 
LEU C    C N N 168 
LEU O    O N N 169 
LEU CB   C N N 170 
LEU CG   C N N 171 
LEU CD1  C N N 172 
LEU CD2  C N N 173 
LEU OXT  O N N 174 
LEU H    H N N 175 
LEU H2   H N N 176 
LEU HA   H N N 177 
LEU HB2  H N N 178 
LEU HB3  H N N 179 
LEU HG   H N N 180 
LEU HD11 H N N 181 
LEU HD12 H N N 182 
LEU HD13 H N N 183 
LEU HD21 H N N 184 
LEU HD22 H N N 185 
LEU HD23 H N N 186 
LEU HXT  H N N 187 
LYS N    N N N 188 
LYS CA   C N S 189 
LYS C    C N N 190 
LYS O    O N N 191 
LYS CB   C N N 192 
LYS CG   C N N 193 
LYS CD   C N N 194 
LYS CE   C N N 195 
LYS NZ   N N N 196 
LYS OXT  O N N 197 
LYS H    H N N 198 
LYS H2   H N N 199 
LYS HA   H N N 200 
LYS HB2  H N N 201 
LYS HB3  H N N 202 
LYS HG2  H N N 203 
LYS HG3  H N N 204 
LYS HD2  H N N 205 
LYS HD3  H N N 206 
LYS HE2  H N N 207 
LYS HE3  H N N 208 
LYS HZ1  H N N 209 
LYS HZ2  H N N 210 
LYS HZ3  H N N 211 
LYS HXT  H N N 212 
MET N    N N N 213 
MET CA   C N S 214 
MET C    C N N 215 
MET O    O N N 216 
MET CB   C N N 217 
MET CG   C N N 218 
MET SD   S N N 219 
MET CE   C N N 220 
MET OXT  O N N 221 
MET H    H N N 222 
MET H2   H N N 223 
MET HA   H N N 224 
MET HB2  H N N 225 
MET HB3  H N N 226 
MET HG2  H N N 227 
MET HG3  H N N 228 
MET HE1  H N N 229 
MET HE2  H N N 230 
MET HE3  H N N 231 
MET HXT  H N N 232 
PHE N    N N N 233 
PHE CA   C N S 234 
PHE C    C N N 235 
PHE O    O N N 236 
PHE CB   C N N 237 
PHE CG   C Y N 238 
PHE CD1  C Y N 239 
PHE CD2  C Y N 240 
PHE CE1  C Y N 241 
PHE CE2  C Y N 242 
PHE CZ   C Y N 243 
PHE OXT  O N N 244 
PHE H    H N N 245 
PHE H2   H N N 246 
PHE HA   H N N 247 
PHE HB2  H N N 248 
PHE HB3  H N N 249 
PHE HD1  H N N 250 
PHE HD2  H N N 251 
PHE HE1  H N N 252 
PHE HE2  H N N 253 
PHE HZ   H N N 254 
PHE HXT  H N N 255 
PRO N    N N N 256 
PRO CA   C N S 257 
PRO C    C N N 258 
PRO O    O N N 259 
PRO CB   C N N 260 
PRO CG   C N N 261 
PRO CD   C N N 262 
PRO OXT  O N N 263 
PRO H    H N N 264 
PRO HA   H N N 265 
PRO HB2  H N N 266 
PRO HB3  H N N 267 
PRO HG2  H N N 268 
PRO HG3  H N N 269 
PRO HD2  H N N 270 
PRO HD3  H N N 271 
PRO HXT  H N N 272 
SER N    N N N 273 
SER CA   C N S 274 
SER C    C N N 275 
SER O    O N N 276 
SER CB   C N N 277 
SER OG   O N N 278 
SER OXT  O N N 279 
SER H    H N N 280 
SER H2   H N N 281 
SER HA   H N N 282 
SER HB2  H N N 283 
SER HB3  H N N 284 
SER HG   H N N 285 
SER HXT  H N N 286 
THR N    N N N 287 
THR CA   C N S 288 
THR C    C N N 289 
THR O    O N N 290 
THR CB   C N R 291 
THR OG1  O N N 292 
THR CG2  C N N 293 
THR OXT  O N N 294 
THR H    H N N 295 
THR H2   H N N 296 
THR HA   H N N 297 
THR HB   H N N 298 
THR HG1  H N N 299 
THR HG21 H N N 300 
THR HG22 H N N 301 
THR HG23 H N N 302 
THR HXT  H N N 303 
TRP N    N N N 304 
TRP CA   C N S 305 
TRP C    C N N 306 
TRP O    O N N 307 
TRP CB   C N N 308 
TRP CG   C Y N 309 
TRP CD1  C Y N 310 
TRP CD2  C Y N 311 
TRP NE1  N Y N 312 
TRP CE2  C Y N 313 
TRP CE3  C Y N 314 
TRP CZ2  C Y N 315 
TRP CZ3  C Y N 316 
TRP CH2  C Y N 317 
TRP OXT  O N N 318 
TRP H    H N N 319 
TRP H2   H N N 320 
TRP HA   H N N 321 
TRP HB2  H N N 322 
TRP HB3  H N N 323 
TRP HD1  H N N 324 
TRP HE1  H N N 325 
TRP HE3  H N N 326 
TRP HZ2  H N N 327 
TRP HZ3  H N N 328 
TRP HH2  H N N 329 
TRP HXT  H N N 330 
TYR N    N N N 331 
TYR CA   C N S 332 
TYR C    C N N 333 
TYR O    O N N 334 
TYR CB   C N N 335 
TYR CG   C Y N 336 
TYR CD1  C Y N 337 
TYR CD2  C Y N 338 
TYR CE1  C Y N 339 
TYR CE2  C Y N 340 
TYR CZ   C Y N 341 
TYR OH   O N N 342 
TYR OXT  O N N 343 
TYR H    H N N 344 
TYR H2   H N N 345 
TYR HA   H N N 346 
TYR HB2  H N N 347 
TYR HB3  H N N 348 
TYR HD1  H N N 349 
TYR HD2  H N N 350 
TYR HE1  H N N 351 
TYR HE2  H N N 352 
TYR HH   H N N 353 
TYR HXT  H N N 354 
VAL N    N N N 355 
VAL CA   C N S 356 
VAL C    C N N 357 
VAL O    O N N 358 
VAL CB   C N N 359 
VAL CG1  C N N 360 
VAL CG2  C N N 361 
VAL OXT  O N N 362 
VAL H    H N N 363 
VAL H2   H N N 364 
VAL HA   H N N 365 
VAL HB   H N N 366 
VAL HG11 H N N 367 
VAL HG12 H N N 368 
VAL HG13 H N N 369 
VAL HG21 H N N 370 
VAL HG22 H N N 371 
VAL HG23 H N N 372 
VAL HXT  H N N 373 
# 
loop_
_chem_comp_bond.comp_id 
_chem_comp_bond.atom_id_1 
_chem_comp_bond.atom_id_2 
_chem_comp_bond.value_order 
_chem_comp_bond.pdbx_aromatic_flag 
_chem_comp_bond.pdbx_stereo_config 
_chem_comp_bond.pdbx_ordinal 
ALA N   CA   sing N N 1   
ALA N   H    sing N N 2   
ALA N   H2   sing N N 3   
ALA CA  C    sing N N 4   
ALA CA  CB   sing N N 5   
ALA CA  HA   sing N N 6   
ALA C   O    doub N N 7   
ALA C   OXT  sing N N 8   
ALA CB  HB1  sing N N 9   
ALA CB  HB2  sing N N 10  
ALA CB  HB3  sing N N 11  
ALA OXT HXT  sing N N 12  
ARG N   CA   sing N N 13  
ARG N   H    sing N N 14  
ARG N   H2   sing N N 15  
ARG CA  C    sing N N 16  
ARG CA  CB   sing N N 17  
ARG CA  HA   sing N N 18  
ARG C   O    doub N N 19  
ARG C   OXT  sing N N 20  
ARG CB  CG   sing N N 21  
ARG CB  HB2  sing N N 22  
ARG CB  HB3  sing N N 23  
ARG CG  CD   sing N N 24  
ARG CG  HG2  sing N N 25  
ARG CG  HG3  sing N N 26  
ARG CD  NE   sing N N 27  
ARG CD  HD2  sing N N 28  
ARG CD  HD3  sing N N 29  
ARG NE  CZ   sing N N 30  
ARG NE  HE   sing N N 31  
ARG CZ  NH1  sing N N 32  
ARG CZ  NH2  doub N N 33  
ARG NH1 HH11 sing N N 34  
ARG NH1 HH12 sing N N 35  
ARG NH2 HH21 sing N N 36  
ARG NH2 HH22 sing N N 37  
ARG OXT HXT  sing N N 38  
ASN N   CA   sing N N 39  
ASN N   H    sing N N 40  
ASN N   H2   sing N N 41  
ASN CA  C    sing N N 42  
ASN CA  CB   sing N N 43  
ASN CA  HA   sing N N 44  
ASN C   O    doub N N 45  
ASN C   OXT  sing N N 46  
ASN CB  CG   sing N N 47  
ASN CB  HB2  sing N N 48  
ASN CB  HB3  sing N N 49  
ASN CG  OD1  doub N N 50  
ASN CG  ND2  sing N N 51  
ASN ND2 HD21 sing N N 52  
ASN ND2 HD22 sing N N 53  
ASN OXT HXT  sing N N 54  
ASP N   CA   sing N N 55  
ASP N   H    sing N N 56  
ASP N   H2   sing N N 57  
ASP CA  C    sing N N 58  
ASP CA  CB   sing N N 59  
ASP CA  HA   sing N N 60  
ASP C   O    doub N N 61  
ASP C   OXT  sing N N 62  
ASP CB  CG   sing N N 63  
ASP CB  HB2  sing N N 64  
ASP CB  HB3  sing N N 65  
ASP CG  OD1  doub N N 66  
ASP CG  OD2  sing N N 67  
ASP OD2 HD2  sing N N 68  
ASP OXT HXT  sing N N 69  
GLN N   CA   sing N N 70  
GLN N   H    sing N N 71  
GLN N   H2   sing N N 72  
GLN CA  C    sing N N 73  
GLN CA  CB   sing N N 74  
GLN CA  HA   sing N N 75  
GLN C   O    doub N N 76  
GLN C   OXT  sing N N 77  
GLN CB  CG   sing N N 78  
GLN CB  HB2  sing N N 79  
GLN CB  HB3  sing N N 80  
GLN CG  CD   sing N N 81  
GLN CG  HG2  sing N N 82  
GLN CG  HG3  sing N N 83  
GLN CD  OE1  doub N N 84  
GLN CD  NE2  sing N N 85  
GLN NE2 HE21 sing N N 86  
GLN NE2 HE22 sing N N 87  
GLN OXT HXT  sing N N 88  
GLU N   CA   sing N N 89  
GLU N   H    sing N N 90  
GLU N   H2   sing N N 91  
GLU CA  C    sing N N 92  
GLU CA  CB   sing N N 93  
GLU CA  HA   sing N N 94  
GLU C   O    doub N N 95  
GLU C   OXT  sing N N 96  
GLU CB  CG   sing N N 97  
GLU CB  HB2  sing N N 98  
GLU CB  HB3  sing N N 99  
GLU CG  CD   sing N N 100 
GLU CG  HG2  sing N N 101 
GLU CG  HG3  sing N N 102 
GLU CD  OE1  doub N N 103 
GLU CD  OE2  sing N N 104 
GLU OE2 HE2  sing N N 105 
GLU OXT HXT  sing N N 106 
GLY N   CA   sing N N 107 
GLY N   H    sing N N 108 
GLY N   H2   sing N N 109 
GLY CA  C    sing N N 110 
GLY CA  HA2  sing N N 111 
GLY CA  HA3  sing N N 112 
GLY C   O    doub N N 113 
GLY C   OXT  sing N N 114 
GLY OXT HXT  sing N N 115 
HIS N   CA   sing N N 116 
HIS N   H    sing N N 117 
HIS N   H2   sing N N 118 
HIS CA  C    sing N N 119 
HIS CA  CB   sing N N 120 
HIS CA  HA   sing N N 121 
HIS C   O    doub N N 122 
HIS C   OXT  sing N N 123 
HIS CB  CG   sing N N 124 
HIS CB  HB2  sing N N 125 
HIS CB  HB3  sing N N 126 
HIS CG  ND1  sing Y N 127 
HIS CG  CD2  doub Y N 128 
HIS ND1 CE1  doub Y N 129 
HIS ND1 HD1  sing N N 130 
HIS CD2 NE2  sing Y N 131 
HIS CD2 HD2  sing N N 132 
HIS CE1 NE2  sing Y N 133 
HIS CE1 HE1  sing N N 134 
HIS NE2 HE2  sing N N 135 
HIS OXT HXT  sing N N 136 
ILE N   CA   sing N N 137 
ILE N   H    sing N N 138 
ILE N   H2   sing N N 139 
ILE CA  C    sing N N 140 
ILE CA  CB   sing N N 141 
ILE CA  HA   sing N N 142 
ILE C   O    doub N N 143 
ILE C   OXT  sing N N 144 
ILE CB  CG1  sing N N 145 
ILE CB  CG2  sing N N 146 
ILE CB  HB   sing N N 147 
ILE CG1 CD1  sing N N 148 
ILE CG1 HG12 sing N N 149 
ILE CG1 HG13 sing N N 150 
ILE CG2 HG21 sing N N 151 
ILE CG2 HG22 sing N N 152 
ILE CG2 HG23 sing N N 153 
ILE CD1 HD11 sing N N 154 
ILE CD1 HD12 sing N N 155 
ILE CD1 HD13 sing N N 156 
ILE OXT HXT  sing N N 157 
LEU N   CA   sing N N 158 
LEU N   H    sing N N 159 
LEU N   H2   sing N N 160 
LEU CA  C    sing N N 161 
LEU CA  CB   sing N N 162 
LEU CA  HA   sing N N 163 
LEU C   O    doub N N 164 
LEU C   OXT  sing N N 165 
LEU CB  CG   sing N N 166 
LEU CB  HB2  sing N N 167 
LEU CB  HB3  sing N N 168 
LEU CG  CD1  sing N N 169 
LEU CG  CD2  sing N N 170 
LEU CG  HG   sing N N 171 
LEU CD1 HD11 sing N N 172 
LEU CD1 HD12 sing N N 173 
LEU CD1 HD13 sing N N 174 
LEU CD2 HD21 sing N N 175 
LEU CD2 HD22 sing N N 176 
LEU CD2 HD23 sing N N 177 
LEU OXT HXT  sing N N 178 
LYS N   CA   sing N N 179 
LYS N   H    sing N N 180 
LYS N   H2   sing N N 181 
LYS CA  C    sing N N 182 
LYS CA  CB   sing N N 183 
LYS CA  HA   sing N N 184 
LYS C   O    doub N N 185 
LYS C   OXT  sing N N 186 
LYS CB  CG   sing N N 187 
LYS CB  HB2  sing N N 188 
LYS CB  HB3  sing N N 189 
LYS CG  CD   sing N N 190 
LYS CG  HG2  sing N N 191 
LYS CG  HG3  sing N N 192 
LYS CD  CE   sing N N 193 
LYS CD  HD2  sing N N 194 
LYS CD  HD3  sing N N 195 
LYS CE  NZ   sing N N 196 
LYS CE  HE2  sing N N 197 
LYS CE  HE3  sing N N 198 
LYS NZ  HZ1  sing N N 199 
LYS NZ  HZ2  sing N N 200 
LYS NZ  HZ3  sing N N 201 
LYS OXT HXT  sing N N 202 
MET N   CA   sing N N 203 
MET N   H    sing N N 204 
MET N   H2   sing N N 205 
MET CA  C    sing N N 206 
MET CA  CB   sing N N 207 
MET CA  HA   sing N N 208 
MET C   O    doub N N 209 
MET C   OXT  sing N N 210 
MET CB  CG   sing N N 211 
MET CB  HB2  sing N N 212 
MET CB  HB3  sing N N 213 
MET CG  SD   sing N N 214 
MET CG  HG2  sing N N 215 
MET CG  HG3  sing N N 216 
MET SD  CE   sing N N 217 
MET CE  HE1  sing N N 218 
MET CE  HE2  sing N N 219 
MET CE  HE3  sing N N 220 
MET OXT HXT  sing N N 221 
PHE N   CA   sing N N 222 
PHE N   H    sing N N 223 
PHE N   H2   sing N N 224 
PHE CA  C    sing N N 225 
PHE CA  CB   sing N N 226 
PHE CA  HA   sing N N 227 
PHE C   O    doub N N 228 
PHE C   OXT  sing N N 229 
PHE CB  CG   sing N N 230 
PHE CB  HB2  sing N N 231 
PHE CB  HB3  sing N N 232 
PHE CG  CD1  doub Y N 233 
PHE CG  CD2  sing Y N 234 
PHE CD1 CE1  sing Y N 235 
PHE CD1 HD1  sing N N 236 
PHE CD2 CE2  doub Y N 237 
PHE CD2 HD2  sing N N 238 
PHE CE1 CZ   doub Y N 239 
PHE CE1 HE1  sing N N 240 
PHE CE2 CZ   sing Y N 241 
PHE CE2 HE2  sing N N 242 
PHE CZ  HZ   sing N N 243 
PHE OXT HXT  sing N N 244 
PRO N   CA   sing N N 245 
PRO N   CD   sing N N 246 
PRO N   H    sing N N 247 
PRO CA  C    sing N N 248 
PRO CA  CB   sing N N 249 
PRO CA  HA   sing N N 250 
PRO C   O    doub N N 251 
PRO C   OXT  sing N N 252 
PRO CB  CG   sing N N 253 
PRO CB  HB2  sing N N 254 
PRO CB  HB3  sing N N 255 
PRO CG  CD   sing N N 256 
PRO CG  HG2  sing N N 257 
PRO CG  HG3  sing N N 258 
PRO CD  HD2  sing N N 259 
PRO CD  HD3  sing N N 260 
PRO OXT HXT  sing N N 261 
SER N   CA   sing N N 262 
SER N   H    sing N N 263 
SER N   H2   sing N N 264 
SER CA  C    sing N N 265 
SER CA  CB   sing N N 266 
SER CA  HA   sing N N 267 
SER C   O    doub N N 268 
SER C   OXT  sing N N 269 
SER CB  OG   sing N N 270 
SER CB  HB2  sing N N 271 
SER CB  HB3  sing N N 272 
SER OG  HG   sing N N 273 
SER OXT HXT  sing N N 274 
THR N   CA   sing N N 275 
THR N   H    sing N N 276 
THR N   H2   sing N N 277 
THR CA  C    sing N N 278 
THR CA  CB   sing N N 279 
THR CA  HA   sing N N 280 
THR C   O    doub N N 281 
THR C   OXT  sing N N 282 
THR CB  OG1  sing N N 283 
THR CB  CG2  sing N N 284 
THR CB  HB   sing N N 285 
THR OG1 HG1  sing N N 286 
THR CG2 HG21 sing N N 287 
THR CG2 HG22 sing N N 288 
THR CG2 HG23 sing N N 289 
THR OXT HXT  sing N N 290 
TRP N   CA   sing N N 291 
TRP N   H    sing N N 292 
TRP N   H2   sing N N 293 
TRP CA  C    sing N N 294 
TRP CA  CB   sing N N 295 
TRP CA  HA   sing N N 296 
TRP C   O    doub N N 297 
TRP C   OXT  sing N N 298 
TRP CB  CG   sing N N 299 
TRP CB  HB2  sing N N 300 
TRP CB  HB3  sing N N 301 
TRP CG  CD1  doub Y N 302 
TRP CG  CD2  sing Y N 303 
TRP CD1 NE1  sing Y N 304 
TRP CD1 HD1  sing N N 305 
TRP CD2 CE2  doub Y N 306 
TRP CD2 CE3  sing Y N 307 
TRP NE1 CE2  sing Y N 308 
TRP NE1 HE1  sing N N 309 
TRP CE2 CZ2  sing Y N 310 
TRP CE3 CZ3  doub Y N 311 
TRP CE3 HE3  sing N N 312 
TRP CZ2 CH2  doub Y N 313 
TRP CZ2 HZ2  sing N N 314 
TRP CZ3 CH2  sing Y N 315 
TRP CZ3 HZ3  sing N N 316 
TRP CH2 HH2  sing N N 317 
TRP OXT HXT  sing N N 318 
TYR N   CA   sing N N 319 
TYR N   H    sing N N 320 
TYR N   H2   sing N N 321 
TYR CA  C    sing N N 322 
TYR CA  CB   sing N N 323 
TYR CA  HA   sing N N 324 
TYR C   O    doub N N 325 
TYR C   OXT  sing N N 326 
TYR CB  CG   sing N N 327 
TYR CB  HB2  sing N N 328 
TYR CB  HB3  sing N N 329 
TYR CG  CD1  doub Y N 330 
TYR CG  CD2  sing Y N 331 
TYR CD1 CE1  sing Y N 332 
TYR CD1 HD1  sing N N 333 
TYR CD2 CE2  doub Y N 334 
TYR CD2 HD2  sing N N 335 
TYR CE1 CZ   doub Y N 336 
TYR CE1 HE1  sing N N 337 
TYR CE2 CZ   sing Y N 338 
TYR CE2 HE2  sing N N 339 
TYR CZ  OH   sing N N 340 
TYR OH  HH   sing N N 341 
TYR OXT HXT  sing N N 342 
VAL N   CA   sing N N 343 
VAL N   H    sing N N 344 
VAL N   H2   sing N N 345 
VAL CA  C    sing N N 346 
VAL CA  CB   sing N N 347 
VAL CA  HA   sing N N 348 
VAL C   O    doub N N 349 
VAL C   OXT  sing N N 350 
VAL CB  CG1  sing N N 351 
VAL CB  CG2  sing N N 352 
VAL CB  HB   sing N N 353 
VAL CG1 HG11 sing N N 354 
VAL CG1 HG12 sing N N 355 
VAL CG1 HG13 sing N N 356 
VAL CG2 HG21 sing N N 357 
VAL CG2 HG22 sing N N 358 
VAL CG2 HG23 sing N N 359 
VAL OXT HXT  sing N N 360 
# 
_atom_sites.entry_id                    1QWE 
_atom_sites.fract_transf_matrix[1][1]   1.000000 
_atom_sites.fract_transf_matrix[1][2]   0.000000 
_atom_sites.fract_transf_matrix[1][3]   0.000000 
_atom_sites.fract_transf_matrix[2][1]   0.000000 
_atom_sites.fract_transf_matrix[2][2]   1.000000 
_atom_sites.fract_transf_matrix[2][3]   0.000000 
_atom_sites.fract_transf_matrix[3][1]   0.000000 
_atom_sites.fract_transf_matrix[3][2]   0.000000 
_atom_sites.fract_transf_matrix[3][3]   1.000000 
_atom_sites.fract_transf_vector[1]      0.00000 
_atom_sites.fract_transf_vector[2]      0.00000 
_atom_sites.fract_transf_vector[3]      0.00000 
# 
loop_
_atom_type.symbol 
C 
H 
N 
O 
# 
loop_
_atom_site.group_PDB 
_atom_site.id 
_atom_site.type_symbol 
_atom_site.label_atom_id 
_atom_site.label_alt_id 
_atom_site.label_comp_id 
_atom_site.label_asym_id 
_atom_site.label_entity_id 
_atom_site.label_seq_id 
_atom_site.pdbx_PDB_ins_code 
_atom_site.Cartn_x 
_atom_site.Cartn_y 
_atom_site.Cartn_z 
_atom_site.occupancy 
_atom_site.B_iso_or_equiv 
_atom_site.pdbx_formal_charge 
_atom_site.auth_seq_id 
_atom_site.auth_comp_id 
_atom_site.auth_asym_id 
_atom_site.auth_atom_id 
_atom_site.pdbx_PDB_model_num 
ATOM 1    N N    . THR A 1 9  ? 5.397   9.417   -5.680  1.00 1.03  ? 9  THR A N    1 
ATOM 2    C CA   . THR A 1 9  ? 4.349   9.035   -6.668  1.00 0.62  ? 9  THR A CA   1 
ATOM 3    C C    . THR A 1 9  ? 4.526   7.566   -7.057  1.00 0.51  ? 9  THR A C    1 
ATOM 4    O O    . THR A 1 9  ? 5.246   7.240   -7.980  1.00 0.69  ? 9  THR A O    1 
ATOM 5    C CB   . THR A 1 9  ? 4.481   9.910   -7.917  1.00 0.97  ? 9  THR A CB   1 
ATOM 6    O OG1  . THR A 1 9  ? 4.746   11.250  -7.529  1.00 1.29  ? 9  THR A OG1  1 
ATOM 7    C CG2  . THR A 1 9  ? 3.180   9.856   -8.719  1.00 1.29  ? 9  THR A CG2  1 
ATOM 8    H HA   . THR A 1 9  ? 3.372   9.177   -6.231  1.00 0.78  ? 9  THR A HA   1 
ATOM 9    H HB   . THR A 1 9  ? 5.291   9.544   -8.529  1.00 1.27  ? 9  THR A HB   1 
ATOM 10   H HG1  . THR A 1 9  ? 5.188   11.689  -8.260  1.00 1.74  ? 9  THR A HG1  1 
ATOM 11   H HG21 . THR A 1 9  ? 2.370   9.558   -8.071  1.00 1.55  ? 9  THR A HG21 1 
ATOM 12   H HG22 . THR A 1 9  ? 2.970   10.832  -9.131  1.00 1.76  ? 9  THR A HG22 1 
ATOM 13   H HG23 . THR A 1 9  ? 3.281   9.140   -9.522  1.00 1.81  ? 9  THR A HG23 1 
ATOM 14   N N    . PHE A 1 10 ? 3.874   6.676   -6.362  1.00 0.40  ? 10 PHE A N    1 
ATOM 15   C CA   . PHE A 1 10 ? 4.007   5.230   -6.693  1.00 0.34  ? 10 PHE A CA   1 
ATOM 16   C C    . PHE A 1 10 ? 2.762   4.764   -7.453  1.00 0.35  ? 10 PHE A C    1 
ATOM 17   O O    . PHE A 1 10 ? 1.810   5.501   -7.615  1.00 0.48  ? 10 PHE A O    1 
ATOM 18   C CB   . PHE A 1 10 ? 4.149   4.422   -5.403  1.00 0.36  ? 10 PHE A CB   1 
ATOM 19   C CG   . PHE A 1 10 ? 5.606   4.347   -5.015  1.00 0.38  ? 10 PHE A CG   1 
ATOM 20   C CD1  . PHE A 1 10 ? 6.444   5.449   -5.226  1.00 1.24  ? 10 PHE A CD1  1 
ATOM 21   C CD2  . PHE A 1 10 ? 6.121   3.176   -4.445  1.00 1.31  ? 10 PHE A CD2  1 
ATOM 22   C CE1  . PHE A 1 10 ? 7.795   5.380   -4.867  1.00 1.25  ? 10 PHE A CE1  1 
ATOM 23   C CE2  . PHE A 1 10 ? 7.473   3.108   -4.087  1.00 1.35  ? 10 PHE A CE2  1 
ATOM 24   C CZ   . PHE A 1 10 ? 8.309   4.210   -4.297  1.00 0.52  ? 10 PHE A CZ   1 
ATOM 25   H H    . PHE A 1 10 ? 3.298   6.958   -5.621  1.00 0.51  ? 10 PHE A H    1 
ATOM 26   H HA   . PHE A 1 10 ? 4.881   5.082   -7.310  1.00 0.37  ? 10 PHE A HA   1 
ATOM 27   H HB2  . PHE A 1 10 ? 3.589   4.902   -4.613  1.00 0.41  ? 10 PHE A HB2  1 
ATOM 28   H HB3  . PHE A 1 10 ? 3.768   3.425   -5.560  1.00 0.41  ? 10 PHE A HB3  1 
ATOM 29   H HD1  . PHE A 1 10 ? 6.047   6.352   -5.665  1.00 2.14  ? 10 PHE A HD1  1 
ATOM 30   H HD2  . PHE A 1 10 ? 5.475   2.326   -4.281  1.00 2.21  ? 10 PHE A HD2  1 
ATOM 31   H HE1  . PHE A 1 10 ? 8.441   6.230   -5.030  1.00 2.15  ? 10 PHE A HE1  1 
ATOM 32   H HE2  . PHE A 1 10 ? 7.870   2.206   -3.647  1.00 2.25  ? 10 PHE A HE2  1 
ATOM 33   H HZ   . PHE A 1 10 ? 9.352   4.157   -4.021  1.00 0.60  ? 10 PHE A HZ   1 
ATOM 34   N N    . VAL A 1 11 ? 2.762   3.546   -7.919  1.00 0.34  ? 11 VAL A N    1 
ATOM 35   C CA   . VAL A 1 11 ? 1.579   3.035   -8.667  1.00 0.39  ? 11 VAL A CA   1 
ATOM 36   C C    . VAL A 1 11 ? 1.302   1.588   -8.254  1.00 0.35  ? 11 VAL A C    1 
ATOM 37   O O    . VAL A 1 11 ? 2.167   0.738   -8.320  1.00 0.43  ? 11 VAL A O    1 
ATOM 38   C CB   . VAL A 1 11 ? 1.862   3.089   -10.169 1.00 0.48  ? 11 VAL A CB   1 
ATOM 39   C CG1  . VAL A 1 11 ? 0.594   2.724   -10.942 1.00 0.67  ? 11 VAL A CG1  1 
ATOM 40   C CG2  . VAL A 1 11 ? 2.302   4.504   -10.553 1.00 0.58  ? 11 VAL A CG2  1 
ATOM 41   H H    . VAL A 1 11 ? 3.540   2.967   -7.777  1.00 0.39  ? 11 VAL A H    1 
ATOM 42   H HA   . VAL A 1 11 ? 0.718   3.646   -8.440  1.00 0.43  ? 11 VAL A HA   1 
ATOM 43   H HB   . VAL A 1 11 ? 2.647   2.387   -10.413 1.00 0.52  ? 11 VAL A HB   1 
ATOM 44   H HG11 . VAL A 1 11 ? -0.218  3.360   -10.623 1.00 1.16  ? 11 VAL A HG11 1 
ATOM 45   H HG12 . VAL A 1 11 ? 0.765   2.860   -11.999 1.00 1.36  ? 11 VAL A HG12 1 
ATOM 46   H HG13 . VAL A 1 11 ? 0.340   1.692   -10.749 1.00 1.19  ? 11 VAL A HG13 1 
ATOM 47   H HG21 . VAL A 1 11 ? 1.583   5.219   -10.181 1.00 1.15  ? 11 VAL A HG21 1 
ATOM 48   H HG22 . VAL A 1 11 ? 3.271   4.710   -10.123 1.00 1.25  ? 11 VAL A HG22 1 
ATOM 49   H HG23 . VAL A 1 11 ? 2.361   4.582   -11.630 1.00 1.20  ? 11 VAL A HG23 1 
ATOM 50   N N    . ALA A 1 12 ? 0.102   1.301   -7.829  1.00 0.38  ? 12 ALA A N    1 
ATOM 51   C CA   . ALA A 1 12 ? -0.226  -0.092  -7.415  1.00 0.36  ? 12 ALA A CA   1 
ATOM 52   C C    . ALA A 1 12 ? -0.361  -0.975  -8.655  1.00 0.43  ? 12 ALA A C    1 
ATOM 53   O O    . ALA A 1 12 ? -1.364  -0.951  -9.341  1.00 0.69  ? 12 ALA A O    1 
ATOM 54   C CB   . ALA A 1 12 ? -1.544  -0.101  -6.640  1.00 0.43  ? 12 ALA A CB   1 
ATOM 55   H H    . ALA A 1 12 ? -0.583  2.000   -7.783  1.00 0.49  ? 12 ALA A H    1 
ATOM 56   H HA   . ALA A 1 12 ? 0.564   -0.475  -6.785  1.00 0.34  ? 12 ALA A HA   1 
ATOM 57   H HB1  . ALA A 1 12 ? -2.322  0.335   -7.246  1.00 1.10  ? 12 ALA A HB1  1 
ATOM 58   H HB2  . ALA A 1 12 ? -1.808  -1.120  -6.393  1.00 1.18  ? 12 ALA A HB2  1 
ATOM 59   H HB3  . ALA A 1 12 ? -1.432  0.472   -5.730  1.00 1.05  ? 12 ALA A HB3  1 
ATOM 60   N N    . LEU A 1 13 ? 0.642   -1.756  -8.948  1.00 0.43  ? 13 LEU A N    1 
ATOM 61   C CA   . LEU A 1 13 ? 0.572   -2.642  -10.144 1.00 0.58  ? 13 LEU A CA   1 
ATOM 62   C C    . LEU A 1 13 ? -0.662  -3.540  -10.041 1.00 0.53  ? 13 LEU A C    1 
ATOM 63   O O    . LEU A 1 13 ? -1.343  -3.791  -11.016 1.00 0.75  ? 13 LEU A O    1 
ATOM 64   C CB   . LEU A 1 13 ? 1.826   -3.513  -10.207 1.00 0.71  ? 13 LEU A CB   1 
ATOM 65   C CG   . LEU A 1 13 ? 3.049   -2.634  -10.468 1.00 0.73  ? 13 LEU A CG   1 
ATOM 66   C CD1  . LEU A 1 13 ? 4.321   -3.468  -10.304 1.00 0.87  ? 13 LEU A CD1  1 
ATOM 67   C CD2  . LEU A 1 13 ? 2.983   -2.081  -11.893 1.00 0.86  ? 13 LEU A CD2  1 
ATOM 68   H H    . LEU A 1 13 ? 1.441   -1.762  -8.382  1.00 0.50  ? 13 LEU A H    1 
ATOM 69   H HA   . LEU A 1 13 ? 0.505   -2.039  -11.037 1.00 0.69  ? 13 LEU A HA   1 
ATOM 70   H HB2  . LEU A 1 13 ? 1.950   -4.034  -9.268  1.00 0.79  ? 13 LEU A HB2  1 
ATOM 71   H HB3  . LEU A 1 13 ? 1.725   -4.232  -11.006 1.00 0.90  ? 13 LEU A HB3  1 
ATOM 72   H HG   . LEU A 1 13 ? 3.061   -1.815  -9.761  1.00 0.82  ? 13 LEU A HG   1 
ATOM 73   H HD11 . LEU A 1 13 ? 4.116   -4.492  -10.576 1.00 1.35  ? 13 LEU A HD11 1 
ATOM 74   H HD12 . LEU A 1 13 ? 5.096   -3.073  -10.943 1.00 1.33  ? 13 LEU A HD12 1 
ATOM 75   H HD13 . LEU A 1 13 ? 4.647   -3.426  -9.275  1.00 1.40  ? 13 LEU A HD13 1 
ATOM 76   H HD21 . LEU A 1 13 ? 2.489   -2.796  -12.534 1.00 1.28  ? 13 LEU A HD21 1 
ATOM 77   H HD22 . LEU A 1 13 ? 2.429   -1.154  -11.894 1.00 1.22  ? 13 LEU A HD22 1 
ATOM 78   H HD23 . LEU A 1 13 ? 3.984   -1.903  -12.257 1.00 1.51  ? 13 LEU A HD23 1 
ATOM 79   N N    . TYR A 1 14 ? -0.950  -4.032  -8.868  1.00 0.34  ? 14 TYR A N    1 
ATOM 80   C CA   . TYR A 1 14 ? -2.134  -4.922  -8.702  1.00 0.37  ? 14 TYR A CA   1 
ATOM 81   C C    . TYR A 1 14 ? -3.150  -4.255  -7.775  1.00 0.38  ? 14 TYR A C    1 
ATOM 82   O O    . TYR A 1 14 ? -2.830  -3.339  -7.044  1.00 0.58  ? 14 TYR A O    1 
ATOM 83   C CB   . TYR A 1 14 ? -1.692  -6.251  -8.082  1.00 0.41  ? 14 TYR A CB   1 
ATOM 84   C CG   . TYR A 1 14 ? -0.289  -6.581  -8.533  1.00 0.41  ? 14 TYR A CG   1 
ATOM 85   C CD1  . TYR A 1 14 ? 0.119   -6.284  -9.839  1.00 1.30  ? 14 TYR A CD1  1 
ATOM 86   C CD2  . TYR A 1 14 ? 0.604   -7.183  -7.641  1.00 1.27  ? 14 TYR A CD2  1 
ATOM 87   C CE1  . TYR A 1 14 ? 1.422   -6.591  -10.250 1.00 1.33  ? 14 TYR A CE1  1 
ATOM 88   C CE2  . TYR A 1 14 ? 1.904   -7.490  -8.052  1.00 1.34  ? 14 TYR A CE2  1 
ATOM 89   C CZ   . TYR A 1 14 ? 2.315   -7.194  -9.356  1.00 0.65  ? 14 TYR A CZ   1 
ATOM 90   O OH   . TYR A 1 14 ? 3.598   -7.498  -9.762  1.00 0.83  ? 14 TYR A OH   1 
ATOM 91   H H    . TYR A 1 14 ? -0.383  -3.821  -8.095  1.00 0.34  ? 14 TYR A H    1 
ATOM 92   H HA   . TYR A 1 14 ? -2.588  -5.106  -9.664  1.00 0.44  ? 14 TYR A HA   1 
ATOM 93   H HB2  . TYR A 1 14 ? -1.712  -6.167  -7.006  1.00 0.48  ? 14 TYR A HB2  1 
ATOM 94   H HB3  . TYR A 1 14 ? -2.364  -7.037  -8.392  1.00 0.51  ? 14 TYR A HB3  1 
ATOM 95   H HD1  . TYR A 1 14 ? -0.570  -5.820  -10.528 1.00 2.20  ? 14 TYR A HD1  1 
ATOM 96   H HD2  . TYR A 1 14 ? 0.288   -7.412  -6.633  1.00 2.15  ? 14 TYR A HD2  1 
ATOM 97   H HE1  . TYR A 1 14 ? 1.739   -6.361  -11.257 1.00 2.22  ? 14 TYR A HE1  1 
ATOM 98   H HE2  . TYR A 1 14 ? 2.590   -7.955  -7.363  1.00 2.25  ? 14 TYR A HE2  1 
ATOM 99   H HH   . TYR A 1 14 ? 4.110   -6.686  -9.760  1.00 1.31  ? 14 TYR A HH   1 
ATOM 100  N N    . ASP A 1 15 ? -4.369  -4.719  -7.786  1.00 0.43  ? 15 ASP A N    1 
ATOM 101  C CA   . ASP A 1 15 ? -5.397  -4.123  -6.890  1.00 0.46  ? 15 ASP A CA   1 
ATOM 102  C C    . ASP A 1 15 ? -5.208  -4.700  -5.489  1.00 0.42  ? 15 ASP A C    1 
ATOM 103  O O    . ASP A 1 15 ? -5.134  -5.900  -5.310  1.00 0.57  ? 15 ASP A O    1 
ATOM 104  C CB   . ASP A 1 15 ? -6.793  -4.473  -7.407  1.00 0.58  ? 15 ASP A CB   1 
ATOM 105  C CG   . ASP A 1 15 ? -6.911  -4.064  -8.876  1.00 0.94  ? 15 ASP A CG   1 
ATOM 106  O OD1  . ASP A 1 15 ? -6.010  -4.385  -9.633  1.00 1.15  ? 15 ASP A OD1  1 
ATOM 107  O OD2  . ASP A 1 15 ? -7.899  -3.435  -9.219  1.00 1.85  ? 15 ASP A OD2  1 
ATOM 108  H H    . ASP A 1 15 ? -4.605  -5.466  -8.374  1.00 0.60  ? 15 ASP A H    1 
ATOM 109  H HA   . ASP A 1 15 ? -5.276  -3.050  -6.861  1.00 0.48  ? 15 ASP A HA   1 
ATOM 110  H HB2  . ASP A 1 15 ? -6.955  -5.537  -7.314  1.00 0.89  ? 15 ASP A HB2  1 
ATOM 111  H HB3  . ASP A 1 15 ? -7.536  -3.944  -6.828  1.00 0.94  ? 15 ASP A HB3  1 
ATOM 112  N N    . TYR A 1 16 ? -5.113  -3.866  -4.491  1.00 0.39  ? 16 TYR A N    1 
ATOM 113  C CA   . TYR A 1 16 ? -4.912  -4.393  -3.116  1.00 0.34  ? 16 TYR A CA   1 
ATOM 114  C C    . TYR A 1 16 ? -6.206  -4.274  -2.311  1.00 0.37  ? 16 TYR A C    1 
ATOM 115  O O    . TYR A 1 16 ? -6.802  -3.218  -2.228  1.00 0.44  ? 16 TYR A O    1 
ATOM 116  C CB   . TYR A 1 16 ? -3.790  -3.617  -2.424  1.00 0.33  ? 16 TYR A CB   1 
ATOM 117  C CG   . TYR A 1 16 ? -3.782  -3.919  -0.956  1.00 0.36  ? 16 TYR A CG   1 
ATOM 118  C CD1  . TYR A 1 16 ? -3.772  -5.243  -0.538  1.00 1.26  ? 16 TYR A CD1  1 
ATOM 119  C CD2  . TYR A 1 16 ? -3.769  -2.883  -0.022  1.00 1.18  ? 16 TYR A CD2  1 
ATOM 120  C CE1  . TYR A 1 16 ? -3.754  -5.548  0.829   1.00 1.27  ? 16 TYR A CE1  1 
ATOM 121  C CE2  . TYR A 1 16 ? -3.748  -3.178  1.346   1.00 1.22  ? 16 TYR A CE2  1 
ATOM 122  C CZ   . TYR A 1 16 ? -3.743  -4.513  1.772   1.00 0.47  ? 16 TYR A CZ   1 
ATOM 123  O OH   . TYR A 1 16 ? -3.720  -4.808  3.120   1.00 0.54  ? 16 TYR A OH   1 
ATOM 124  H H    . TYR A 1 16 ? -5.163  -2.902  -4.648  1.00 0.53  ? 16 TYR A H    1 
ATOM 125  H HA   . TYR A 1 16 ? -4.630  -5.427  -3.184  1.00 0.35  ? 16 TYR A HA   1 
ATOM 126  H HB2  . TYR A 1 16 ? -2.847  -3.926  -2.838  1.00 0.33  ? 16 TYR A HB2  1 
ATOM 127  H HB3  . TYR A 1 16 ? -3.928  -2.557  -2.577  1.00 0.36  ? 16 TYR A HB3  1 
ATOM 128  H HD1  . TYR A 1 16 ? -3.775  -6.029  -1.275  1.00 2.14  ? 16 TYR A HD1  1 
ATOM 129  H HD2  . TYR A 1 16 ? -3.775  -1.857  -0.357  1.00 2.04  ? 16 TYR A HD2  1 
ATOM 130  H HE1  . TYR A 1 16 ? -3.750  -6.578  1.153   1.00 2.14  ? 16 TYR A HE1  1 
ATOM 131  H HE2  . TYR A 1 16 ? -3.733  -2.378  2.070   1.00 2.10  ? 16 TYR A HE2  1 
ATOM 132  H HH   . TYR A 1 16 ? -4.613  -5.037  3.388   1.00 0.83  ? 16 TYR A HH   1 
ATOM 133  N N    . GLU A 1 17 ? -6.640  -5.353  -1.717  1.00 0.40  ? 17 GLU A N    1 
ATOM 134  C CA   . GLU A 1 17 ? -7.894  -5.317  -0.914  1.00 0.45  ? 17 GLU A CA   1 
ATOM 135  C C    . GLU A 1 17 ? -7.547  -5.149  0.567   1.00 0.47  ? 17 GLU A C    1 
ATOM 136  O O    . GLU A 1 17 ? -7.200  -6.096  1.245   1.00 0.77  ? 17 GLU A O    1 
ATOM 137  C CB   . GLU A 1 17 ? -8.661  -6.625  -1.110  1.00 0.55  ? 17 GLU A CB   1 
ATOM 138  C CG   . GLU A 1 17 ? -9.671  -6.461  -2.248  1.00 1.46  ? 17 GLU A CG   1 
ATOM 139  C CD   . GLU A 1 17 ? -10.213 -7.833  -2.653  1.00 2.04  ? 17 GLU A CD   1 
ATOM 140  O OE1  . GLU A 1 17 ? -10.138 -8.740  -1.840  1.00 2.67  ? 17 GLU A OE1  1 
ATOM 141  O OE2  . GLU A 1 17 ? -10.694 -7.954  -3.767  1.00 2.56  ? 17 GLU A OE2  1 
ATOM 142  H H    . GLU A 1 17 ? -6.139  -6.192  -1.801  1.00 0.45  ? 17 GLU A H    1 
ATOM 143  H HA   . GLU A 1 17 ? -8.506  -4.489  -1.238  1.00 0.46  ? 17 GLU A HA   1 
ATOM 144  H HB2  . GLU A 1 17 ? -7.967  -7.416  -1.356  1.00 1.26  ? 17 GLU A HB2  1 
ATOM 145  H HB3  . GLU A 1 17 ? -9.185  -6.876  -0.201  1.00 1.15  ? 17 GLU A HB3  1 
ATOM 146  H HG2  . GLU A 1 17 ? -10.486 -5.834  -1.918  1.00 2.06  ? 17 GLU A HG2  1 
ATOM 147  H HG3  . GLU A 1 17 ? -9.185  -6.003  -3.097  1.00 2.15  ? 17 GLU A HG3  1 
ATOM 148  N N    . SER A 1 18 ? -7.640  -3.951  1.074   1.00 0.56  ? 18 SER A N    1 
ATOM 149  C CA   . SER A 1 18 ? -7.318  -3.720  2.510   1.00 0.59  ? 18 SER A CA   1 
ATOM 150  C C    . SER A 1 18 ? -8.133  -4.684  3.375   1.00 0.49  ? 18 SER A C    1 
ATOM 151  O O    . SER A 1 18 ? -9.320  -4.853  3.183   1.00 0.57  ? 18 SER A O    1 
ATOM 152  C CB   . SER A 1 18 ? -7.670  -2.280  2.883   1.00 0.78  ? 18 SER A CB   1 
ATOM 153  O OG   . SER A 1 18 ? -8.975  -2.247  3.446   1.00 1.37  ? 18 SER A OG   1 
ATOM 154  H H    . SER A 1 18 ? -7.922  -3.201  0.513   1.00 0.84  ? 18 SER A H    1 
ATOM 155  H HA   . SER A 1 18 ? -6.264  -3.889  2.675   1.00 0.68  ? 18 SER A HA   1 
ATOM 156  H HB2  . SER A 1 18 ? -6.963  -1.910  3.605   1.00 1.36  ? 18 SER A HB2  1 
ATOM 157  H HB3  . SER A 1 18 ? -7.634  -1.662  1.996   1.00 1.14  ? 18 SER A HB3  1 
ATOM 158  H HG   . SER A 1 18 ? -9.416  -1.457  3.126   1.00 1.74  ? 18 SER A HG   1 
ATOM 159  N N    . ARG A 1 19 ? -7.505  -5.318  4.328   1.00 0.59  ? 19 ARG A N    1 
ATOM 160  C CA   . ARG A 1 19 ? -8.247  -6.268  5.203   1.00 0.69  ? 19 ARG A CA   1 
ATOM 161  C C    . ARG A 1 19 ? -8.610  -5.570  6.516   1.00 0.70  ? 19 ARG A C    1 
ATOM 162  O O    . ARG A 1 19 ? -9.373  -6.081  7.311   1.00 0.86  ? 19 ARG A O    1 
ATOM 163  C CB   . ARG A 1 19 ? -7.368  -7.485  5.497   1.00 0.94  ? 19 ARG A CB   1 
ATOM 164  C CG   . ARG A 1 19 ? -7.050  -8.214  4.190   1.00 1.10  ? 19 ARG A CG   1 
ATOM 165  C CD   . ARG A 1 19 ? -5.649  -8.820  4.272   1.00 1.18  ? 19 ARG A CD   1 
ATOM 166  N NE   . ARG A 1 19 ? -5.693  -10.063 5.093   1.00 1.50  ? 19 ARG A NE   1 
ATOM 167  C CZ   . ARG A 1 19 ? -4.602  -10.754 5.296   1.00 1.93  ? 19 ARG A CZ   1 
ATOM 168  N NH1  . ARG A 1 19 ? -3.469  -10.358 4.782   1.00 2.43  ? 19 ARG A NH1  1 
ATOM 169  N NH2  . ARG A 1 19 ? -4.647  -11.842 6.016   1.00 2.38  ? 19 ARG A NH2  1 
ATOM 170  H H    . ARG A 1 19 ? -6.546  -5.168  4.468   1.00 0.73  ? 19 ARG A H    1 
ATOM 171  H HA   . ARG A 1 19 ? -9.150  -6.587  4.704   1.00 0.77  ? 19 ARG A HA   1 
ATOM 172  H HB2  . ARG A 1 19 ? -6.449  -7.160  5.963   1.00 1.10  ? 19 ARG A HB2  1 
ATOM 173  H HB3  . ARG A 1 19 ? -7.892  -8.155  6.162   1.00 1.13  ? 19 ARG A HB3  1 
ATOM 174  H HG2  . ARG A 1 19 ? -7.776  -8.999  4.031   1.00 1.50  ? 19 ARG A HG2  1 
ATOM 175  H HG3  . ARG A 1 19 ? -7.091  -7.514  3.368   1.00 1.67  ? 19 ARG A HG3  1 
ATOM 176  H HD2  . ARG A 1 19 ? -5.301  -9.057  3.278   1.00 1.63  ? 19 ARG A HD2  1 
ATOM 177  H HD3  . ARG A 1 19 ? -4.975  -8.110  4.729   1.00 1.50  ? 19 ARG A HD3  1 
ATOM 178  H HE   . ARG A 1 19 ? -6.541  -10.362 5.480   1.00 1.87  ? 19 ARG A HE   1 
ATOM 179  H HH11 . ARG A 1 19 ? -3.431  -9.525  4.232   1.00 2.42  ? 19 ARG A HH11 1 
ATOM 180  H HH12 . ARG A 1 19 ? -2.637  -10.890 4.941   1.00 3.07  ? 19 ARG A HH12 1 
ATOM 181  H HH21 . ARG A 1 19 ? -5.514  -12.145 6.410   1.00 2.53  ? 19 ARG A HH21 1 
ATOM 182  H HH22 . ARG A 1 19 ? -3.814  -12.371 6.173   1.00 2.83  ? 19 ARG A HH22 1 
ATOM 183  N N    . THR A 1 20 ? -8.071  -4.405  6.748   1.00 0.69  ? 20 THR A N    1 
ATOM 184  C CA   . THR A 1 20 ? -8.385  -3.675  8.009   1.00 0.82  ? 20 THR A CA   1 
ATOM 185  C C    . THR A 1 20 ? -8.656  -2.204  7.691   1.00 0.80  ? 20 THR A C    1 
ATOM 186  O O    . THR A 1 20 ? -8.522  -1.767  6.565   1.00 0.82  ? 20 THR A O    1 
ATOM 187  C CB   . THR A 1 20 ? -7.198  -3.781  8.969   1.00 0.94  ? 20 THR A CB   1 
ATOM 188  O OG1  . THR A 1 20 ? -6.020  -4.075  8.232   1.00 1.57  ? 20 THR A OG1  1 
ATOM 189  C CG2  . THR A 1 20 ? -7.459  -4.892  9.986   1.00 1.80  ? 20 THR A CG2  1 
ATOM 190  H H    . THR A 1 20 ? -7.458  -4.009  6.093   1.00 0.70  ? 20 THR A H    1 
ATOM 191  H HA   . THR A 1 20 ? -9.260  -4.111  8.467   1.00 0.99  ? 20 THR A HA   1 
ATOM 192  H HB   . THR A 1 20 ? -7.072  -2.844  9.490   1.00 1.40  ? 20 THR A HB   1 
ATOM 193  H HG1  . THR A 1 20 ? -5.271  -4.005  8.829   1.00 1.98  ? 20 THR A HG1  1 
ATOM 194  H HG21 . THR A 1 20 ? -8.522  -5.063  10.068  1.00 2.23  ? 20 THR A HG21 1 
ATOM 195  H HG22 . THR A 1 20 ? -6.973  -5.800  9.660   1.00 2.43  ? 20 THR A HG22 1 
ATOM 196  H HG23 . THR A 1 20 ? -7.066  -4.600  10.949  1.00 2.30  ? 20 THR A HG23 1 
ATOM 197  N N    . GLU A 1 21 ? -9.036  -1.435  8.674   1.00 0.96  ? 21 GLU A N    1 
ATOM 198  C CA   . GLU A 1 21 ? -9.315  0.008   8.428   1.00 1.03  ? 21 GLU A CA   1 
ATOM 199  C C    . GLU A 1 21 ? -8.007  0.801   8.481   1.00 0.83  ? 21 GLU A C    1 
ATOM 200  O O    . GLU A 1 21 ? -7.978  1.986   8.218   1.00 0.95  ? 21 GLU A O    1 
ATOM 201  C CB   . GLU A 1 21 ? -10.274 0.532   9.499   1.00 1.33  ? 21 GLU A CB   1 
ATOM 202  C CG   . GLU A 1 21 ? -11.371 1.369   8.838   1.00 1.88  ? 21 GLU A CG   1 
ATOM 203  C CD   . GLU A 1 21 ? -12.328 1.894   9.910   1.00 2.32  ? 21 GLU A CD   1 
ATOM 204  O OE1  . GLU A 1 21 ? -11.875 2.121   11.020  1.00 3.11  ? 21 GLU A OE1  1 
ATOM 205  O OE2  . GLU A 1 21 ? -13.497 2.059   9.603   1.00 2.42  ? 21 GLU A OE2  1 
ATOM 206  H H    . GLU A 1 21 ? -9.138  -1.806  9.576   1.00 1.12  ? 21 GLU A H    1 
ATOM 207  H HA   . GLU A 1 21 ? -9.766  0.125   7.453   1.00 1.10  ? 21 GLU A HA   1 
ATOM 208  H HB2  . GLU A 1 21 ? -10.720 -0.303  10.020  1.00 1.81  ? 21 GLU A HB2  1 
ATOM 209  H HB3  . GLU A 1 21 ? -9.729  1.145   10.201  1.00 1.73  ? 21 GLU A HB3  1 
ATOM 210  H HG2  . GLU A 1 21 ? -10.923 2.201   8.315   1.00 2.38  ? 21 GLU A HG2  1 
ATOM 211  H HG3  . GLU A 1 21 ? -11.919 0.756   8.139   1.00 2.38  ? 21 GLU A HG3  1 
ATOM 212  N N    . THR A 1 22 ? -6.923  0.157   8.823   1.00 0.70  ? 22 THR A N    1 
ATOM 213  C CA   . THR A 1 22 ? -5.621  0.877   8.895   1.00 0.66  ? 22 THR A CA   1 
ATOM 214  C C    . THR A 1 22 ? -4.920  0.809   7.536   1.00 0.56  ? 22 THR A C    1 
ATOM 215  O O    . THR A 1 22 ? -3.780  1.201   7.396   1.00 0.80  ? 22 THR A O    1 
ATOM 216  C CB   . THR A 1 22 ? -4.735  0.222   9.957   1.00 0.83  ? 22 THR A CB   1 
ATOM 217  O OG1  . THR A 1 22 ? -5.333  -0.994  10.386  1.00 1.43  ? 22 THR A OG1  1 
ATOM 218  C CG2  . THR A 1 22 ? -4.579  1.166   11.150  1.00 1.60  ? 22 THR A CG2  1 
ATOM 219  H H    . THR A 1 22 ? -6.967  -0.799  9.034   1.00 0.78  ? 22 THR A H    1 
ATOM 220  H HA   . THR A 1 22 ? -5.794  1.910   9.159   1.00 0.78  ? 22 THR A HA   1 
ATOM 221  H HB   . THR A 1 22 ? -3.762  0.016   9.538   1.00 1.32  ? 22 THR A HB   1 
ATOM 222  H HG1  . THR A 1 22 ? -4.714  -1.439  10.969  1.00 1.70  ? 22 THR A HG1  1 
ATOM 223  H HG21 . THR A 1 22 ? -4.293  2.146   10.799  1.00 2.13  ? 22 THR A HG21 1 
ATOM 224  H HG22 . THR A 1 22 ? -5.517  1.233   11.681  1.00 2.10  ? 22 THR A HG22 1 
ATOM 225  H HG23 . THR A 1 22 ? -3.817  0.784   11.814  1.00 2.14  ? 22 THR A HG23 1 
ATOM 226  N N    . ASP A 1 23 ? -5.593  0.313   6.534   1.00 0.53  ? 23 ASP A N    1 
ATOM 227  C CA   . ASP A 1 23 ? -4.960  0.222   5.188   1.00 0.42  ? 23 ASP A CA   1 
ATOM 228  C C    . ASP A 1 23 ? -5.957  0.670   4.119   1.00 0.45  ? 23 ASP A C    1 
ATOM 229  O O    . ASP A 1 23 ? -7.154  0.653   4.326   1.00 0.59  ? 23 ASP A O    1 
ATOM 230  C CB   . ASP A 1 23 ? -4.535  -1.224  4.922   1.00 0.49  ? 23 ASP A CB   1 
ATOM 231  C CG   . ASP A 1 23 ? -3.979  -1.838  6.208   1.00 0.62  ? 23 ASP A CG   1 
ATOM 232  O OD1  . ASP A 1 23 ? -4.750  -2.018  7.137   1.00 1.37  ? 23 ASP A OD1  1 
ATOM 233  O OD2  . ASP A 1 23 ? -2.792  -2.119  6.244   1.00 1.28  ? 23 ASP A OD2  1 
ATOM 234  H H    . ASP A 1 23 ? -6.512  0.000   6.666   1.00 0.77  ? 23 ASP A H    1 
ATOM 235  H HA   . ASP A 1 23 ? -4.093  0.861   5.156   1.00 0.41  ? 23 ASP A HA   1 
ATOM 236  H HB2  . ASP A 1 23 ? -5.389  -1.795  4.590   1.00 0.76  ? 23 ASP A HB2  1 
ATOM 237  H HB3  . ASP A 1 23 ? -3.772  -1.241  4.159   1.00 0.89  ? 23 ASP A HB3  1 
ATOM 238  N N    . LEU A 1 24 ? -5.474  1.073   2.976   1.00 0.41  ? 24 LEU A N    1 
ATOM 239  C CA   . LEU A 1 24 ? -6.394  1.525   1.895   1.00 0.51  ? 24 LEU A CA   1 
ATOM 240  C C    . LEU A 1 24 ? -6.294  0.569   0.705   1.00 0.46  ? 24 LEU A C    1 
ATOM 241  O O    . LEU A 1 24 ? -5.219  0.245   0.243   1.00 0.58  ? 24 LEU A O    1 
ATOM 242  C CB   . LEU A 1 24 ? -6.006  2.938   1.453   1.00 0.63  ? 24 LEU A CB   1 
ATOM 243  C CG   . LEU A 1 24 ? -6.863  3.958   2.204   1.00 0.78  ? 24 LEU A CG   1 
ATOM 244  C CD1  . LEU A 1 24 ? -6.358  5.371   1.906   1.00 1.78  ? 24 LEU A CD1  1 
ATOM 245  C CD2  . LEU A 1 24 ? -8.319  3.831   1.750   1.00 1.09  ? 24 LEU A CD2  1 
ATOM 246  H H    . LEU A 1 24 ? -4.504  1.081   2.829   1.00 0.40  ? 24 LEU A H    1 
ATOM 247  H HA   . LEU A 1 24 ? -7.407  1.532   2.267   1.00 0.61  ? 24 LEU A HA   1 
ATOM 248  H HB2  . LEU A 1 24 ? -4.962  3.111   1.672   1.00 0.67  ? 24 LEU A HB2  1 
ATOM 249  H HB3  . LEU A 1 24 ? -6.174  3.042   0.392   1.00 0.71  ? 24 LEU A HB3  1 
ATOM 250  H HG   . LEU A 1 24 ? -6.797  3.770   3.266   1.00 1.29  ? 24 LEU A HG   1 
ATOM 251  H HD11 . LEU A 1 24 ? -5.294  5.417   2.082   1.00 2.24  ? 24 LEU A HD11 1 
ATOM 252  H HD12 . LEU A 1 24 ? -6.564  5.616   0.874   1.00 2.29  ? 24 LEU A HD12 1 
ATOM 253  H HD13 . LEU A 1 24 ? -6.861  6.076   2.551   1.00 2.34  ? 24 LEU A HD13 1 
ATOM 254  H HD21 . LEU A 1 24 ? -8.424  2.963   1.117   1.00 1.73  ? 24 LEU A HD21 1 
ATOM 255  H HD22 . LEU A 1 24 ? -8.957  3.726   2.615   1.00 1.68  ? 24 LEU A HD22 1 
ATOM 256  H HD23 . LEU A 1 24 ? -8.603  4.716   1.199   1.00 1.57  ? 24 LEU A HD23 1 
ATOM 257  N N    . SER A 1 25 ? -7.411  0.116   0.208   1.00 0.43  ? 25 SER A N    1 
ATOM 258  C CA   . SER A 1 25 ? -7.391  -0.822  -0.950  1.00 0.41  ? 25 SER A CA   1 
ATOM 259  C C    . SER A 1 25 ? -7.235  -0.033  -2.250  1.00 0.43  ? 25 SER A C    1 
ATOM 260  O O    . SER A 1 25 ? -7.923  0.942   -2.478  1.00 0.57  ? 25 SER A O    1 
ATOM 261  C CB   . SER A 1 25 ? -8.709  -1.596  -0.990  1.00 0.48  ? 25 SER A CB   1 
ATOM 262  O OG   . SER A 1 25 ? -9.387  -1.431  0.249   1.00 0.86  ? 25 SER A OG   1 
ATOM 263  H H    . SER A 1 25 ? -8.267  0.390   0.598   1.00 0.53  ? 25 SER A H    1 
ATOM 264  H HA   . SER A 1 25 ? -6.568  -1.514  -0.843  1.00 0.38  ? 25 SER A HA   1 
ATOM 265  H HB2  . SER A 1 25 ? -9.327  -1.216  -1.785  1.00 0.73  ? 25 SER A HB2  1 
ATOM 266  H HB3  . SER A 1 25 ? -8.505  -2.641  -1.163  1.00 0.91  ? 25 SER A HB3  1 
ATOM 267  H HG   . SER A 1 25 ? -10.275 -1.783  0.149   1.00 1.23  ? 25 SER A HG   1 
ATOM 268  N N    . PHE A 1 26 ? -6.348  -0.449  -3.116  1.00 0.38  ? 26 PHE A N    1 
ATOM 269  C CA   . PHE A 1 26 ? -6.180  0.284   -4.400  1.00 0.43  ? 26 PHE A CA   1 
ATOM 270  C C    . PHE A 1 26 ? -6.440  -0.663  -5.574  1.00 0.46  ? 26 PHE A C    1 
ATOM 271  O O    . PHE A 1 26 ? -6.784  -1.813  -5.393  1.00 0.48  ? 26 PHE A O    1 
ATOM 272  C CB   . PHE A 1 26 ? -4.766  0.868   -4.514  1.00 0.40  ? 26 PHE A CB   1 
ATOM 273  C CG   . PHE A 1 26 ? -3.721  -0.125  -4.071  1.00 0.33  ? 26 PHE A CG   1 
ATOM 274  C CD1  . PHE A 1 26 ? -3.513  -1.285  -4.818  1.00 1.03  ? 26 PHE A CD1  1 
ATOM 275  C CD2  . PHE A 1 26 ? -2.931  0.135   -2.946  1.00 1.13  ? 26 PHE A CD2  1 
ATOM 276  C CE1  . PHE A 1 26 ? -2.519  -2.193  -4.440  1.00 1.02  ? 26 PHE A CE1  1 
ATOM 277  C CE2  . PHE A 1 26 ? -1.932  -0.768  -2.570  1.00 1.13  ? 26 PHE A CE2  1 
ATOM 278  C CZ   . PHE A 1 26 ? -1.726  -1.935  -3.317  1.00 0.30  ? 26 PHE A CZ   1 
ATOM 279  H H    . PHE A 1 26 ? -5.807  -1.245  -2.925  1.00 0.39  ? 26 PHE A H    1 
ATOM 280  H HA   . PHE A 1 26 ? -6.897  1.091   -4.437  1.00 0.49  ? 26 PHE A HA   1 
ATOM 281  H HB2  . PHE A 1 26 ? -4.579  1.118   -5.545  1.00 0.44  ? 26 PHE A HB2  1 
ATOM 282  H HB3  . PHE A 1 26 ? -4.695  1.759   -3.909  1.00 0.44  ? 26 PHE A HB3  1 
ATOM 283  H HD1  . PHE A 1 26 ? -4.130  -1.485  -5.678  1.00 1.81  ? 26 PHE A HD1  1 
ATOM 284  H HD2  . PHE A 1 26 ? -3.092  1.031   -2.367  1.00 1.92  ? 26 PHE A HD2  1 
ATOM 285  H HE1  . PHE A 1 26 ? -2.361  -3.090  -5.018  1.00 1.81  ? 26 PHE A HE1  1 
ATOM 286  H HE2  . PHE A 1 26 ? -1.322  -0.565  -1.703  1.00 1.91  ? 26 PHE A HE2  1 
ATOM 287  H HZ   . PHE A 1 26 ? -0.954  -2.634  -3.028  1.00 0.33  ? 26 PHE A HZ   1 
ATOM 288  N N    . LYS A 1 27 ? -6.286  -0.182  -6.778  1.00 0.52  ? 27 LYS A N    1 
ATOM 289  C CA   . LYS A 1 27 ? -6.533  -1.049  -7.964  1.00 0.58  ? 27 LYS A CA   1 
ATOM 290  C C    . LYS A 1 27 ? -5.319  -1.003  -8.895  1.00 0.53  ? 27 LYS A C    1 
ATOM 291  O O    . LYS A 1 27 ? -4.349  -0.319  -8.633  1.00 0.54  ? 27 LYS A O    1 
ATOM 292  C CB   . LYS A 1 27 ? -7.768  -0.545  -8.716  1.00 0.71  ? 27 LYS A CB   1 
ATOM 293  C CG   . LYS A 1 27 ? -8.997  -0.654  -7.813  1.00 1.24  ? 27 LYS A CG   1 
ATOM 294  C CD   . LYS A 1 27 ? -10.193 -1.138  -8.634  1.00 1.68  ? 27 LYS A CD   1 
ATOM 295  C CE   . LYS A 1 27 ? -10.640 -0.028  -9.587  1.00 2.20  ? 27 LYS A CE   1 
ATOM 296  N NZ   . LYS A 1 27 ? -12.099 -0.164  -9.858  1.00 2.95  ? 27 LYS A NZ   1 
ATOM 297  H H    . LYS A 1 27 ? -6.015  0.752   -6.902  1.00 0.55  ? 27 LYS A H    1 
ATOM 298  H HA   . LYS A 1 27 ? -6.700  -2.065  -7.640  1.00 0.61  ? 27 LYS A HA   1 
ATOM 299  H HB2  . LYS A 1 27 ? -7.619  0.487   -9.000  1.00 1.08  ? 27 LYS A HB2  1 
ATOM 300  H HB3  . LYS A 1 27 ? -7.919  -1.144  -9.601  1.00 1.16  ? 27 LYS A HB3  1 
ATOM 301  H HG2  . LYS A 1 27 ? -8.797  -1.358  -7.017  1.00 1.79  ? 27 LYS A HG2  1 
ATOM 302  H HG3  . LYS A 1 27 ? -9.221  0.313   -7.390  1.00 1.91  ? 27 LYS A HG3  1 
ATOM 303  H HD2  . LYS A 1 27 ? -9.908  -2.011  -9.204  1.00 2.05  ? 27 LYS A HD2  1 
ATOM 304  H HD3  . LYS A 1 27 ? -11.007 -1.390  -7.971  1.00 2.29  ? 27 LYS A HD3  1 
ATOM 305  H HE2  . LYS A 1 27 ? -10.446 0.934   -9.136  1.00 2.52  ? 27 LYS A HE2  1 
ATOM 306  H HE3  . LYS A 1 27 ? -10.092 -0.108  -10.514 1.00 2.52  ? 27 LYS A HE3  1 
ATOM 307  H HZ1  . LYS A 1 27 ? -12.538 -0.747  -9.119  1.00 3.38  ? 27 LYS A HZ1  1 
ATOM 308  H HZ2  . LYS A 1 27 ? -12.539 0.779   -9.865  1.00 3.41  ? 27 LYS A HZ2  1 
ATOM 309  H HZ3  . LYS A 1 27 ? -12.240 -0.618  -10.783 1.00 3.15  ? 27 LYS A HZ3  1 
ATOM 310  N N    . LYS A 1 28 ? -5.364  -1.726  -9.980  1.00 0.53  ? 28 LYS A N    1 
ATOM 311  C CA   . LYS A 1 28 ? -4.214  -1.725  -10.925 1.00 0.53  ? 28 LYS A CA   1 
ATOM 312  C C    . LYS A 1 28 ? -4.207  -0.417  -11.718 1.00 0.54  ? 28 LYS A C    1 
ATOM 313  O O    . LYS A 1 28 ? -5.078  -0.165  -12.527 1.00 0.72  ? 28 LYS A O    1 
ATOM 314  C CB   . LYS A 1 28 ? -4.346  -2.905  -11.890 1.00 0.59  ? 28 LYS A CB   1 
ATOM 315  C CG   . LYS A 1 28 ? -3.323  -2.758  -13.019 1.00 0.87  ? 28 LYS A CG   1 
ATOM 316  C CD   . LYS A 1 28 ? -3.407  -3.973  -13.944 1.00 1.12  ? 28 LYS A CD   1 
ATOM 317  C CE   . LYS A 1 28 ? -2.249  -3.935  -14.943 1.00 1.76  ? 28 LYS A CE   1 
ATOM 318  N NZ   . LYS A 1 28 ? -2.409  -5.040  -15.931 1.00 2.14  ? 28 LYS A NZ   1 
ATOM 319  H H    . LYS A 1 28 ? -6.156  -2.270  -10.173 1.00 0.57  ? 28 LYS A H    1 
ATOM 320  H HA   . LYS A 1 28 ? -3.291  -1.814  -10.371 1.00 0.54  ? 28 LYS A HA   1 
ATOM 321  H HB2  . LYS A 1 28 ? -4.165  -3.827  -11.357 1.00 0.80  ? 28 LYS A HB2  1 
ATOM 322  H HB3  . LYS A 1 28 ? -5.340  -2.919  -12.308 1.00 0.64  ? 28 LYS A HB3  1 
ATOM 323  H HG2  . LYS A 1 28 ? -3.535  -1.860  -13.581 1.00 1.13  ? 28 LYS A HG2  1 
ATOM 324  H HG3  . LYS A 1 28 ? -2.330  -2.695  -12.599 1.00 1.23  ? 28 LYS A HG3  1 
ATOM 325  H HD2  . LYS A 1 28 ? -3.348  -4.878  -13.356 1.00 1.70  ? 28 LYS A HD2  1 
ATOM 326  H HD3  . LYS A 1 28 ? -4.344  -3.954  -14.482 1.00 1.48  ? 28 LYS A HD3  1 
ATOM 327  H HE2  . LYS A 1 28 ? -2.250  -2.987  -15.459 1.00 2.26  ? 28 LYS A HE2  1 
ATOM 328  H HE3  . LYS A 1 28 ? -1.315  -4.057  -14.415 1.00 2.41  ? 28 LYS A HE3  1 
ATOM 329  H HZ1  . LYS A 1 28 ? -3.356  -4.989  -16.358 1.00 2.67  ? 28 LYS A HZ1  1 
ATOM 330  H HZ2  . LYS A 1 28 ? -1.689  -4.946  -16.676 1.00 2.39  ? 28 LYS A HZ2  1 
ATOM 331  H HZ3  . LYS A 1 28 ? -2.294  -5.954  -15.449 1.00 2.41  ? 28 LYS A HZ3  1 
ATOM 332  N N    . GLY A 1 29 ? -3.229  0.418   -11.494 1.00 0.51  ? 29 GLY A N    1 
ATOM 333  C CA   . GLY A 1 29 ? -3.167  1.709   -12.234 1.00 0.57  ? 29 GLY A CA   1 
ATOM 334  C C    . GLY A 1 29 ? -3.540  2.858   -11.295 1.00 0.55  ? 29 GLY A C    1 
ATOM 335  O O    . GLY A 1 29 ? -3.563  4.008   -11.687 1.00 0.65  ? 29 GLY A O    1 
ATOM 336  H H    . GLY A 1 29 ? -2.537  0.195   -10.837 1.00 0.58  ? 29 GLY A H    1 
ATOM 337  H HA2  . GLY A 1 29 ? -2.165  1.860   -12.609 1.00 0.63  ? 29 GLY A HA2  1 
ATOM 338  H HA3  . GLY A 1 29 ? -3.861  1.683   -13.060 1.00 0.63  ? 29 GLY A HA3  1 
ATOM 339  N N    . GLU A 1 30 ? -3.833  2.559   -10.058 1.00 0.48  ? 30 GLU A N    1 
ATOM 340  C CA   . GLU A 1 30 ? -4.203  3.639   -9.100  1.00 0.50  ? 30 GLU A CA   1 
ATOM 341  C C    . GLU A 1 30 ? -2.931  4.292   -8.556  1.00 0.41  ? 30 GLU A C    1 
ATOM 342  O O    . GLU A 1 30 ? -2.018  3.623   -8.115  1.00 0.44  ? 30 GLU A O    1 
ATOM 343  C CB   . GLU A 1 30 ? -5.006  3.044   -7.942  1.00 0.57  ? 30 GLU A CB   1 
ATOM 344  C CG   . GLU A 1 30 ? -5.452  4.164   -7.001  1.00 0.65  ? 30 GLU A CG   1 
ATOM 345  C CD   . GLU A 1 30 ? -6.807  3.809   -6.388  1.00 0.70  ? 30 GLU A CD   1 
ATOM 346  O OE1  . GLU A 1 30 ? -7.076  2.629   -6.238  1.00 0.77  ? 30 GLU A OE1  1 
ATOM 347  O OE2  . GLU A 1 30 ? -7.554  4.723   -6.079  1.00 1.21  ? 30 GLU A OE2  1 
ATOM 348  H H    . GLU A 1 30 ? -3.809  1.626   -9.758  1.00 0.48  ? 30 GLU A H    1 
ATOM 349  H HA   . GLU A 1 30 ? -4.800  4.382   -9.608  1.00 0.59  ? 30 GLU A HA   1 
ATOM 350  H HB2  . GLU A 1 30 ? -5.875  2.533   -8.332  1.00 0.67  ? 30 GLU A HB2  1 
ATOM 351  H HB3  . GLU A 1 30 ? -4.390  2.343   -7.399  1.00 0.54  ? 30 GLU A HB3  1 
ATOM 352  H HG2  . GLU A 1 30 ? -4.721  4.285   -6.215  1.00 0.83  ? 30 GLU A HG2  1 
ATOM 353  H HG3  . GLU A 1 30 ? -5.540  5.086   -7.555  1.00 0.73  ? 30 GLU A HG3  1 
ATOM 354  N N    . ARG A 1 31 ? -2.864  5.594   -8.583  1.00 0.49  ? 31 ARG A N    1 
ATOM 355  C CA   . ARG A 1 31 ? -1.650  6.287   -8.067  1.00 0.47  ? 31 ARG A CA   1 
ATOM 356  C C    . ARG A 1 31 ? -1.754  6.432   -6.547  1.00 0.40  ? 31 ARG A C    1 
ATOM 357  O O    . ARG A 1 31 ? -2.793  6.767   -6.016  1.00 0.53  ? 31 ARG A O    1 
ATOM 358  C CB   . ARG A 1 31 ? -1.542  7.674   -8.705  1.00 0.62  ? 31 ARG A CB   1 
ATOM 359  C CG   . ARG A 1 31 ? -0.776  7.571   -10.024 1.00 0.92  ? 31 ARG A CG   1 
ATOM 360  C CD   . ARG A 1 31 ? -0.159  8.929   -10.363 1.00 1.34  ? 31 ARG A CD   1 
ATOM 361  N NE   . ARG A 1 31 ? -0.856  9.509   -11.546 1.00 1.97  ? 31 ARG A NE   1 
ATOM 362  C CZ   . ARG A 1 31 ? -0.582  9.075   -12.747 1.00 2.62  ? 31 ARG A CZ   1 
ATOM 363  N NH1  . ARG A 1 31 ? 0.303   8.130   -12.918 1.00 2.92  ? 31 ARG A NH1  1 
ATOM 364  N NH2  . ARG A 1 31 ? -1.195  9.588   -13.779 1.00 3.49  ? 31 ARG A NH2  1 
ATOM 365  H H    . ARG A 1 31 ? -3.610  6.117   -8.943  1.00 0.64  ? 31 ARG A H    1 
ATOM 366  H HA   . ARG A 1 31 ? -0.772  5.708   -8.313  1.00 0.47  ? 31 ARG A HA   1 
ATOM 367  H HB2  . ARG A 1 31 ? -2.534  8.061   -8.892  1.00 0.77  ? 31 ARG A HB2  1 
ATOM 368  H HB3  . ARG A 1 31 ? -1.016  8.338   -8.035  1.00 0.69  ? 31 ARG A HB3  1 
ATOM 369  H HG2  . ARG A 1 31 ? 0.007   6.832   -9.928  1.00 1.50  ? 31 ARG A HG2  1 
ATOM 370  H HG3  . ARG A 1 31 ? -1.454  7.278   -10.812 1.00 1.36  ? 31 ARG A HG3  1 
ATOM 371  H HD2  . ARG A 1 31 ? -0.267  9.594   -9.519  1.00 1.75  ? 31 ARG A HD2  1 
ATOM 372  H HD3  . ARG A 1 31 ? 0.889   8.800   -10.590 1.00 2.01  ? 31 ARG A HD3  1 
ATOM 373  H HE   . ARG A 1 31 ? -1.521  10.217  -11.421 1.00 2.43  ? 31 ARG A HE   1 
ATOM 374  H HH11 . ARG A 1 31 ? 0.776   7.736   -12.130 1.00 2.72  ? 31 ARG A HH11 1 
ATOM 375  H HH12 . ARG A 1 31 ? 0.511   7.801   -13.840 1.00 3.70  ? 31 ARG A HH12 1 
ATOM 376  H HH21 . ARG A 1 31 ? -1.872  10.311  -13.649 1.00 3.78  ? 31 ARG A HH21 1 
ATOM 377  H HH22 . ARG A 1 31 ? -0.986  9.256   -14.699 1.00 4.10  ? 31 ARG A HH22 1 
ATOM 378  N N    . LEU A 1 32 ? -0.684  6.180   -5.844  1.00 0.36  ? 32 LEU A N    1 
ATOM 379  C CA   . LEU A 1 32 ? -0.723  6.304   -4.360  1.00 0.36  ? 32 LEU A CA   1 
ATOM 380  C C    . LEU A 1 32 ? 0.504   7.082   -3.882  1.00 0.35  ? 32 LEU A C    1 
ATOM 381  O O    . LEU A 1 32 ? 1.627   6.745   -4.201  1.00 0.50  ? 32 LEU A O    1 
ATOM 382  C CB   . LEU A 1 32 ? -0.720  4.910   -3.731  1.00 0.45  ? 32 LEU A CB   1 
ATOM 383  C CG   . LEU A 1 32 ? -2.052  4.217   -4.018  1.00 0.63  ? 32 LEU A CG   1 
ATOM 384  C CD1  . LEU A 1 32 ? -1.802  2.946   -4.832  1.00 0.92  ? 32 LEU A CD1  1 
ATOM 385  C CD2  . LEU A 1 32 ? -2.729  3.849   -2.696  1.00 0.87  ? 32 LEU A CD2  1 
ATOM 386  H H    . LEU A 1 32 ? 0.145   5.911   -6.292  1.00 0.46  ? 32 LEU A H    1 
ATOM 387  H HA   . LEU A 1 32 ? -1.619  6.830   -4.066  1.00 0.40  ? 32 LEU A HA   1 
ATOM 388  H HB2  . LEU A 1 32 ? 0.087   4.328   -4.151  1.00 0.70  ? 32 LEU A HB2  1 
ATOM 389  H HB3  . LEU A 1 32 ? -0.584  4.997   -2.664  1.00 0.68  ? 32 LEU A HB3  1 
ATOM 390  H HG   . LEU A 1 32 ? -2.692  4.884   -4.579  1.00 1.02  ? 32 LEU A HG   1 
ATOM 391  H HD11 . LEU A 1 32 ? -1.130  3.168   -5.648  1.00 1.54  ? 32 LEU A HD11 1 
ATOM 392  H HD12 . LEU A 1 32 ? -1.361  2.192   -4.197  1.00 1.44  ? 32 LEU A HD12 1 
ATOM 393  H HD13 . LEU A 1 32 ? -2.739  2.581   -5.227  1.00 1.35  ? 32 LEU A HD13 1 
ATOM 394  H HD21 . LEU A 1 32 ? -2.009  3.379   -2.041  1.00 1.60  ? 32 LEU A HD21 1 
ATOM 395  H HD22 . LEU A 1 32 ? -3.112  4.742   -2.226  1.00 1.33  ? 32 LEU A HD22 1 
ATOM 396  H HD23 . LEU A 1 32 ? -3.543  3.165   -2.886  1.00 1.20  ? 32 LEU A HD23 1 
ATOM 397  N N    . GLN A 1 33 ? 0.300   8.119   -3.118  1.00 0.29  ? 33 GLN A N    1 
ATOM 398  C CA   . GLN A 1 33 ? 1.457   8.915   -2.622  1.00 0.31  ? 33 GLN A CA   1 
ATOM 399  C C    . GLN A 1 33 ? 2.115   8.180   -1.453  1.00 0.32  ? 33 GLN A C    1 
ATOM 400  O O    . GLN A 1 33 ? 1.638   8.220   -0.336  1.00 0.57  ? 33 GLN A O    1 
ATOM 401  C CB   . GLN A 1 33 ? 0.969   10.288  -2.154  1.00 0.36  ? 33 GLN A CB   1 
ATOM 402  C CG   . GLN A 1 33 ? 2.051   11.333  -2.427  1.00 0.93  ? 33 GLN A CG   1 
ATOM 403  C CD   . GLN A 1 33 ? 1.495   12.730  -2.143  1.00 1.29  ? 33 GLN A CD   1 
ATOM 404  O OE1  . GLN A 1 33 ? 0.610   12.890  -1.327  1.00 2.16  ? 33 GLN A OE1  1 
ATOM 405  N NE2  . GLN A 1 33 ? 1.981   13.755  -2.788  1.00 1.72  ? 33 GLN A NE2  1 
ATOM 406  H H    . GLN A 1 33 ? -0.614  8.375   -2.872  1.00 0.37  ? 33 GLN A H    1 
ATOM 407  H HA   . GLN A 1 33 ? 2.175   9.041   -3.418  1.00 0.35  ? 33 GLN A HA   1 
ATOM 408  H HB2  . GLN A 1 33 ? 0.068   10.551  -2.688  1.00 0.78  ? 33 GLN A HB2  1 
ATOM 409  H HB3  . GLN A 1 33 ? 0.763   10.254  -1.095  1.00 0.80  ? 33 GLN A HB3  1 
ATOM 410  H HG2  . GLN A 1 33 ? 2.901   11.147  -1.787  1.00 1.67  ? 33 GLN A HG2  1 
ATOM 411  H HG3  . GLN A 1 33 ? 2.357   11.273  -3.460  1.00 1.63  ? 33 GLN A HG3  1 
ATOM 412  H HE21 . GLN A 1 33 ? 2.695   13.626  -3.446  1.00 1.94  ? 33 GLN A HE21 1 
ATOM 413  H HE22 . GLN A 1 33 ? 1.631   14.654  -2.614  1.00 2.33  ? 33 GLN A HE22 1 
ATOM 414  N N    . ILE A 1 34 ? 3.206   7.509   -1.700  1.00 0.33  ? 34 ILE A N    1 
ATOM 415  C CA   . ILE A 1 34 ? 3.890   6.772   -0.601  1.00 0.34  ? 34 ILE A CA   1 
ATOM 416  C C    . ILE A 1 34 ? 4.176   7.731   0.555   1.00 0.36  ? 34 ILE A C    1 
ATOM 417  O O    . ILE A 1 34 ? 4.351   8.918   0.363   1.00 0.58  ? 34 ILE A O    1 
ATOM 418  C CB   . ILE A 1 34 ? 5.206   6.186   -1.121  1.00 0.38  ? 34 ILE A CB   1 
ATOM 419  C CG1  . ILE A 1 34 ? 4.908   5.000   -2.039  1.00 0.39  ? 34 ILE A CG1  1 
ATOM 420  C CG2  . ILE A 1 34 ? 6.057   5.711   0.060   1.00 0.46  ? 34 ILE A CG2  1 
ATOM 421  C CD1  . ILE A 1 34 ? 4.037   3.986   -1.296  1.00 0.46  ? 34 ILE A CD1  1 
ATOM 422  H H    . ILE A 1 34 ? 3.574   7.488   -2.608  1.00 0.52  ? 34 ILE A H    1 
ATOM 423  H HA   . ILE A 1 34 ? 3.253   5.972   -0.255  1.00 0.33  ? 34 ILE A HA   1 
ATOM 424  H HB   . ILE A 1 34 ? 5.745   6.945   -1.670  1.00 0.43  ? 34 ILE A HB   1 
ATOM 425  H HG12 . ILE A 1 34 ? 4.387   5.349   -2.920  1.00 0.43  ? 34 ILE A HG12 1 
ATOM 426  H HG13 . ILE A 1 34 ? 5.835   4.530   -2.333  1.00 0.43  ? 34 ILE A HG13 1 
ATOM 427  H HG21 . ILE A 1 34 ? 5.449   5.114   0.725   1.00 1.21  ? 34 ILE A HG21 1 
ATOM 428  H HG22 . ILE A 1 34 ? 6.880   5.115   -0.307  1.00 1.09  ? 34 ILE A HG22 1 
ATOM 429  H HG23 . ILE A 1 34 ? 6.441   6.567   0.595   1.00 1.07  ? 34 ILE A HG23 1 
ATOM 430  H HD11 . ILE A 1 34 ? 4.347   3.935   -0.263  1.00 1.11  ? 34 ILE A HD11 1 
ATOM 431  H HD12 . ILE A 1 34 ? 3.003   4.293   -1.347  1.00 1.06  ? 34 ILE A HD12 1 
ATOM 432  H HD13 . ILE A 1 34 ? 4.146   3.014   -1.753  1.00 1.12  ? 34 ILE A HD13 1 
ATOM 433  N N    . VAL A 1 35 ? 4.227   7.224   1.755   1.00 0.36  ? 35 VAL A N    1 
ATOM 434  C CA   . VAL A 1 35 ? 4.503   8.100   2.928   1.00 0.38  ? 35 VAL A CA   1 
ATOM 435  C C    . VAL A 1 35 ? 5.699   7.546   3.698   1.00 0.41  ? 35 VAL A C    1 
ATOM 436  O O    . VAL A 1 35 ? 6.796   8.065   3.625   1.00 0.51  ? 35 VAL A O    1 
ATOM 437  C CB   . VAL A 1 35 ? 3.279   8.129   3.845   1.00 0.36  ? 35 VAL A CB   1 
ATOM 438  C CG1  . VAL A 1 35 ? 3.553   9.056   5.031   1.00 0.42  ? 35 VAL A CG1  1 
ATOM 439  C CG2  . VAL A 1 35 ? 2.069   8.647   3.064   1.00 0.39  ? 35 VAL A CG2  1 
ATOM 440  H H    . VAL A 1 35 ? 4.084   6.263   1.886   1.00 0.51  ? 35 VAL A H    1 
ATOM 441  H HA   . VAL A 1 35 ? 4.724   9.099   2.589   1.00 0.43  ? 35 VAL A HA   1 
ATOM 442  H HB   . VAL A 1 35 ? 3.077   7.131   4.208   1.00 0.36  ? 35 VAL A HB   1 
ATOM 443  H HG11 . VAL A 1 35 ? 4.412   8.696   5.578   1.00 1.15  ? 35 VAL A HG11 1 
ATOM 444  H HG12 . VAL A 1 35 ? 3.749   10.055  4.669   1.00 0.99  ? 35 VAL A HG12 1 
ATOM 445  H HG13 . VAL A 1 35 ? 2.692   9.071   5.682   1.00 1.12  ? 35 VAL A HG13 1 
ATOM 446  H HG21 . VAL A 1 35 ? 2.340   9.550   2.538   1.00 1.06  ? 35 VAL A HG21 1 
ATOM 447  H HG22 . VAL A 1 35 ? 1.751   7.898   2.354   1.00 1.05  ? 35 VAL A HG22 1 
ATOM 448  H HG23 . VAL A 1 35 ? 1.261   8.857   3.750   1.00 0.98  ? 35 VAL A HG23 1 
ATOM 449  N N    . ASN A 1 36 ? 5.495   6.492   4.432   1.00 0.39  ? 36 ASN A N    1 
ATOM 450  C CA   . ASN A 1 36 ? 6.615   5.891   5.208   1.00 0.47  ? 36 ASN A CA   1 
ATOM 451  C C    . ASN A 1 36 ? 6.973   4.534   4.603   1.00 0.41  ? 36 ASN A C    1 
ATOM 452  O O    . ASN A 1 36 ? 6.190   3.604   4.636   1.00 0.42  ? 36 ASN A O    1 
ATOM 453  C CB   . ASN A 1 36 ? 6.188   5.706   6.665   1.00 0.59  ? 36 ASN A CB   1 
ATOM 454  C CG   . ASN A 1 36 ? 7.266   6.274   7.589   1.00 1.07  ? 36 ASN A CG   1 
ATOM 455  O OD1  . ASN A 1 36 ? 8.378   6.518   7.166   1.00 1.81  ? 36 ASN A OD1  1 
ATOM 456  N ND2  . ASN A 1 36 ? 6.983   6.496   8.843   1.00 1.66  ? 36 ASN A ND2  1 
ATOM 457  H H    . ASN A 1 36 ? 4.602   6.090   4.470   1.00 0.35  ? 36 ASN A H    1 
ATOM 458  H HA   . ASN A 1 36 ? 7.475   6.544   5.163   1.00 0.55  ? 36 ASN A HA   1 
ATOM 459  H HB2  . ASN A 1 36 ? 5.256   6.227   6.836   1.00 0.95  ? 36 ASN A HB2  1 
ATOM 460  H HB3  . ASN A 1 36 ? 6.056   4.654   6.872   1.00 0.89  ? 36 ASN A HB3  1 
ATOM 461  H HD21 . ASN A 1 36 ? 6.086   6.299   9.186   1.00 2.10  ? 36 ASN A HD21 1 
ATOM 462  H HD22 . ASN A 1 36 ? 7.667   6.859   9.445   1.00 2.11  ? 36 ASN A HD22 1 
ATOM 463  N N    . ASN A 1 37 ? 8.145   4.414   4.043   1.00 0.45  ? 37 ASN A N    1 
ATOM 464  C CA   . ASN A 1 37 ? 8.548   3.118   3.431   1.00 0.47  ? 37 ASN A CA   1 
ATOM 465  C C    . ASN A 1 37 ? 9.881   2.661   4.026   1.00 0.54  ? 37 ASN A C    1 
ATOM 466  O O    . ASN A 1 37 ? 10.792  2.285   3.316   1.00 0.77  ? 37 ASN A O    1 
ATOM 467  C CB   . ASN A 1 37 ? 8.700   3.295   1.919   1.00 0.57  ? 37 ASN A CB   1 
ATOM 468  C CG   . ASN A 1 37 ? 9.515   4.557   1.634   1.00 0.93  ? 37 ASN A CG   1 
ATOM 469  O OD1  . ASN A 1 37 ? 9.066   5.655   1.896   1.00 1.74  ? 37 ASN A OD1  1 
ATOM 470  N ND2  . ASN A 1 37 ? 10.702  4.447   1.106   1.00 1.44  ? 37 ASN A ND2  1 
ATOM 471  H H    . ASN A 1 37 ? 8.759   5.178   4.023   1.00 0.51  ? 37 ASN A H    1 
ATOM 472  H HA   . ASN A 1 37 ? 7.791   2.376   3.632   1.00 0.50  ? 37 ASN A HA   1 
ATOM 473  H HB2  . ASN A 1 37 ? 9.207   2.436   1.505   1.00 0.88  ? 37 ASN A HB2  1 
ATOM 474  H HB3  . ASN A 1 37 ? 7.723   3.389   1.468   1.00 0.80  ? 37 ASN A HB3  1 
ATOM 475  H HD21 . ASN A 1 37 ? 11.065  3.561   0.895   1.00 1.96  ? 37 ASN A HD21 1 
ATOM 476  H HD22 . ASN A 1 37 ? 11.233  5.250   0.920   1.00 1.79  ? 37 ASN A HD22 1 
ATOM 477  N N    . THR A 1 38 ? 10.003  2.689   5.324   1.00 0.66  ? 38 THR A N    1 
ATOM 478  C CA   . THR A 1 38 ? 11.277  2.255   5.960   1.00 0.77  ? 38 THR A CA   1 
ATOM 479  C C    . THR A 1 38 ? 10.970  1.287   7.105   1.00 0.97  ? 38 THR A C    1 
ATOM 480  O O    . THR A 1 38 ? 11.831  0.947   7.891   1.00 1.31  ? 38 THR A O    1 
ATOM 481  C CB   . THR A 1 38 ? 12.018  3.478   6.507   1.00 0.91  ? 38 THR A CB   1 
ATOM 482  O OG1  . THR A 1 38 ? 13.261  3.067   7.060   1.00 1.09  ? 38 THR A OG1  1 
ATOM 483  C CG2  . THR A 1 38 ? 11.172  4.149   7.589   1.00 1.16  ? 38 THR A CG2  1 
ATOM 484  H H    . THR A 1 38 ? 9.256   2.995   5.880   1.00 0.86  ? 38 THR A H    1 
ATOM 485  H HA   . THR A 1 38 ? 11.894  1.758   5.226   1.00 0.77  ? 38 THR A HA   1 
ATOM 486  H HB   . THR A 1 38 ? 12.194  4.179   5.706   1.00 0.95  ? 38 THR A HB   1 
ATOM 487  H HG1  . THR A 1 38 ? 13.883  3.792   6.964   1.00 1.49  ? 38 THR A HG1  1 
ATOM 488  H HG21 . THR A 1 38 ? 10.975  3.442   8.382   1.00 1.66  ? 38 THR A HG21 1 
ATOM 489  H HG22 . THR A 1 38 ? 11.707  4.997   7.989   1.00 1.46  ? 38 THR A HG22 1 
ATOM 490  H HG23 . THR A 1 38 ? 10.238  4.479   7.162   1.00 1.68  ? 38 THR A HG23 1 
ATOM 491  N N    . GLU A 1 39 ? 9.749   0.837   7.203   1.00 1.00  ? 39 GLU A N    1 
ATOM 492  C CA   . GLU A 1 39 ? 9.389   -0.110  8.294   1.00 1.26  ? 39 GLU A CA   1 
ATOM 493  C C    . GLU A 1 39 ? 9.637   -1.542  7.822   1.00 0.91  ? 39 GLU A C    1 
ATOM 494  O O    . GLU A 1 39 ? 10.417  -2.273  8.400   1.00 1.43  ? 39 GLU A O    1 
ATOM 495  C CB   . GLU A 1 39 ? 7.912   0.061   8.656   1.00 1.64  ? 39 GLU A CB   1 
ATOM 496  C CG   . GLU A 1 39 ? 7.746   1.287   9.557   1.00 2.26  ? 39 GLU A CG   1 
ATOM 497  C CD   . GLU A 1 39 ? 6.647   1.019   10.587  1.00 2.89  ? 39 GLU A CD   1 
ATOM 498  O OE1  . GLU A 1 39 ? 5.790   0.197   10.310  1.00 3.46  ? 39 GLU A OE1  1 
ATOM 499  O OE2  . GLU A 1 39 ? 6.682   1.642   11.635  1.00 3.38  ? 39 GLU A OE2  1 
ATOM 500  H H    . GLU A 1 39 ? 9.068   1.122   6.556   1.00 1.04  ? 39 GLU A H    1 
ATOM 501  H HA   . GLU A 1 39 ? 9.996   0.092   9.160   1.00 1.64  ? 39 GLU A HA   1 
ATOM 502  H HB2  . GLU A 1 39 ? 7.334   0.196   7.753   1.00 1.68  ? 39 GLU A HB2  1 
ATOM 503  H HB3  . GLU A 1 39 ? 7.564   -0.817  9.178   1.00 1.79  ? 39 GLU A HB3  1 
ATOM 504  H HG2  . GLU A 1 39 ? 8.677   1.486   10.067  1.00 2.70  ? 39 GLU A HG2  1 
ATOM 505  H HG3  . GLU A 1 39 ? 7.473   2.141   8.956   1.00 2.51  ? 39 GLU A HG3  1 
ATOM 506  N N    . GLY A 1 40 ? 8.980   -1.945  6.774   1.00 0.71  ? 40 GLY A N    1 
ATOM 507  C CA   . GLY A 1 40 ? 9.175   -3.329  6.257   1.00 0.57  ? 40 GLY A CA   1 
ATOM 508  C C    . GLY A 1 40 ? 8.720   -3.402  4.799   1.00 0.46  ? 40 GLY A C    1 
ATOM 509  O O    . GLY A 1 40 ? 9.110   -2.597  3.976   1.00 0.61  ? 40 GLY A O    1 
ATOM 510  H H    . GLY A 1 40 ? 8.358   -1.336  6.326   1.00 1.22  ? 40 GLY A H    1 
ATOM 511  H HA2  . GLY A 1 40 ? 10.221  -3.590  6.321   1.00 0.79  ? 40 GLY A HA2  1 
ATOM 512  H HA3  . GLY A 1 40 ? 8.593   -4.019  6.846   1.00 0.70  ? 40 GLY A HA3  1 
ATOM 513  N N    . ASP A 1 41 ? 7.899   -4.362  4.471   1.00 0.38  ? 41 ASP A N    1 
ATOM 514  C CA   . ASP A 1 41 ? 7.423   -4.486  3.064   1.00 0.37  ? 41 ASP A CA   1 
ATOM 515  C C    . ASP A 1 41 ? 6.141   -3.671  2.883   1.00 0.35  ? 41 ASP A C    1 
ATOM 516  O O    . ASP A 1 41 ? 5.704   -3.426  1.777   1.00 0.59  ? 41 ASP A O    1 
ATOM 517  C CB   . ASP A 1 41 ? 7.142   -5.956  2.747   1.00 0.50  ? 41 ASP A CB   1 
ATOM 518  C CG   . ASP A 1 41 ? 8.465   -6.712  2.619   1.00 0.88  ? 41 ASP A CG   1 
ATOM 519  O OD1  . ASP A 1 41 ? 9.056   -7.012  3.643   1.00 1.66  ? 41 ASP A OD1  1 
ATOM 520  O OD2  . ASP A 1 41 ? 8.866   -6.979  1.497   1.00 1.43  ? 41 ASP A OD2  1 
ATOM 521  H H    . ASP A 1 41 ? 7.598   -5.002  5.148   1.00 0.49  ? 41 ASP A H    1 
ATOM 522  H HA   . ASP A 1 41 ? 8.184   -4.114  2.394   1.00 0.38  ? 41 ASP A HA   1 
ATOM 523  H HB2  . ASP A 1 41 ? 6.554   -6.390  3.544   1.00 0.78  ? 41 ASP A HB2  1 
ATOM 524  H HB3  . ASP A 1 41 ? 6.598   -6.026  1.817   1.00 0.82  ? 41 ASP A HB3  1 
ATOM 525  N N    . TRP A 1 42 ? 5.534   -3.249  3.956   1.00 0.26  ? 42 TRP A N    1 
ATOM 526  C CA   . TRP A 1 42 ? 4.282   -2.450  3.833   1.00 0.22  ? 42 TRP A CA   1 
ATOM 527  C C    . TRP A 1 42 ? 4.591   -0.979  4.122   1.00 0.20  ? 42 TRP A C    1 
ATOM 528  O O    . TRP A 1 42 ? 5.325   -0.656  5.033   1.00 0.25  ? 42 TRP A O    1 
ATOM 529  C CB   . TRP A 1 42 ? 3.242   -2.968  4.826   1.00 0.24  ? 42 TRP A CB   1 
ATOM 530  C CG   . TRP A 1 42 ? 2.722   -4.288  4.350   1.00 0.23  ? 42 TRP A CG   1 
ATOM 531  C CD1  . TRP A 1 42 ? 3.430   -5.440  4.333   1.00 0.25  ? 42 TRP A CD1  1 
ATOM 532  C CD2  . TRP A 1 42 ? 1.404   -4.610  3.817   1.00 0.24  ? 42 TRP A CD2  1 
ATOM 533  N NE1  . TRP A 1 42 ? 2.630   -6.451  3.832   1.00 0.26  ? 42 TRP A NE1  1 
ATOM 534  C CE2  . TRP A 1 42 ? 1.372   -5.988  3.497   1.00 0.25  ? 42 TRP A CE2  1 
ATOM 535  C CE3  . TRP A 1 42 ? 0.245   -3.849  3.585   1.00 0.27  ? 42 TRP A CE3  1 
ATOM 536  C CZ2  . TRP A 1 42 ? 0.229   -6.590  2.964   1.00 0.28  ? 42 TRP A CZ2  1 
ATOM 537  C CZ3  . TRP A 1 42 ? -0.906  -4.450  3.049   1.00 0.31  ? 42 TRP A CZ3  1 
ATOM 538  C CH2  . TRP A 1 42 ? -0.913  -5.818  2.739   1.00 0.31  ? 42 TRP A CH2  1 
ATOM 539  H H    . TRP A 1 42 ? 5.899   -3.455  4.842   1.00 0.41  ? 42 TRP A H    1 
ATOM 540  H HA   . TRP A 1 42 ? 3.897   -2.543  2.827   1.00 0.23  ? 42 TRP A HA   1 
ATOM 541  H HB2  . TRP A 1 42 ? 3.699   -3.089  5.797   1.00 0.27  ? 42 TRP A HB2  1 
ATOM 542  H HB3  . TRP A 1 42 ? 2.427   -2.263  4.896   1.00 0.27  ? 42 TRP A HB3  1 
ATOM 543  H HD1  . TRP A 1 42 ? 4.452   -5.553  4.664   1.00 0.27  ? 42 TRP A HD1  1 
ATOM 544  H HE1  . TRP A 1 42 ? 2.904   -7.384  3.719   1.00 0.28  ? 42 TRP A HE1  1 
ATOM 545  H HE3  . TRP A 1 42 ? 0.238   -2.795  3.820   1.00 0.29  ? 42 TRP A HE3  1 
ATOM 546  H HZ2  . TRP A 1 42 ? 0.229   -7.644  2.726   1.00 0.30  ? 42 TRP A HZ2  1 
ATOM 547  H HZ3  . TRP A 1 42 ? -1.790  -3.856  2.875   1.00 0.36  ? 42 TRP A HZ3  1 
ATOM 548  H HH2  . TRP A 1 42 ? -1.801  -6.276  2.326   1.00 0.35  ? 42 TRP A HH2  1 
ATOM 549  N N    . TRP A 1 43 ? 4.043   -0.089  3.341   1.00 0.25  ? 43 TRP A N    1 
ATOM 550  C CA   . TRP A 1 43 ? 4.309   1.362   3.552   1.00 0.26  ? 43 TRP A CA   1 
ATOM 551  C C    . TRP A 1 43 ? 2.983   2.106   3.718   1.00 0.27  ? 43 TRP A C    1 
ATOM 552  O O    . TRP A 1 43 ? 1.934   1.603   3.374   1.00 0.30  ? 43 TRP A O    1 
ATOM 553  C CB   . TRP A 1 43 ? 5.042   1.911   2.329   1.00 0.26  ? 43 TRP A CB   1 
ATOM 554  C CG   . TRP A 1 43 ? 6.195   1.026   1.994   1.00 0.26  ? 43 TRP A CG   1 
ATOM 555  C CD1  . TRP A 1 43 ? 6.948   0.338   2.885   1.00 0.28  ? 43 TRP A CD1  1 
ATOM 556  C CD2  . TRP A 1 43 ? 6.735   0.725   0.684   1.00 0.28  ? 43 TRP A CD2  1 
ATOM 557  N NE1  . TRP A 1 43 ? 7.921   -0.365  2.196   1.00 0.30  ? 43 TRP A NE1  1 
ATOM 558  C CE2  . TRP A 1 43 ? 7.828   -0.158  0.832   1.00 0.30  ? 43 TRP A CE2  1 
ATOM 559  C CE3  . TRP A 1 43 ? 6.379   1.136   -0.605  1.00 0.31  ? 43 TRP A CE3  1 
ATOM 560  C CZ2  . TRP A 1 43 ? 8.545   -0.621  -0.272  1.00 0.33  ? 43 TRP A CZ2  1 
ATOM 561  C CZ3  . TRP A 1 43 ? 7.094   0.675   -1.722  1.00 0.35  ? 43 TRP A CZ3  1 
ATOM 562  C CH2  . TRP A 1 43 ? 8.176   -0.203  -1.556  1.00 0.35  ? 43 TRP A CH2  1 
ATOM 563  H H    . TRP A 1 43 ? 3.462   -0.376  2.607   1.00 0.34  ? 43 TRP A H    1 
ATOM 564  H HA   . TRP A 1 43 ? 4.918   1.499   4.433   1.00 0.27  ? 43 TRP A HA   1 
ATOM 565  H HB2  . TRP A 1 43 ? 4.362   1.942   1.491   1.00 0.26  ? 43 TRP A HB2  1 
ATOM 566  H HB3  . TRP A 1 43 ? 5.401   2.907   2.529   1.00 0.27  ? 43 TRP A HB3  1 
ATOM 567  H HD1  . TRP A 1 43 ? 6.814   0.341   3.955   1.00 0.30  ? 43 TRP A HD1  1 
ATOM 568  H HE1  . TRP A 1 43 ? 8.598   -0.944  2.605   1.00 0.33  ? 43 TRP A HE1  1 
ATOM 569  H HE3  . TRP A 1 43 ? 5.547   1.815   -0.734  1.00 0.32  ? 43 TRP A HE3  1 
ATOM 570  H HZ2  . TRP A 1 43 ? 9.378   -1.295  -0.137  1.00 0.36  ? 43 TRP A HZ2  1 
ATOM 571  H HZ3  . TRP A 1 43 ? 6.807   0.993   -2.713  1.00 0.38  ? 43 TRP A HZ3  1 
ATOM 572  H HH2  . TRP A 1 43 ? 8.724   -0.555  -2.417  1.00 0.39  ? 43 TRP A HH2  1 
ATOM 573  N N    . LEU A 1 44 ? 3.018   3.305   4.230   1.00 0.27  ? 44 LEU A N    1 
ATOM 574  C CA   . LEU A 1 44 ? 1.753   4.072   4.397   1.00 0.30  ? 44 LEU A CA   1 
ATOM 575  C C    . LEU A 1 44 ? 1.506   4.904   3.137   1.00 0.32  ? 44 LEU A C    1 
ATOM 576  O O    . LEU A 1 44 ? 2.269   5.791   2.813   1.00 0.55  ? 44 LEU A O    1 
ATOM 577  C CB   . LEU A 1 44 ? 1.865   4.992   5.614   1.00 0.34  ? 44 LEU A CB   1 
ATOM 578  C CG   . LEU A 1 44 ? 0.495   5.604   5.921   1.00 0.38  ? 44 LEU A CG   1 
ATOM 579  C CD1  . LEU A 1 44 ? -0.453  4.520   6.438   1.00 1.15  ? 44 LEU A CD1  1 
ATOM 580  C CD2  . LEU A 1 44 ? 0.654   6.686   6.991   1.00 0.93  ? 44 LEU A CD2  1 
ATOM 581  H H    . LEU A 1 44 ? 3.875   3.703   4.494   1.00 0.28  ? 44 LEU A H    1 
ATOM 582  H HA   . LEU A 1 44 ? 0.935   3.385   4.538   1.00 0.32  ? 44 LEU A HA   1 
ATOM 583  H HB2  . LEU A 1 44 ? 2.204   4.423   6.467   1.00 0.37  ? 44 LEU A HB2  1 
ATOM 584  H HB3  . LEU A 1 44 ? 2.569   5.782   5.404   1.00 0.35  ? 44 LEU A HB3  1 
ATOM 585  H HG   . LEU A 1 44 ? 0.085   6.040   5.023   1.00 0.69  ? 44 LEU A HG   1 
ATOM 586  H HD11 . LEU A 1 44 ? -0.324  3.620   5.857   1.00 1.68  ? 44 LEU A HD11 1 
ATOM 587  H HD12 . LEU A 1 44 ? -0.234  4.315   7.475   1.00 1.75  ? 44 LEU A HD12 1 
ATOM 588  H HD13 . LEU A 1 44 ? -1.473  4.863   6.347   1.00 1.64  ? 44 LEU A HD13 1 
ATOM 589  H HD21 . LEU A 1 44 ? 1.230   6.293   7.815   1.00 1.55  ? 44 LEU A HD21 1 
ATOM 590  H HD22 . LEU A 1 44 ? 1.163   7.538   6.568   1.00 1.49  ? 44 LEU A HD22 1 
ATOM 591  H HD23 . LEU A 1 44 ? -0.321  6.988   7.344   1.00 1.45  ? 44 LEU A HD23 1 
ATOM 592  N N    . ALA A 1 45 ? 0.455   4.621   2.417   1.00 0.29  ? 45 ALA A N    1 
ATOM 593  C CA   . ALA A 1 45 ? 0.184   5.398   1.176   1.00 0.30  ? 45 ALA A CA   1 
ATOM 594  C C    . ALA A 1 45 ? -0.996  6.345   1.398   1.00 0.27  ? 45 ALA A C    1 
ATOM 595  O O    . ALA A 1 45 ? -1.846  6.115   2.236   1.00 0.36  ? 45 ALA A O    1 
ATOM 596  C CB   . ALA A 1 45 ? -0.146  4.436   0.034   1.00 0.44  ? 45 ALA A CB   1 
ATOM 597  H H    . ALA A 1 45 ? -0.149  3.896   2.687   1.00 0.44  ? 45 ALA A H    1 
ATOM 598  H HA   . ALA A 1 45 ? 1.061   5.973   0.917   1.00 0.33  ? 45 ALA A HA   1 
ATOM 599  H HB1  . ALA A 1 45 ? -0.829  3.678   0.388   1.00 1.10  ? 45 ALA A HB1  1 
ATOM 600  H HB2  . ALA A 1 45 ? -0.603  4.983   -0.777  1.00 1.03  ? 45 ALA A HB2  1 
ATOM 601  H HB3  . ALA A 1 45 ? 0.762   3.968   -0.315  1.00 1.19  ? 45 ALA A HB3  1 
ATOM 602  N N    . HIS A 1 46 ? -1.054  7.408   0.643   1.00 0.29  ? 46 HIS A N    1 
ATOM 603  C CA   . HIS A 1 46 ? -2.174  8.377   0.793   1.00 0.32  ? 46 HIS A CA   1 
ATOM 604  C C    . HIS A 1 46 ? -2.892  8.523   -0.552  1.00 0.37  ? 46 HIS A C    1 
ATOM 605  O O    . HIS A 1 46 ? -2.345  9.042   -1.505  1.00 0.43  ? 46 HIS A O    1 
ATOM 606  C CB   . HIS A 1 46 ? -1.616  9.735   1.233   1.00 0.44  ? 46 HIS A CB   1 
ATOM 607  C CG   . HIS A 1 46 ? -2.659  10.803  1.035   1.00 0.50  ? 46 HIS A CG   1 
ATOM 608  N ND1  . HIS A 1 46 ? -3.646  11.056  1.973   1.00 0.66  ? 46 HIS A ND1  1 
ATOM 609  C CD2  . HIS A 1 46 ? -2.879  11.690  0.010   1.00 0.73  ? 46 HIS A CD2  1 
ATOM 610  C CE1  . HIS A 1 46 ? -4.409  12.058  1.499   1.00 0.71  ? 46 HIS A CE1  1 
ATOM 611  N NE2  . HIS A 1 46 ? -3.985  12.482  0.306   1.00 0.75  ? 46 HIS A NE2  1 
ATOM 612  H H    . HIS A 1 46 ? -0.357  7.568   -0.028  1.00 0.38  ? 46 HIS A H    1 
ATOM 613  H HA   . HIS A 1 46 ? -2.869  8.013   1.535   1.00 0.36  ? 46 HIS A HA   1 
ATOM 614  H HB2  . HIS A 1 46 ? -1.343  9.690   2.276   1.00 0.53  ? 46 HIS A HB2  1 
ATOM 615  H HB3  . HIS A 1 46 ? -0.743  9.972   0.643   1.00 0.50  ? 46 HIS A HB3  1 
ATOM 616  H HD1  . HIS A 1 46 ? -3.768  10.590  2.827   1.00 0.87  ? 46 HIS A HD1  1 
ATOM 617  H HD2  . HIS A 1 46 ? -2.285  11.762  -0.889  1.00 1.00  ? 46 HIS A HD2  1 
ATOM 618  H HE1  . HIS A 1 46 ? -5.260  12.471  2.019   1.00 0.89  ? 46 HIS A HE1  1 
ATOM 619  N N    . SER A 1 47 ? -4.113  8.069   -0.637  1.00 0.48  ? 47 SER A N    1 
ATOM 620  C CA   . SER A 1 47 ? -4.861  8.182   -1.920  1.00 0.62  ? 47 SER A CA   1 
ATOM 621  C C    . SER A 1 47 ? -5.135  9.656   -2.223  1.00 0.71  ? 47 SER A C    1 
ATOM 622  O O    . SER A 1 47 ? -5.635  10.388  -1.392  1.00 0.77  ? 47 SER A O    1 
ATOM 623  C CB   . SER A 1 47 ? -6.187  7.429   -1.805  1.00 0.77  ? 47 SER A CB   1 
ATOM 624  O OG   . SER A 1 47 ? -5.927  6.046   -1.610  1.00 1.16  ? 47 SER A OG   1 
ATOM 625  H H    . SER A 1 47 ? -4.536  7.653   0.142   1.00 0.53  ? 47 SER A H    1 
ATOM 626  H HA   . SER A 1 47 ? -4.272  7.755   -2.718  1.00 0.62  ? 47 SER A HA   1 
ATOM 627  H HB2  . SER A 1 47 ? -6.746  7.806   -0.965  1.00 0.90  ? 47 SER A HB2  1 
ATOM 628  H HB3  . SER A 1 47 ? -6.762  7.574   -2.710  1.00 1.07  ? 47 SER A HB3  1 
ATOM 629  H HG   . SER A 1 47 ? -5.735  5.657   -2.467  1.00 1.48  ? 47 SER A HG   1 
ATOM 630  N N    . LEU A 1 48 ? -4.813  10.098  -3.408  1.00 0.84  ? 48 LEU A N    1 
ATOM 631  C CA   . LEU A 1 48 ? -5.056  11.524  -3.763  1.00 1.00  ? 48 LEU A CA   1 
ATOM 632  C C    . LEU A 1 48 ? -6.453  11.667  -4.368  1.00 1.17  ? 48 LEU A C    1 
ATOM 633  O O    . LEU A 1 48 ? -6.984  12.754  -4.480  1.00 1.35  ? 48 LEU A O    1 
ATOM 634  C CB   . LEU A 1 48 ? -4.009  11.982  -4.780  1.00 1.13  ? 48 LEU A CB   1 
ATOM 635  C CG   . LEU A 1 48 ? -2.622  11.957  -4.133  1.00 1.09  ? 48 LEU A CG   1 
ATOM 636  C CD1  . LEU A 1 48 ? -1.549  12.064  -5.218  1.00 1.31  ? 48 LEU A CD1  1 
ATOM 637  C CD2  . LEU A 1 48 ? -2.490  13.136  -3.167  1.00 1.09  ? 48 LEU A CD2  1 
ATOM 638  H H    . LEU A 1 48 ? -4.411  9.490   -4.064  1.00 0.88  ? 48 LEU A H    1 
ATOM 639  H HA   . LEU A 1 48 ? -4.985  12.133  -2.874  1.00 0.96  ? 48 LEU A HA   1 
ATOM 640  H HB2  . LEU A 1 48 ? -4.020  11.318  -5.632  1.00 1.23  ? 48 LEU A HB2  1 
ATOM 641  H HB3  . LEU A 1 48 ? -4.234  12.987  -5.103  1.00 1.25  ? 48 LEU A HB3  1 
ATOM 642  H HG   . LEU A 1 48 ? -2.495  11.030  -3.592  1.00 1.05  ? 48 LEU A HG   1 
ATOM 643  H HD11 . LEU A 1 48 ? -1.837  12.819  -5.934  1.00 1.60  ? 48 LEU A HD11 1 
ATOM 644  H HD12 . LEU A 1 48 ? -0.607  12.337  -4.766  1.00 1.67  ? 48 LEU A HD12 1 
ATOM 645  H HD13 . LEU A 1 48 ? -1.446  11.113  -5.718  1.00 1.85  ? 48 LEU A HD13 1 
ATOM 646  H HD21 . LEU A 1 48 ? -2.716  14.055  -3.688  1.00 1.48  ? 48 LEU A HD21 1 
ATOM 647  H HD22 . LEU A 1 48 ? -3.181  13.009  -2.347  1.00 1.54  ? 48 LEU A HD22 1 
ATOM 648  H HD23 . LEU A 1 48 ? -1.481  13.177  -2.785  1.00 1.47  ? 48 LEU A HD23 1 
ATOM 649  N N    . THR A 1 49 ? -7.053  10.577  -4.762  1.00 1.35  ? 49 THR A N    1 
ATOM 650  C CA   . THR A 1 49 ? -8.416  10.652  -5.359  1.00 1.57  ? 49 THR A CA   1 
ATOM 651  C C    . THR A 1 49 ? -9.402  11.177  -4.314  1.00 1.55  ? 49 THR A C    1 
ATOM 652  O O    . THR A 1 49 ? -10.113 12.135  -4.543  1.00 1.67  ? 49 THR A O    1 
ATOM 653  C CB   . THR A 1 49 ? -8.851  9.256   -5.815  1.00 1.84  ? 49 THR A CB   1 
ATOM 654  O OG1  . THR A 1 49 ? -7.733  8.566   -6.353  1.00 1.98  ? 49 THR A OG1  1 
ATOM 655  C CG2  . THR A 1 49 ? -9.938  9.382   -6.884  1.00 2.08  ? 49 THR A CG2  1 
ATOM 656  H H    . THR A 1 49 ? -6.608  9.710   -4.663  1.00 1.47  ? 49 THR A H    1 
ATOM 657  H HA   . THR A 1 49 ? -8.402  11.319  -6.208  1.00 1.66  ? 49 THR A HA   1 
ATOM 658  H HB   . THR A 1 49 ? -9.243  8.708   -4.973  1.00 1.93  ? 49 THR A HB   1 
ATOM 659  H HG1  . THR A 1 49 ? -7.418  9.058   -7.116  1.00 2.44  ? 49 THR A HG1  1 
ATOM 660  H HG21 . THR A 1 49 ? -9.569  9.982   -7.704  1.00 2.31  ? 49 THR A HG21 1 
ATOM 661  H HG22 . THR A 1 49 ? -10.202 8.401   -7.247  1.00 2.35  ? 49 THR A HG22 1 
ATOM 662  H HG23 . THR A 1 49 ? -10.810 9.855   -6.456  1.00 2.47  ? 49 THR A HG23 1 
ATOM 663  N N    . THR A 1 50 ? -9.451  10.556  -3.168  1.00 1.55  ? 50 THR A N    1 
ATOM 664  C CA   . THR A 1 50 ? -10.390 11.021  -2.108  1.00 1.66  ? 50 THR A CA   1 
ATOM 665  C C    . THR A 1 50 ? -9.607  11.764  -1.024  1.00 1.43  ? 50 THR A C    1 
ATOM 666  O O    . THR A 1 50 ? -10.093 12.705  -0.428  1.00 1.78  ? 50 THR A O    1 
ATOM 667  C CB   . THR A 1 50 ? -11.099 9.813   -1.490  1.00 1.91  ? 50 THR A CB   1 
ATOM 668  O OG1  . THR A 1 50 ? -10.900 8.675   -2.316  1.00 2.37  ? 50 THR A OG1  1 
ATOM 669  C CG2  . THR A 1 50 ? -12.596 10.105  -1.370  1.00 2.59  ? 50 THR A CG2  1 
ATOM 670  H H    . THR A 1 50 ? -8.870  9.785   -3.003  1.00 1.57  ? 50 THR A H    1 
ATOM 671  H HA   . THR A 1 50 ? -11.123 11.685  -2.543  1.00 1.84  ? 50 THR A HA   1 
ATOM 672  H HB   . THR A 1 50 ? -10.694 9.622   -0.508  1.00 2.15  ? 50 THR A HB   1 
ATOM 673  H HG1  . THR A 1 50 ? -10.999 7.892   -1.770  1.00 2.67  ? 50 THR A HG1  1 
ATOM 674  H HG21 . THR A 1 50 ? -12.917 10.696  -2.214  1.00 3.04  ? 50 THR A HG21 1 
ATOM 675  H HG22 . THR A 1 50 ? -13.143 9.173   -1.354  1.00 3.07  ? 50 THR A HG22 1 
ATOM 676  H HG23 . THR A 1 50 ? -12.785 10.649  -0.456  1.00 2.89  ? 50 THR A HG23 1 
ATOM 677  N N    . GLY A 1 51 ? -8.398  11.348  -0.764  1.00 1.09  ? 51 GLY A N    1 
ATOM 678  C CA   . GLY A 1 51 ? -7.585  12.031  0.283   1.00 0.94  ? 51 GLY A CA   1 
ATOM 679  C C    . GLY A 1 51 ? -7.697  11.262  1.600   1.00 0.77  ? 51 GLY A C    1 
ATOM 680  O O    . GLY A 1 51 ? -8.115  11.795  2.609   1.00 0.95  ? 51 GLY A O    1 
ATOM 681  H H    . GLY A 1 51 ? -8.024  10.589  -1.255  1.00 1.17  ? 51 GLY A H    1 
ATOM 682  H HA2  . GLY A 1 51 ? -6.551  12.064  -0.030  1.00 0.90  ? 51 GLY A HA2  1 
ATOM 683  H HA3  . GLY A 1 51 ? -7.951  13.037  0.425   1.00 1.10  ? 51 GLY A HA3  1 
ATOM 684  N N    . GLN A 1 52 ? -7.326  10.009  1.600   1.00 0.64  ? 52 GLN A N    1 
ATOM 685  C CA   . GLN A 1 52 ? -7.411  9.207   2.853   1.00 0.57  ? 52 GLN A CA   1 
ATOM 686  C C    . GLN A 1 52 ? -6.106  8.433   3.052   1.00 0.47  ? 52 GLN A C    1 
ATOM 687  O O    . GLN A 1 52 ? -5.409  8.120   2.108   1.00 0.54  ? 52 GLN A O    1 
ATOM 688  C CB   . GLN A 1 52 ? -8.576  8.221   2.747   1.00 0.70  ? 52 GLN A CB   1 
ATOM 689  C CG   . GLN A 1 52 ? -9.892  8.948   3.038   1.00 1.00  ? 52 GLN A CG   1 
ATOM 690  C CD   . GLN A 1 52 ? -10.735 8.113   4.003   1.00 1.44  ? 52 GLN A CD   1 
ATOM 691  O OE1  . GLN A 1 52 ? -10.381 7.952   5.155   1.00 2.00  ? 52 GLN A OE1  1 
ATOM 692  N NE2  . GLN A 1 52 ? -11.844 7.571   3.580   1.00 2.14  ? 52 GLN A NE2  1 
ATOM 693  H H    . GLN A 1 52 ? -6.992  9.598   0.776   1.00 0.79  ? 52 GLN A H    1 
ATOM 694  H HA   . GLN A 1 52 ? -7.572  9.866   3.693   1.00 0.66  ? 52 GLN A HA   1 
ATOM 695  H HB2  . GLN A 1 52 ? -8.607  7.805   1.751   1.00 0.86  ? 52 GLN A HB2  1 
ATOM 696  H HB3  . GLN A 1 52 ? -8.442  7.426   3.465   1.00 0.81  ? 52 GLN A HB3  1 
ATOM 697  H HG2  . GLN A 1 52 ? -9.680  9.910   3.483   1.00 1.27  ? 52 GLN A HG2  1 
ATOM 698  H HG3  . GLN A 1 52 ? -10.437 9.090   2.118   1.00 1.38  ? 52 GLN A HG3  1 
ATOM 699  H HE21 . GLN A 1 52 ? -12.131 7.701   2.652   1.00 2.56  ? 52 GLN A HE21 1 
ATOM 700  H HE22 . GLN A 1 52 ? -12.392 7.034   4.190   1.00 2.60  ? 52 GLN A HE22 1 
ATOM 701  N N    . THR A 1 53 ? -5.770  8.122   4.275   1.00 0.48  ? 53 THR A N    1 
ATOM 702  C CA   . THR A 1 53 ? -4.510  7.368   4.531   1.00 0.43  ? 53 THR A CA   1 
ATOM 703  C C    . THR A 1 53 ? -4.817  5.869   4.569   1.00 0.35  ? 53 THR A C    1 
ATOM 704  O O    . THR A 1 53 ? -5.936  5.460   4.807   1.00 0.45  ? 53 THR A O    1 
ATOM 705  C CB   . THR A 1 53 ? -3.918  7.803   5.876   1.00 0.59  ? 53 THR A CB   1 
ATOM 706  O OG1  . THR A 1 53 ? -3.306  9.077   5.729   1.00 0.83  ? 53 THR A OG1  1 
ATOM 707  C CG2  . THR A 1 53 ? -2.873  6.784   6.338   1.00 0.59  ? 53 THR A CG2  1 
ATOM 708  H H    . THR A 1 53 ? -6.346  8.383   5.023   1.00 0.62  ? 53 THR A H    1 
ATOM 709  H HA   . THR A 1 53 ? -3.802  7.570   3.742   1.00 0.46  ? 53 THR A HA   1 
ATOM 710  H HB   . THR A 1 53 ? -4.704  7.865   6.613   1.00 0.77  ? 53 THR A HB   1 
ATOM 711  H HG1  . THR A 1 53 ? -2.701  9.030   4.985   1.00 1.13  ? 53 THR A HG1  1 
ATOM 712  H HG21 . THR A 1 53 ? -2.216  6.543   5.515   1.00 1.28  ? 53 THR A HG21 1 
ATOM 713  H HG22 . THR A 1 53 ? -2.295  7.202   7.150   1.00 1.17  ? 53 THR A HG22 1 
ATOM 714  H HG23 . THR A 1 53 ? -3.370  5.886   6.675   1.00 1.13  ? 53 THR A HG23 1 
ATOM 715  N N    . GLY A 1 54 ? -3.832  5.047   4.339   1.00 0.32  ? 54 GLY A N    1 
ATOM 716  C CA   . GLY A 1 54 ? -4.072  3.578   4.367   1.00 0.38  ? 54 GLY A CA   1 
ATOM 717  C C    . GLY A 1 54 ? -2.797  2.837   3.963   1.00 0.33  ? 54 GLY A C    1 
ATOM 718  O O    . GLY A 1 54 ? -2.297  2.991   2.865   1.00 0.32  ? 54 GLY A O    1 
ATOM 719  H H    . GLY A 1 54 ? -2.935  5.395   4.150   1.00 0.38  ? 54 GLY A H    1 
ATOM 720  H HA2  . GLY A 1 54 ? -4.361  3.282   5.364   1.00 0.47  ? 54 GLY A HA2  1 
ATOM 721  H HA3  . GLY A 1 54 ? -4.863  3.331   3.674   1.00 0.46  ? 54 GLY A HA3  1 
ATOM 722  N N    . TYR A 1 55 ? -2.270  2.027   4.840   1.00 0.34  ? 55 TYR A N    1 
ATOM 723  C CA   . TYR A 1 55 ? -1.041  1.269   4.507   1.00 0.33  ? 55 TYR A CA   1 
ATOM 724  C C    . TYR A 1 55 ? -1.206  0.627   3.128   1.00 0.31  ? 55 TYR A C    1 
ATOM 725  O O    . TYR A 1 55 ? -2.258  0.689   2.524   1.00 0.52  ? 55 TYR A O    1 
ATOM 726  C CB   . TYR A 1 55 ? -0.825  0.180   5.557   1.00 0.41  ? 55 TYR A CB   1 
ATOM 727  C CG   . TYR A 1 55 ? -0.534  0.815   6.897   1.00 0.53  ? 55 TYR A CG   1 
ATOM 728  C CD1  . TYR A 1 55 ? 0.487   1.767   7.018   1.00 1.27  ? 55 TYR A CD1  1 
ATOM 729  C CD2  . TYR A 1 55 ? -1.283  0.448   8.022   1.00 1.42  ? 55 TYR A CD2  1 
ATOM 730  C CE1  . TYR A 1 55 ? 0.757   2.350   8.261   1.00 1.42  ? 55 TYR A CE1  1 
ATOM 731  C CE2  . TYR A 1 55 ? -1.011  1.031   9.266   1.00 1.61  ? 55 TYR A CE2  1 
ATOM 732  C CZ   . TYR A 1 55 ? 0.008   1.983   9.385   1.00 1.12  ? 55 TYR A CZ   1 
ATOM 733  O OH   . TYR A 1 55 ? 0.275   2.558   10.611  1.00 1.45  ? 55 TYR A OH   1 
ATOM 734  H H    . TYR A 1 55 ? -2.686  1.913   5.717   1.00 0.38  ? 55 TYR A H    1 
ATOM 735  H HA   . TYR A 1 55 ? -0.194  1.936   4.497   1.00 0.35  ? 55 TYR A HA   1 
ATOM 736  H HB2  . TYR A 1 55 ? -1.714  -0.427  5.632   1.00 0.49  ? 55 TYR A HB2  1 
ATOM 737  H HB3  . TYR A 1 55 ? 0.006   -0.435  5.265   1.00 0.58  ? 55 TYR A HB3  1 
ATOM 738  H HD1  . TYR A 1 55 ? 1.065   2.053   6.152   1.00 2.09  ? 55 TYR A HD1  1 
ATOM 739  H HD2  . TYR A 1 55 ? -2.070  -0.287  7.931   1.00 2.22  ? 55 TYR A HD2  1 
ATOM 740  H HE1  . TYR A 1 55 ? 1.544   3.085   8.353   1.00 2.22  ? 55 TYR A HE1  1 
ATOM 741  H HE2  . TYR A 1 55 ? -1.589  0.747   10.134  1.00 2.47  ? 55 TYR A HE2  1 
ATOM 742  H HH   . TYR A 1 55 ? 1.167   2.912   10.584  1.00 1.68  ? 55 TYR A HH   1 
ATOM 743  N N    . ILE A 1 56 ? -0.173  0.012   2.623   1.00 0.33  ? 56 ILE A N    1 
ATOM 744  C CA   . ILE A 1 56 ? -0.267  -0.629  1.283   1.00 0.29  ? 56 ILE A CA   1 
ATOM 745  C C    . ILE A 1 56 ? 0.854   -1.661  1.142   1.00 0.25  ? 56 ILE A C    1 
ATOM 746  O O    . ILE A 1 56 ? 1.937   -1.469  1.656   1.00 0.25  ? 56 ILE A O    1 
ATOM 747  C CB   . ILE A 1 56 ? -0.109  0.438   0.199   1.00 0.31  ? 56 ILE A CB   1 
ATOM 748  C CG1  . ILE A 1 56 ? 0.974   1.432   0.623   1.00 0.39  ? 56 ILE A CG1  1 
ATOM 749  C CG2  . ILE A 1 56 ? -1.435  1.178   0.011   1.00 0.38  ? 56 ILE A CG2  1 
ATOM 750  C CD1  . ILE A 1 56 ? 1.865   1.760   -0.576  1.00 0.84  ? 56 ILE A CD1  1 
ATOM 751  H H    . ILE A 1 56 ? 0.666   -0.027  3.125   1.00 0.53  ? 56 ILE A H    1 
ATOM 752  H HA   . ILE A 1 56 ? -1.228  -1.113  1.175   1.00 0.31  ? 56 ILE A HA   1 
ATOM 753  H HB   . ILE A 1 56 ? 0.176   -0.032  -0.730  1.00 0.30  ? 56 ILE A HB   1 
ATOM 754  H HG12 . ILE A 1 56 ? 0.511   2.337   0.988   1.00 0.91  ? 56 ILE A HG12 1 
ATOM 755  H HG13 . ILE A 1 56 ? 1.576   0.994   1.405   1.00 0.77  ? 56 ILE A HG13 1 
ATOM 756  H HG21 . ILE A 1 56 ? -2.245  0.465   -0.013  1.00 1.05  ? 56 ILE A HG21 1 
ATOM 757  H HG22 . ILE A 1 56 ? -1.584  1.864   0.831   1.00 1.11  ? 56 ILE A HG22 1 
ATOM 758  H HG23 . ILE A 1 56 ? -1.412  1.727   -0.918  1.00 1.08  ? 56 ILE A HG23 1 
ATOM 759  H HD11 . ILE A 1 56 ? 1.310   1.605   -1.489  1.00 1.49  ? 56 ILE A HD11 1 
ATOM 760  H HD12 . ILE A 1 56 ? 2.183   2.790   -0.517  1.00 1.48  ? 56 ILE A HD12 1 
ATOM 761  H HD13 . ILE A 1 56 ? 2.731   1.116   -0.569  1.00 1.36  ? 56 ILE A HD13 1 
ATOM 762  N N    . PRO A 1 57 ? 0.567   -2.724  0.437   1.00 0.24  ? 57 PRO A N    1 
ATOM 763  C CA   . PRO A 1 57 ? 1.544   -3.800  0.199   1.00 0.23  ? 57 PRO A CA   1 
ATOM 764  C C    . PRO A 1 57 ? 2.571   -3.352  -0.846  1.00 0.21  ? 57 PRO A C    1 
ATOM 765  O O    . PRO A 1 57 ? 2.243   -3.092  -1.987  1.00 0.23  ? 57 PRO A O    1 
ATOM 766  C CB   . PRO A 1 57 ? 0.685   -4.958  -0.315  1.00 0.25  ? 57 PRO A CB   1 
ATOM 767  C CG   . PRO A 1 57 ? -0.614  -4.327  -0.866  1.00 0.26  ? 57 PRO A CG   1 
ATOM 768  C CD   . PRO A 1 57 ? -0.752  -2.951  -0.188  1.00 0.27  ? 57 PRO A CD   1 
ATOM 769  H HA   . PRO A 1 57 ? 2.032   -4.080  1.118   1.00 0.24  ? 57 PRO A HA   1 
ATOM 770  H HB2  . PRO A 1 57 ? 1.208   -5.486  -1.100  1.00 0.26  ? 57 PRO A HB2  1 
ATOM 771  H HB3  . PRO A 1 57 ? 0.447   -5.632  0.493   1.00 0.28  ? 57 PRO A HB3  1 
ATOM 772  H HG2  . PRO A 1 57 ? -0.542  -4.211  -1.939  1.00 0.26  ? 57 PRO A HG2  1 
ATOM 773  H HG3  . PRO A 1 57 ? -1.461  -4.944  -0.615  1.00 0.30  ? 57 PRO A HG3  1 
ATOM 774  H HD2  . PRO A 1 57 ? -0.963  -2.190  -0.925  1.00 0.28  ? 57 PRO A HD2  1 
ATOM 775  H HD3  . PRO A 1 57 ? -1.524  -2.974  0.568   1.00 0.31  ? 57 PRO A HD3  1 
ATOM 776  N N    . SER A 1 58 ? 3.812   -3.242  -0.455  1.00 0.23  ? 58 SER A N    1 
ATOM 777  C CA   . SER A 1 58 ? 4.867   -2.792  -1.404  1.00 0.25  ? 58 SER A CA   1 
ATOM 778  C C    . SER A 1 58 ? 5.061   -3.824  -2.517  1.00 0.26  ? 58 SER A C    1 
ATOM 779  O O    . SER A 1 58 ? 5.459   -3.491  -3.616  1.00 0.29  ? 58 SER A O    1 
ATOM 780  C CB   . SER A 1 58 ? 6.177   -2.622  -0.642  1.00 0.30  ? 58 SER A CB   1 
ATOM 781  O OG   . SER A 1 58 ? 6.682   -3.901  -0.283  1.00 0.71  ? 58 SER A OG   1 
ATOM 782  H H    . SER A 1 58 ? 4.052   -3.443  0.473   1.00 0.27  ? 58 SER A H    1 
ATOM 783  H HA   . SER A 1 58 ? 4.580   -1.846  -1.837  1.00 0.26  ? 58 SER A HA   1 
ATOM 784  H HB2  . SER A 1 58 ? 6.891   -2.123  -1.266  1.00 0.57  ? 58 SER A HB2  1 
ATOM 785  H HB3  . SER A 1 58 ? 6.002   -2.029  0.245   1.00 0.53  ? 58 SER A HB3  1 
ATOM 786  H HG   . SER A 1 58 ? 7.632   -3.823  -0.168  1.00 0.99  ? 58 SER A HG   1 
ATOM 787  N N    . ASN A 1 59 ? 4.792   -5.070  -2.247  1.00 0.28  ? 59 ASN A N    1 
ATOM 788  C CA   . ASN A 1 59 ? 4.973   -6.107  -3.293  1.00 0.33  ? 59 ASN A CA   1 
ATOM 789  C C    . ASN A 1 59 ? 3.919   -5.915  -4.386  1.00 0.35  ? 59 ASN A C    1 
ATOM 790  O O    . ASN A 1 59 ? 3.983   -6.523  -5.437  1.00 0.46  ? 59 ASN A O    1 
ATOM 791  C CB   . ASN A 1 59 ? 4.799   -7.482  -2.653  1.00 0.41  ? 59 ASN A CB   1 
ATOM 792  C CG   . ASN A 1 59 ? 3.335   -7.665  -2.264  1.00 0.44  ? 59 ASN A CG   1 
ATOM 793  O OD1  . ASN A 1 59 ? 2.647   -6.702  -1.993  1.00 0.51  ? 59 ASN A OD1  1 
ATOM 794  N ND2  . ASN A 1 59 ? 2.827   -8.867  -2.216  1.00 0.77  ? 59 ASN A ND2  1 
ATOM 795  H H    . ASN A 1 59 ? 4.473   -5.327  -1.359  1.00 0.29  ? 59 ASN A H    1 
ATOM 796  H HA   . ASN A 1 59 ? 5.961   -6.027  -3.719  1.00 0.35  ? 59 ASN A HA   1 
ATOM 797  H HB2  . ASN A 1 59 ? 5.087   -8.245  -3.355  1.00 0.51  ? 59 ASN A HB2  1 
ATOM 798  H HB3  . ASN A 1 59 ? 5.416   -7.550  -1.770  1.00 0.51  ? 59 ASN A HB3  1 
ATOM 799  H HD21 . ASN A 1 59 ? 3.387   -9.644  -2.421  1.00 1.02  ? 59 ASN A HD21 1 
ATOM 800  H HD22 . ASN A 1 59 ? 1.883   -8.990  -1.985  1.00 0.86  ? 59 ASN A HD22 1 
ATOM 801  N N    . TYR A 1 60 ? 2.946   -5.082  -4.142  1.00 0.33  ? 60 TYR A N    1 
ATOM 802  C CA   . TYR A 1 60 ? 1.881   -4.857  -5.160  1.00 0.35  ? 60 TYR A CA   1 
ATOM 803  C C    . TYR A 1 60 ? 2.087   -3.499  -5.835  1.00 0.38  ? 60 TYR A C    1 
ATOM 804  O O    . TYR A 1 60 ? 1.478   -3.199  -6.843  1.00 0.57  ? 60 TYR A O    1 
ATOM 805  C CB   . TYR A 1 60 ? 0.514   -4.874  -4.470  1.00 0.34  ? 60 TYR A CB   1 
ATOM 806  C CG   . TYR A 1 60 ? 0.023   -6.297  -4.333  1.00 0.29  ? 60 TYR A CG   1 
ATOM 807  C CD1  . TYR A 1 60 ? 0.928   -7.368  -4.369  1.00 1.11  ? 60 TYR A CD1  1 
ATOM 808  C CD2  . TYR A 1 60 ? -1.343  -6.546  -4.153  1.00 1.16  ? 60 TYR A CD2  1 
ATOM 809  C CE1  . TYR A 1 60 ? 0.468   -8.681  -4.226  1.00 1.13  ? 60 TYR A CE1  1 
ATOM 810  C CE2  . TYR A 1 60 ? -1.803  -7.859  -4.014  1.00 1.16  ? 60 TYR A CE2  1 
ATOM 811  C CZ   . TYR A 1 60 ? -0.899  -8.927  -4.051  1.00 0.34  ? 60 TYR A CZ   1 
ATOM 812  O OH   . TYR A 1 60 ? -1.356  -10.221 -3.910  1.00 0.41  ? 60 TYR A OH   1 
ATOM 813  H H    . TYR A 1 60 ? 2.911   -4.608  -3.285  1.00 0.37  ? 60 TYR A H    1 
ATOM 814  H HA   . TYR A 1 60 ? 1.920   -5.639  -5.903  1.00 0.39  ? 60 TYR A HA   1 
ATOM 815  H HB2  . TYR A 1 60 ? 0.605   -4.431  -3.489  1.00 0.39  ? 60 TYR A HB2  1 
ATOM 816  H HB3  . TYR A 1 60 ? -0.192  -4.305  -5.055  1.00 0.37  ? 60 TYR A HB3  1 
ATOM 817  H HD1  . TYR A 1 60 ? 1.980   -7.183  -4.513  1.00 1.93  ? 60 TYR A HD1  1 
ATOM 818  H HD2  . TYR A 1 60 ? -2.041  -5.722  -4.127  1.00 2.00  ? 60 TYR A HD2  1 
ATOM 819  H HE1  . TYR A 1 60 ? 1.167   -9.504  -4.250  1.00 1.96  ? 60 TYR A HE1  1 
ATOM 820  H HE2  . TYR A 1 60 ? -2.857  -8.049  -3.880  1.00 1.99  ? 60 TYR A HE2  1 
ATOM 821  H HH   . TYR A 1 60 ? -1.612  -10.347 -2.993  1.00 1.03  ? 60 TYR A HH   1 
ATOM 822  N N    . VAL A 1 61 ? 2.939   -2.672  -5.288  1.00 0.28  ? 61 VAL A N    1 
ATOM 823  C CA   . VAL A 1 61 ? 3.172   -1.334  -5.905  1.00 0.30  ? 61 VAL A CA   1 
ATOM 824  C C    . VAL A 1 61 ? 4.607   -1.247  -6.416  1.00 0.34  ? 61 VAL A C    1 
ATOM 825  O O    . VAL A 1 61 ? 5.453   -2.054  -6.084  1.00 0.50  ? 61 VAL A O    1 
ATOM 826  C CB   . VAL A 1 61 ? 2.928   -0.232  -4.870  1.00 0.30  ? 61 VAL A CB   1 
ATOM 827  C CG1  . VAL A 1 61 ? 3.625   -0.589  -3.554  1.00 0.55  ? 61 VAL A CG1  1 
ATOM 828  C CG2  . VAL A 1 61 ? 3.480   1.099   -5.383  1.00 0.50  ? 61 VAL A CG2  1 
ATOM 829  H H    . VAL A 1 61 ? 3.420   -2.928  -4.474  1.00 0.32  ? 61 VAL A H    1 
ATOM 830  H HA   . VAL A 1 61 ? 2.492   -1.202  -6.734  1.00 0.40  ? 61 VAL A HA   1 
ATOM 831  H HB   . VAL A 1 61 ? 1.870   -0.137  -4.702  1.00 0.53  ? 61 VAL A HB   1 
ATOM 832  H HG11 . VAL A 1 61 ? 3.285   -1.556  -3.217  1.00 1.22  ? 61 VAL A HG11 1 
ATOM 833  H HG12 . VAL A 1 61 ? 4.695   -0.614  -3.708  1.00 1.06  ? 61 VAL A HG12 1 
ATOM 834  H HG13 . VAL A 1 61 ? 3.388   0.157   -2.809  1.00 1.25  ? 61 VAL A HG13 1 
ATOM 835  H HG21 . VAL A 1 61 ? 3.041   1.326   -6.343  1.00 1.18  ? 61 VAL A HG21 1 
ATOM 836  H HG22 . VAL A 1 61 ? 3.233   1.883   -4.681  1.00 1.23  ? 61 VAL A HG22 1 
ATOM 837  H HG23 . VAL A 1 61 ? 4.553   1.031   -5.483  1.00 1.03  ? 61 VAL A HG23 1 
ATOM 838  N N    . ALA A 1 62 ? 4.883   -0.265  -7.222  1.00 0.37  ? 62 ALA A N    1 
ATOM 839  C CA   . ALA A 1 62 ? 6.260   -0.105  -7.766  1.00 0.40  ? 62 ALA A CA   1 
ATOM 840  C C    . ALA A 1 62 ? 6.570   1.385   -7.934  1.00 0.38  ? 62 ALA A C    1 
ATOM 841  O O    . ALA A 1 62 ? 5.674   2.184   -8.131  1.00 0.50  ? 62 ALA A O    1 
ATOM 842  C CB   . ALA A 1 62 ? 6.357   -0.804  -9.124  1.00 0.63  ? 62 ALA A CB   1 
ATOM 843  H H    . ALA A 1 62 ? 4.179   0.371   -7.470  1.00 0.48  ? 62 ALA A H    1 
ATOM 844  H HA   . ALA A 1 62 ? 6.971   -0.546  -7.082  1.00 0.45  ? 62 ALA A HA   1 
ATOM 845  H HB1  . ALA A 1 62 ? 5.597   -0.415  -9.784  1.00 1.24  ? 62 ALA A HB1  1 
ATOM 846  H HB2  . ALA A 1 62 ? 7.332   -0.625  -9.552  1.00 1.10  ? 62 ALA A HB2  1 
ATOM 847  H HB3  . ALA A 1 62 ? 6.210   -1.867  -8.993  1.00 1.14  ? 62 ALA A HB3  1 
ATOM 848  N N    . PRO A 1 63 ? 7.833   1.714   -7.848  1.00 0.39  ? 63 PRO A N    1 
ATOM 849  C CA   . PRO A 1 63 ? 8.302   3.105   -7.985  1.00 0.47  ? 63 PRO A CA   1 
ATOM 850  C C    . PRO A 1 63 ? 8.328   3.517   -9.459  1.00 0.55  ? 63 PRO A C    1 
ATOM 851  O O    . PRO A 1 63 ? 9.040   2.946   -10.261 1.00 0.81  ? 63 PRO A O    1 
ATOM 852  C CB   . PRO A 1 63 ? 9.716   3.066   -7.403  1.00 0.62  ? 63 PRO A CB   1 
ATOM 853  C CG   . PRO A 1 63 ? 10.184  1.593   -7.492  1.00 0.69  ? 63 PRO A CG   1 
ATOM 854  C CD   . PRO A 1 63 ? 8.911   0.733   -7.610  1.00 0.55  ? 63 PRO A CD   1 
ATOM 855  H HA   . PRO A 1 63 ? 7.683   3.775   -7.411  1.00 0.55  ? 63 PRO A HA   1 
ATOM 856  H HB2  . PRO A 1 63 ? 10.371  3.704   -7.981  1.00 0.67  ? 63 PRO A HB2  1 
ATOM 857  H HB3  . PRO A 1 63 ? 9.703   3.380   -6.372  1.00 0.74  ? 63 PRO A HB3  1 
ATOM 858  H HG2  . PRO A 1 63 ? 10.808  1.456   -8.365  1.00 0.77  ? 63 PRO A HG2  1 
ATOM 859  H HG3  . PRO A 1 63 ? 10.726  1.320   -6.602  1.00 0.86  ? 63 PRO A HG3  1 
ATOM 860  H HD2  . PRO A 1 63 ? 8.994   0.048   -8.443  1.00 0.63  ? 63 PRO A HD2  1 
ATOM 861  H HD3  . PRO A 1 63 ? 8.729   0.196   -6.692  1.00 0.60  ? 63 PRO A HD3  1 
ATOM 862  N N    . SER A 1 64 ? 7.557   4.506   -9.822  1.00 0.68  ? 64 SER A N    1 
ATOM 863  C CA   . SER A 1 64 ? 7.539   4.954   -11.242 1.00 0.85  ? 64 SER A CA   1 
ATOM 864  C C    . SER A 1 64 ? 8.456   6.168   -11.404 1.00 1.30  ? 64 SER A C    1 
ATOM 865  O O    . SER A 1 64 ? 9.331   6.115   -12.253 1.00 1.99  ? 64 SER A O    1 
ATOM 866  C CB   . SER A 1 64 ? 6.113   5.336   -11.638 1.00 1.63  ? 64 SER A CB   1 
ATOM 867  O OG   . SER A 1 64 ? 6.155   6.236   -12.737 1.00 2.05  ? 64 SER A OG   1 
ATOM 868  O OXT  . SER A 1 64 ? 8.268   7.129   -10.677 1.00 2.06  ? 64 SER A OXT  1 
ATOM 869  H H    . SER A 1 64 ? 6.991   4.953   -9.160  1.00 0.87  ? 64 SER A H    1 
ATOM 870  H HA   . SER A 1 64 ? 7.887   4.152   -11.877 1.00 1.53  ? 64 SER A HA   1 
ATOM 871  H HB2  . SER A 1 64 ? 5.568   4.452   -11.926 1.00 2.23  ? 64 SER A HB2  1 
ATOM 872  H HB3  . SER A 1 64 ? 5.619   5.802   -10.795 1.00 2.22  ? 64 SER A HB3  1 
ATOM 873  H HG   . SER A 1 64 ? 6.333   5.727   -13.531 1.00 2.47  ? 64 SER A HG   1 
ATOM 874  N N    . ALA B 2 1  ? 0.798   -11.174 -9.541  1.00 0.78  ? 71 ALA B N    1 
ATOM 875  C CA   . ALA B 2 1  ? 0.970   -10.541 -8.203  1.00 0.72  ? 71 ALA B CA   1 
ATOM 876  C C    . ALA B 2 1  ? 1.290   -11.621 -7.162  1.00 0.58  ? 71 ALA B C    1 
ATOM 877  O O    . ALA B 2 1  ? 0.736   -12.701 -7.203  1.00 0.60  ? 71 ALA B O    1 
ATOM 878  C CB   . ALA B 2 1  ? -0.322  -9.825  -7.809  1.00 0.87  ? 71 ALA B CB   1 
ATOM 879  H H1   . ALA B 2 1  ? 1.646   -11.726 -9.776  1.00 1.19  ? 71 ALA B H1   1 
ATOM 880  H H2   . ALA B 2 1  ? -0.032  -11.802 -9.522  1.00 1.21  ? 71 ALA B H2   1 
ATOM 881  H H3   . ALA B 2 1  ? 0.659   -10.435 -10.259 1.00 1.29  ? 71 ALA B H3   1 
ATOM 882  H HA   . ALA B 2 1  ? 1.778   -9.825  -8.244  1.00 0.76  ? 71 ALA B HA   1 
ATOM 883  H HB1  . ALA B 2 1  ? -0.615  -9.150  -8.600  1.00 1.35  ? 71 ALA B HB1  1 
ATOM 884  H HB2  . ALA B 2 1  ? -1.103  -10.553 -7.647  1.00 1.33  ? 71 ALA B HB2  1 
ATOM 885  H HB3  . ALA B 2 1  ? -0.158  -9.265  -6.899  1.00 1.38  ? 71 ALA B HB3  1 
ATOM 886  N N    . PRO B 2 2  ? 2.177   -11.292 -6.256  1.00 0.56  ? 72 PRO B N    1 
ATOM 887  C CA   . PRO B 2 2  ? 2.596   -12.209 -5.181  1.00 0.57  ? 72 PRO B CA   1 
ATOM 888  C C    . PRO B 2 2  ? 1.535   -12.255 -4.077  1.00 0.53  ? 72 PRO B C    1 
ATOM 889  O O    . PRO B 2 2  ? 0.578   -11.508 -4.105  1.00 0.49  ? 72 PRO B O    1 
ATOM 890  C CB   . PRO B 2 2  ? 3.897   -11.586 -4.668  1.00 0.71  ? 72 PRO B CB   1 
ATOM 891  C CG   . PRO B 2 2  ? 3.857   -10.093 -5.070  1.00 0.75  ? 72 PRO B CG   1 
ATOM 892  C CD   . PRO B 2 2  ? 2.842   -9.974  -6.219  1.00 0.68  ? 72 PRO B CD   1 
ATOM 893  H HA   . PRO B 2 2  ? 2.787   -13.195 -5.569  1.00 0.63  ? 72 PRO B HA   1 
ATOM 894  H HB2  . PRO B 2 2  ? 3.955   -11.683 -3.593  1.00 0.76  ? 72 PRO B HB2  1 
ATOM 895  H HB3  . PRO B 2 2  ? 4.746   -12.063 -5.131  1.00 0.80  ? 72 PRO B HB3  1 
ATOM 896  H HG2  . PRO B 2 2  ? 3.540   -9.491  -4.232  1.00 0.79  ? 72 PRO B HG2  1 
ATOM 897  H HG3  . PRO B 2 2  ? 4.830   -9.773  -5.409  1.00 0.88  ? 72 PRO B HG3  1 
ATOM 898  H HD2  . PRO B 2 2  ? 2.127   -9.191  -6.010  1.00 0.75  ? 72 PRO B HD2  1 
ATOM 899  H HD3  . PRO B 2 2  ? 3.349   -9.787  -7.153  1.00 0.72  ? 72 PRO B HD3  1 
ATOM 900  N N    . PRO B 2 3  ? 1.741   -13.135 -3.132  1.00 0.59  ? 73 PRO B N    1 
ATOM 901  C CA   . PRO B 2 3  ? 0.822   -13.308 -1.993  1.00 0.60  ? 73 PRO B CA   1 
ATOM 902  C C    . PRO B 2 3  ? 0.996   -12.164 -0.989  1.00 0.53  ? 73 PRO B C    1 
ATOM 903  O O    . PRO B 2 3  ? 2.095   -11.712 -0.734  1.00 0.67  ? 73 PRO B O    1 
ATOM 904  C CB   . PRO B 2 3  ? 1.250   -14.647 -1.385  1.00 0.73  ? 73 PRO B CB   1 
ATOM 905  C CG   . PRO B 2 3  ? 2.708   -14.885 -1.841  1.00 0.77  ? 73 PRO B CG   1 
ATOM 906  C CD   . PRO B 2 3  ? 2.912   -14.037 -3.111  1.00 0.70  ? 73 PRO B CD   1 
ATOM 907  H HA   . PRO B 2 3  ? -0.199  -13.366 -2.332  1.00 0.61  ? 73 PRO B HA   1 
ATOM 908  H HB2  . PRO B 2 3  ? 1.197   -14.597 -0.306  1.00 0.76  ? 73 PRO B HB2  1 
ATOM 909  H HB3  . PRO B 2 3  ? 0.619   -15.440 -1.753  1.00 0.79  ? 73 PRO B HB3  1 
ATOM 910  H HG2  . PRO B 2 3  ? 3.394   -14.570 -1.067  1.00 0.78  ? 73 PRO B HG2  1 
ATOM 911  H HG3  . PRO B 2 3  ? 2.861   -15.927 -2.071  1.00 0.87  ? 73 PRO B HG3  1 
ATOM 912  H HD2  . PRO B 2 3  ? 3.829   -13.470 -3.046  1.00 0.70  ? 73 PRO B HD2  1 
ATOM 913  H HD3  . PRO B 2 3  ? 2.913   -14.664 -3.989  1.00 0.76  ? 73 PRO B HD3  1 
ATOM 914  N N    . LEU B 2 4  ? -0.080  -11.689 -0.422  1.00 0.44  ? 74 LEU B N    1 
ATOM 915  C CA   . LEU B 2 4  ? 0.027   -10.572 0.559   1.00 0.38  ? 74 LEU B CA   1 
ATOM 916  C C    . LEU B 2 4  ? 1.134   -10.891 1.574   1.00 0.42  ? 74 LEU B C    1 
ATOM 917  O O    . LEU B 2 4  ? 1.094   -11.918 2.222   1.00 0.53  ? 74 LEU B O    1 
ATOM 918  C CB   . LEU B 2 4  ? -1.305  -10.410 1.294   1.00 0.42  ? 74 LEU B CB   1 
ATOM 919  C CG   . LEU B 2 4  ? -2.323  -9.744  0.368   1.00 0.42  ? 74 LEU B CG   1 
ATOM 920  C CD1  . LEU B 2 4  ? -3.647  -9.561  1.113   1.00 0.61  ? 74 LEU B CD1  1 
ATOM 921  C CD2  . LEU B 2 4  ? -1.797  -8.377  -0.077  1.00 0.59  ? 74 LEU B CD2  1 
ATOM 922  H H    . LEU B 2 4  ? -0.958  -12.064 -0.645  1.00 0.51  ? 74 LEU B H    1 
ATOM 923  H HA   . LEU B 2 4  ? 0.259   -9.661  0.033   1.00 0.39  ? 74 LEU B HA   1 
ATOM 924  H HB2  . LEU B 2 4  ? -1.671  -11.381 1.594   1.00 0.53  ? 74 LEU B HB2  1 
ATOM 925  H HB3  . LEU B 2 4  ? -1.159  -9.793  2.169   1.00 0.50  ? 74 LEU B HB3  1 
ATOM 926  H HG   . LEU B 2 4  ? -2.483  -10.369 -0.498  1.00 0.54  ? 74 LEU B HG   1 
ATOM 927  H HD11 . LEU B 2 4  ? -3.484  -8.955  1.991   1.00 1.25  ? 74 LEU B HD11 1 
ATOM 928  H HD12 . LEU B 2 4  ? -4.360  -9.073  0.464   1.00 1.04  ? 74 LEU B HD12 1 
ATOM 929  H HD13 . LEU B 2 4  ? -4.030  -10.526 1.408   1.00 1.27  ? 74 LEU B HD13 1 
ATOM 930  H HD21 . LEU B 2 4  ? -0.840  -8.191  0.386   1.00 1.23  ? 74 LEU B HD21 1 
ATOM 931  H HD22 . LEU B 2 4  ? -1.686  -8.367  -1.153  1.00 1.26  ? 74 LEU B HD22 1 
ATOM 932  H HD23 . LEU B 2 4  ? -2.496  -7.608  0.219   1.00 1.13  ? 74 LEU B HD23 1 
ATOM 933  N N    . PRO B 2 5  ? 2.093   -10.003 1.681   1.00 0.43  ? 75 PRO B N    1 
ATOM 934  C CA   . PRO B 2 5  ? 3.225   -10.167 2.610   1.00 0.52  ? 75 PRO B CA   1 
ATOM 935  C C    . PRO B 2 5  ? 2.806   -9.798  4.038   1.00 0.43  ? 75 PRO B C    1 
ATOM 936  O O    . PRO B 2 5  ? 1.723   -9.291  4.253   1.00 0.34  ? 75 PRO B O    1 
ATOM 937  C CB   . PRO B 2 5  ? 4.269   -9.182  2.079   1.00 0.65  ? 75 PRO B CB   1 
ATOM 938  C CG   . PRO B 2 5  ? 3.495   -8.124  1.258   1.00 0.62  ? 75 PRO B CG   1 
ATOM 939  C CD   . PRO B 2 5  ? 2.139   -8.756  0.891   1.00 0.49  ? 75 PRO B CD   1 
ATOM 940  H HA   . PRO B 2 5  ? 3.612   -11.172 2.572   1.00 0.66  ? 75 PRO B HA   1 
ATOM 941  H HB2  . PRO B 2 5  ? 4.787   -8.711  2.904   1.00 0.66  ? 75 PRO B HB2  1 
ATOM 942  H HB3  . PRO B 2 5  ? 4.973   -9.693  1.441   1.00 0.81  ? 75 PRO B HB3  1 
ATOM 943  H HG2  . PRO B 2 5  ? 3.343   -7.234  1.852   1.00 0.60  ? 75 PRO B HG2  1 
ATOM 944  H HG3  . PRO B 2 5  ? 4.039   -7.882  0.358   1.00 0.78  ? 75 PRO B HG3  1 
ATOM 945  H HD2  . PRO B 2 5  ? 1.328   -8.098  1.170   1.00 0.46  ? 75 PRO B HD2  1 
ATOM 946  H HD3  . PRO B 2 5  ? 2.098   -8.983  -0.163  1.00 0.58  ? 75 PRO B HD3  1 
ATOM 947  N N    . PRO B 2 6  ? 3.686   -10.059 4.969   1.00 0.55  ? 76 PRO B N    1 
ATOM 948  C CA   . PRO B 2 6  ? 3.450   -9.760  6.393   1.00 0.56  ? 76 PRO B CA   1 
ATOM 949  C C    . PRO B 2 6  ? 3.615   -8.260  6.649   1.00 0.50  ? 76 PRO B C    1 
ATOM 950  O O    . PRO B 2 6  ? 4.629   -7.674  6.323   1.00 0.60  ? 76 PRO B O    1 
ATOM 951  C CB   . PRO B 2 6  ? 4.533   -10.566 7.115   1.00 0.77  ? 76 PRO B CB   1 
ATOM 952  C CG   . PRO B 2 6  ? 5.652   -10.819 6.076   1.00 0.88  ? 76 PRO B CG   1 
ATOM 953  C CD   . PRO B 2 6  ? 5.000   -10.673 4.688   1.00 0.76  ? 76 PRO B CD   1 
ATOM 954  H HA   . PRO B 2 6  ? 2.472   -10.096 6.698   1.00 0.57  ? 76 PRO B HA   1 
ATOM 955  H HB2  . PRO B 2 6  ? 4.919   -10.000 7.951   1.00 0.79  ? 76 PRO B HB2  1 
ATOM 956  H HB3  . PRO B 2 6  ? 4.133   -11.508 7.453   1.00 0.87  ? 76 PRO B HB3  1 
ATOM 957  H HG2  . PRO B 2 6  ? 6.441   -10.089 6.197   1.00 0.92  ? 76 PRO B HG2  1 
ATOM 958  H HG3  . PRO B 2 6  ? 6.047   -11.816 6.190   1.00 1.04  ? 76 PRO B HG3  1 
ATOM 959  H HD2  . PRO B 2 6  ? 5.595   -10.028 4.056   1.00 0.79  ? 76 PRO B HD2  1 
ATOM 960  H HD3  . PRO B 2 6  ? 4.867   -11.639 4.228   1.00 0.85  ? 76 PRO B HD3  1 
ATOM 961  N N    . ARG B 2 7  ? 2.625   -7.631  7.218   1.00 0.55  ? 77 ARG B N    1 
ATOM 962  C CA   . ARG B 2 7  ? 2.727   -6.168  7.479   1.00 0.63  ? 77 ARG B CA   1 
ATOM 963  C C    . ARG B 2 7  ? 4.020   -5.862  8.232   1.00 0.65  ? 77 ARG B C    1 
ATOM 964  O O    . ARG B 2 7  ? 4.193   -6.252  9.370   1.00 0.88  ? 77 ARG B O    1 
ATOM 965  C CB   . ARG B 2 7  ? 1.537   -5.704  8.312   1.00 0.75  ? 77 ARG B CB   1 
ATOM 966  C CG   . ARG B 2 7  ? 0.241   -5.938  7.532   1.00 0.98  ? 77 ARG B CG   1 
ATOM 967  C CD   . ARG B 2 7  ? -0.841  -6.460  8.480   1.00 1.13  ? 77 ARG B CD   1 
ATOM 968  N NE   . ARG B 2 7  ? -1.431  -5.318  9.234   1.00 1.47  ? 77 ARG B NE   1 
ATOM 969  C CZ   . ARG B 2 7  ? -2.282  -4.517  8.652   1.00 1.37  ? 77 ARG B CZ   1 
ATOM 970  N NH1  . ARG B 2 7  ? -2.622  -4.712  7.406   1.00 1.44  ? 77 ARG B NH1  1 
ATOM 971  N NH2  . ARG B 2 7  ? -2.794  -3.518  9.318   1.00 2.14  ? 77 ARG B NH2  1 
ATOM 972  H H    . ARG B 2 7  ? 1.811   -8.119  7.466   1.00 0.66  ? 77 ARG B H    1 
ATOM 973  H HA   . ARG B 2 7  ? 2.729   -5.640  6.538   1.00 0.72  ? 77 ARG B HA   1 
ATOM 974  H HB2  . ARG B 2 7  ? 1.507   -6.257  9.240   1.00 0.82  ? 77 ARG B HB2  1 
ATOM 975  H HB3  . ARG B 2 7  ? 1.643   -4.650  8.522   1.00 0.90  ? 77 ARG B HB3  1 
ATOM 976  H HG2  . ARG B 2 7  ? -0.085  -5.009  7.089   1.00 1.63  ? 77 ARG B HG2  1 
ATOM 977  H HG3  . ARG B 2 7  ? 0.416   -6.666  6.754   1.00 1.42  ? 77 ARG B HG3  1 
ATOM 978  H HD2  . ARG B 2 7  ? -1.614  -6.952  7.908   1.00 1.61  ? 77 ARG B HD2  1 
ATOM 979  H HD3  . ARG B 2 7  ? -0.403  -7.163  9.174   1.00 1.82  ? 77 ARG B HD3  1 
ATOM 980  H HE   . ARG B 2 7  ? -1.180  -5.170  10.170  1.00 2.27  ? 77 ARG B HE   1 
ATOM 981  H HH11 . ARG B 2 7  ? -2.232  -5.477  6.893   1.00 1.65  ? 77 ARG B HH11 1 
ATOM 982  H HH12 . ARG B 2 7  ? -3.274  -4.095  6.964   1.00 1.94  ? 77 ARG B HH12 1 
ATOM 983  H HH21 . ARG B 2 7  ? -2.535  -3.368  10.271  1.00 2.85  ? 77 ARG B HH21 1 
ATOM 984  H HH22 . ARG B 2 7  ? -3.446  -2.903  8.873   1.00 2.28  ? 77 ARG B HH22 1 
ATOM 985  N N    . ASN B 2 8  ? 4.915   -5.152  7.594   1.00 0.84  ? 78 ASN B N    1 
ATOM 986  C CA   . ASN B 2 8  ? 6.220   -4.779  8.228   1.00 0.92  ? 78 ASN B CA   1 
ATOM 987  C C    . ASN B 2 8  ? 6.643   -5.830  9.259   1.00 1.35  ? 78 ASN B C    1 
ATOM 988  O O    . ASN B 2 8  ? 7.295   -6.803  8.938   1.00 2.06  ? 78 ASN B O    1 
ATOM 989  C CB   . ASN B 2 8  ? 6.080   -3.420  8.916   1.00 1.17  ? 78 ASN B CB   1 
ATOM 990  C CG   . ASN B 2 8  ? 7.345   -3.126  9.727   1.00 1.37  ? 78 ASN B CG   1 
ATOM 991  O OD1  . ASN B 2 8  ? 7.324   -2.325  10.639  1.00 1.94  ? 78 ASN B OD1  1 
ATOM 992  N ND2  . ASN B 2 8  ? 8.456   -3.747  9.429   1.00 1.66  ? 78 ASN B ND2  1 
ATOM 993  H H    . ASN B 2 8  ? 4.721   -4.851  6.683   1.00 1.11  ? 78 ASN B H    1 
ATOM 994  H HA   . ASN B 2 8  ? 6.977   -4.711  7.463   1.00 1.02  ? 78 ASN B HA   1 
ATOM 995  H HB2  . ASN B 2 8  ? 5.944   -2.651  8.169   1.00 1.27  ? 78 ASN B HB2  1 
ATOM 996  H HB3  . ASN B 2 8  ? 5.228   -3.435  9.578   1.00 1.49  ? 78 ASN B HB3  1 
ATOM 997  H HD21 . ASN B 2 8  ? 8.474   -4.392  8.693   1.00 2.16  ? 78 ASN B HD21 1 
ATOM 998  H HD22 . ASN B 2 8  ? 9.270   -3.566  9.943   1.00 1.79  ? 78 ASN B HD22 1 
ATOM 999  N N    . ARG B 2 9  ? 6.276   -5.636  10.497  1.00 1.78  ? 79 ARG B N    1 
ATOM 1000 C CA   . ARG B 2 9  ? 6.655   -6.614  11.554  1.00 2.40  ? 79 ARG B CA   1 
ATOM 1001 C C    . ARG B 2 9  ? 5.388   -7.237  12.148  1.00 3.22  ? 79 ARG B C    1 
ATOM 1002 O O    . ARG B 2 9  ? 4.301   -6.727  11.957  1.00 3.86  ? 79 ARG B O    1 
ATOM 1003 C CB   . ARG B 2 9  ? 7.432   -5.894  12.658  1.00 3.15  ? 79 ARG B CB   1 
ATOM 1004 C CG   . ARG B 2 9  ? 6.900   -4.466  12.813  1.00 3.71  ? 79 ARG B CG   1 
ATOM 1005 C CD   . ARG B 2 9  ? 7.072   -4.015  14.265  1.00 4.52  ? 79 ARG B CD   1 
ATOM 1006 N NE   . ARG B 2 9  ? 6.092   -2.933  14.570  1.00 5.19  ? 79 ARG B NE   1 
ATOM 1007 C CZ   . ARG B 2 9  ? 5.771   -2.667  15.810  1.00 5.83  ? 79 ARG B CZ   1 
ATOM 1008 N NH1  . ARG B 2 9  ? 6.312   -3.340  16.789  1.00 5.94  ? 79 ARG B NH1  1 
ATOM 1009 N NH2  . ARG B 2 9  ? 4.911   -1.721  16.069  1.00 6.68  ? 79 ARG B NH2  1 
ATOM 1010 H H    . ARG B 2 9  ? 5.752   -4.843  10.733  1.00 2.15  ? 79 ARG B H    1 
ATOM 1011 H HA   . ARG B 2 9  ? 7.272   -7.389  11.125  1.00 2.41  ? 79 ARG B HA   1 
ATOM 1012 H HB2  . ARG B 2 9  ? 7.311   -6.426  13.590  1.00 3.53  ? 79 ARG B HB2  1 
ATOM 1013 H HB3  . ARG B 2 9  ? 8.479   -5.858  12.397  1.00 3.59  ? 79 ARG B HB3  1 
ATOM 1014 H HG2  . ARG B 2 9  ? 7.450   -3.804  12.160  1.00 3.96  ? 79 ARG B HG2  1 
ATOM 1015 H HG3  . ARG B 2 9  ? 5.853   -4.442  12.553  1.00 3.92  ? 79 ARG B HG3  1 
ATOM 1016 H HD2  . ARG B 2 9  ? 6.901   -4.853  14.923  1.00 4.79  ? 79 ARG B HD2  1 
ATOM 1017 H HD3  . ARG B 2 9  ? 8.077   -3.643  14.409  1.00 4.84  ? 79 ARG B HD3  1 
ATOM 1018 H HE   . ARG B 2 9  ? 5.686   -2.422  13.840  1.00 5.43  ? 79 ARG B HE   1 
ATOM 1019 H HH11 . ARG B 2 9  ? 6.974   -4.063  16.596  1.00 5.52  ? 79 ARG B HH11 1 
ATOM 1020 H HH12 . ARG B 2 9  ? 6.062   -3.133  17.736  1.00 6.65  ? 79 ARG B HH12 1 
ATOM 1021 H HH21 . ARG B 2 9  ? 4.498   -1.201  15.320  1.00 6.86  ? 79 ARG B HH21 1 
ATOM 1022 H HH22 . ARG B 2 9  ? 4.664   -1.515  17.016  1.00 7.31  ? 79 ARG B HH22 1 
ATOM 1023 N N    . PRO B 2 10 ? 5.567   -8.324  12.853  1.00 3.67  ? 80 PRO B N    1 
ATOM 1024 C CA   . PRO B 2 10 ? 4.455   -9.046  13.495  1.00 4.80  ? 80 PRO B CA   1 
ATOM 1025 C C    . PRO B 2 10 ? 4.012   -8.321  14.768  1.00 5.38  ? 80 PRO B C    1 
ATOM 1026 O O    . PRO B 2 10 ? 4.635   -8.437  15.802  1.00 5.44  ? 80 PRO B O    1 
ATOM 1027 C CB   . PRO B 2 10 ? 5.057   -10.416 13.821  1.00 5.31  ? 80 PRO B CB   1 
ATOM 1028 C CG   . PRO B 2 10 ? 6.590   -10.218 13.872  1.00 4.72  ? 80 PRO B CG   1 
ATOM 1029 C CD   . PRO B 2 10 ? 6.894   -8.933  13.078  1.00 3.61  ? 80 PRO B CD   1 
ATOM 1030 H HA   . PRO B 2 10 ? 3.629   -9.159  12.812  1.00 5.14  ? 80 PRO B HA   1 
ATOM 1031 H HB2  . PRO B 2 10 ? 4.691   -10.761 14.779  1.00 6.03  ? 80 PRO B HB2  1 
ATOM 1032 H HB3  . PRO B 2 10 ? 4.807   -11.126 13.048  1.00 5.63  ? 80 PRO B HB3  1 
ATOM 1033 H HG2  . PRO B 2 10 ? 6.916   -10.109 14.898  1.00 5.02  ? 80 PRO B HG2  1 
ATOM 1034 H HG3  . PRO B 2 10 ? 7.088   -11.058 13.412  1.00 5.08  ? 80 PRO B HG3  1 
ATOM 1035 H HD2  . PRO B 2 10 ? 7.525   -8.274  13.657  1.00 3.54  ? 80 PRO B HD2  1 
ATOM 1036 H HD3  . PRO B 2 10 ? 7.359   -9.173  12.133  1.00 3.35  ? 80 PRO B HD3  1 
ATOM 1037 N N    . ARG B 2 11 ? 2.940   -7.574  14.687  1.00 6.09  ? 81 ARG B N    1 
ATOM 1038 C CA   . ARG B 2 11 ? 2.423   -6.821  15.874  1.00 6.92  ? 81 ARG B CA   1 
ATOM 1039 C C    . ARG B 2 11 ? 3.587   -6.283  16.720  1.00 7.70  ? 81 ARG B C    1 
ATOM 1040 O O    . ARG B 2 11 ? 4.024   -5.165  16.539  1.00 8.21  ? 81 ARG B O    1 
ATOM 1041 C CB   . ARG B 2 11 ? 1.509   -7.714  16.740  1.00 7.26  ? 81 ARG B CB   1 
ATOM 1042 C CG   . ARG B 2 11 ? 1.220   -9.052  16.045  1.00 7.62  ? 81 ARG B CG   1 
ATOM 1043 C CD   . ARG B 2 11 ? 2.177   -10.121 16.578  1.00 8.01  ? 81 ARG B CD   1 
ATOM 1044 N NE   . ARG B 2 11 ? 2.016   -10.233 18.055  1.00 8.84  ? 81 ARG B NE   1 
ATOM 1045 C CZ   . ARG B 2 11 ? 2.945   -10.800 18.777  1.00 9.40  ? 81 ARG B CZ   1 
ATOM 1046 N NH1  . ARG B 2 11 ? 4.023   -11.271 18.208  1.00 9.27  ? 81 ARG B NH1  1 
ATOM 1047 N NH2  . ARG B 2 11 ? 2.796   -10.893 20.070  1.00 10.29 ? 81 ARG B NH2  1 
ATOM 1048 H H    . ARG B 2 11 ? 2.466   -7.506  13.832  1.00 6.23  ? 81 ARG B H    1 
ATOM 1049 H HA   . ARG B 2 11 ? 1.844   -5.979  15.518  1.00 7.05  ? 81 ARG B HA   1 
ATOM 1050 H HB2  . ARG B 2 11 ? 1.981   -7.901  17.690  1.00 7.29  ? 81 ARG B HB2  1 
ATOM 1051 H HB3  . ARG B 2 11 ? 0.574   -7.199  16.909  1.00 7.57  ? 81 ARG B HB3  1 
ATOM 1052 H HG2  . ARG B 2 11 ? 0.201   -9.349  16.254  1.00 7.91  ? 81 ARG B HG2  1 
ATOM 1053 H HG3  . ARG B 2 11 ? 1.350   -8.952  14.979  1.00 7.63  ? 81 ARG B HG3  1 
ATOM 1054 H HD2  . ARG B 2 11 ? 1.948   -11.071 16.117  1.00 7.98  ? 81 ARG B HD2  1 
ATOM 1055 H HD3  . ARG B 2 11 ? 3.193   -9.843  16.346  1.00 8.02  ? 81 ARG B HD3  1 
ATOM 1056 H HE   . ARG B 2 11 ? 1.210   -9.879  18.487  1.00 9.12  ? 81 ARG B HE   1 
ATOM 1057 H HH11 . ARG B 2 11 ? 4.140   -11.198 17.219  1.00 8.73  ? 81 ARG B HH11 1 
ATOM 1058 H HH12 . ARG B 2 11 ? 4.731   -11.706 18.765  1.00 9.86  ? 81 ARG B HH12 1 
ATOM 1059 H HH21 . ARG B 2 11 ? 1.972   -10.532 20.505  1.00 10.55 ? 81 ARG B HH21 1 
ATOM 1060 H HH22 . ARG B 2 11 ? 3.505   -11.328 20.624  1.00 10.83 ? 81 ARG B HH22 1 
ATOM 1061 N N    . LEU B 2 12 ? 4.098   -7.059  17.642  1.00 8.08  ? 82 LEU B N    1 
ATOM 1062 C CA   . LEU B 2 12 ? 5.227   -6.570  18.482  1.00 9.08  ? 82 LEU B CA   1 
ATOM 1063 C C    . LEU B 2 12 ? 6.512   -7.300  18.087  1.00 9.59  ? 82 LEU B C    1 
ATOM 1064 O O    . LEU B 2 12 ? 7.359   -6.676  17.470  1.00 9.78  ? 82 LEU B O    1 
ATOM 1065 C CB   . LEU B 2 12 ? 4.921   -6.838  19.957  1.00 9.54  ? 82 LEU B CB   1 
ATOM 1066 C CG   . LEU B 2 12 ? 3.414   -6.734  20.195  1.00 10.15 ? 82 LEU B CG   1 
ATOM 1067 C CD1  . LEU B 2 12 ? 3.095   -7.122  21.640  1.00 10.71 ? 82 LEU B CD1  1 
ATOM 1068 C CD2  . LEU B 2 12 ? 2.956   -5.295  19.941  1.00 10.60 ? 82 LEU B CD2  1 
ATOM 1069 O OXT  . LEU B 2 12 ? 6.627   -8.471  18.408  1.00 10.00 ? 82 LEU B OXT  1 
ATOM 1070 H H    . LEU B 2 12 ? 3.744   -7.960  17.780  1.00 7.88  ? 82 LEU B H    1 
ATOM 1071 H HA   . LEU B 2 12 ? 5.356   -5.509  18.328  1.00 9.35  ? 82 LEU B HA   1 
ATOM 1072 H HB2  . LEU B 2 12 ? 5.260   -7.830  20.220  1.00 9.38  ? 82 LEU B HB2  1 
ATOM 1073 H HB3  . LEU B 2 12 ? 5.431   -6.109  20.569  1.00 9.86  ? 82 LEU B HB3  1 
ATOM 1074 H HG   . LEU B 2 12 ? 2.896   -7.401  19.521  1.00 10.11 ? 82 LEU B HG   1 
ATOM 1075 H HD11 . LEU B 2 12 ? 3.627   -8.027  21.895  1.00 10.94 ? 82 LEU B HD11 1 
ATOM 1076 H HD12 . LEU B 2 12 ? 3.403   -6.326  22.302  1.00 11.05 ? 82 LEU B HD12 1 
ATOM 1077 H HD13 . LEU B 2 12 ? 2.034   -7.286  21.743  1.00 10.75 ? 82 LEU B HD13 1 
ATOM 1078 H HD21 . LEU B 2 12 ? 3.812   -4.636  19.961  1.00 10.79 ? 82 LEU B HD21 1 
ATOM 1079 H HD22 . LEU B 2 12 ? 2.477   -5.235  18.975  1.00 10.84 ? 82 LEU B HD22 1 
ATOM 1080 H HD23 . LEU B 2 12 ? 2.256   -4.999  20.709  1.00 10.69 ? 82 LEU B HD23 1 
# 
